data_1ORK
# 
_entry.id   1ORK 
# 
_audit_conform.dict_name       mmcif_pdbx.dic 
_audit_conform.dict_version    5.392 
_audit_conform.dict_location   http://mmcif.pdb.org/dictionaries/ascii/mmcif_pdbx.dic 
# 
loop_
_database_2.database_id 
_database_2.database_code 
_database_2.pdbx_database_accession 
_database_2.pdbx_DOI 
PDB   1ORK         pdb_00001ork 10.2210/pdb1ork/pdb 
WWPDB D_1000175499 ?            ?                   
# 
loop_
_pdbx_audit_revision_history.ordinal 
_pdbx_audit_revision_history.data_content_type 
_pdbx_audit_revision_history.major_revision 
_pdbx_audit_revision_history.minor_revision 
_pdbx_audit_revision_history.revision_date 
1 'Structure model' 1 0 1999-06-15 
2 'Structure model' 1 1 2008-03-24 
3 'Structure model' 1 2 2011-07-13 
4 'Structure model' 1 3 2023-08-09 
5 'Structure model' 1 4 2024-05-22 
# 
_pdbx_audit_revision_details.ordinal             1 
_pdbx_audit_revision_details.revision_ordinal    1 
_pdbx_audit_revision_details.data_content_type   'Structure model' 
_pdbx_audit_revision_details.provider            repository 
_pdbx_audit_revision_details.type                'Initial release' 
_pdbx_audit_revision_details.description         ? 
_pdbx_audit_revision_details.details             ? 
# 
loop_
_pdbx_audit_revision_group.ordinal 
_pdbx_audit_revision_group.revision_ordinal 
_pdbx_audit_revision_group.data_content_type 
_pdbx_audit_revision_group.group 
1 2 'Structure model' 'Version format compliance' 
2 3 'Structure model' 'Derived calculations'      
3 3 'Structure model' 'Version format compliance' 
4 4 'Structure model' 'Data collection'           
5 4 'Structure model' 'Database references'       
6 4 'Structure model' 'Derived calculations'      
7 4 'Structure model' Other                       
8 4 'Structure model' 'Refinement description'    
9 5 'Structure model' 'Data collection'           
# 
loop_
_pdbx_audit_revision_category.ordinal 
_pdbx_audit_revision_category.revision_ordinal 
_pdbx_audit_revision_category.data_content_type 
_pdbx_audit_revision_category.category 
1 4 'Structure model' database_2                    
2 4 'Structure model' diffrn_source                 
3 4 'Structure model' pdbx_database_status          
4 4 'Structure model' pdbx_initial_refinement_model 
5 4 'Structure model' pdbx_struct_conn_angle        
6 4 'Structure model' struct_conn                   
7 4 'Structure model' struct_site                   
8 5 'Structure model' chem_comp_atom                
9 5 'Structure model' chem_comp_bond                
# 
loop_
_pdbx_audit_revision_item.ordinal 
_pdbx_audit_revision_item.revision_ordinal 
_pdbx_audit_revision_item.data_content_type 
_pdbx_audit_revision_item.item 
1  4 'Structure model' '_database_2.pdbx_DOI'                        
2  4 'Structure model' '_database_2.pdbx_database_accession'         
3  4 'Structure model' '_diffrn_source.pdbx_synchrotron_site'        
4  4 'Structure model' '_pdbx_database_status.process_site'          
5  4 'Structure model' '_pdbx_struct_conn_angle.ptnr1_auth_comp_id'  
6  4 'Structure model' '_pdbx_struct_conn_angle.ptnr1_auth_seq_id'   
7  4 'Structure model' '_pdbx_struct_conn_angle.ptnr1_label_asym_id' 
8  4 'Structure model' '_pdbx_struct_conn_angle.ptnr1_label_atom_id' 
9  4 'Structure model' '_pdbx_struct_conn_angle.ptnr1_label_comp_id' 
10 4 'Structure model' '_pdbx_struct_conn_angle.ptnr1_label_seq_id'  
11 4 'Structure model' '_pdbx_struct_conn_angle.ptnr3_auth_comp_id'  
12 4 'Structure model' '_pdbx_struct_conn_angle.ptnr3_auth_seq_id'   
13 4 'Structure model' '_pdbx_struct_conn_angle.ptnr3_label_asym_id' 
14 4 'Structure model' '_pdbx_struct_conn_angle.ptnr3_label_atom_id' 
15 4 'Structure model' '_pdbx_struct_conn_angle.ptnr3_label_comp_id' 
16 4 'Structure model' '_pdbx_struct_conn_angle.ptnr3_label_seq_id'  
17 4 'Structure model' '_pdbx_struct_conn_angle.value'               
18 4 'Structure model' '_struct_conn.pdbx_dist_value'                
19 4 'Structure model' '_struct_conn.ptnr1_auth_comp_id'             
20 4 'Structure model' '_struct_conn.ptnr1_auth_seq_id'              
21 4 'Structure model' '_struct_conn.ptnr1_label_asym_id'            
22 4 'Structure model' '_struct_conn.ptnr1_label_atom_id'            
23 4 'Structure model' '_struct_conn.ptnr1_label_comp_id'            
24 4 'Structure model' '_struct_conn.ptnr1_label_seq_id'             
25 4 'Structure model' '_struct_conn.ptnr2_auth_comp_id'             
26 4 'Structure model' '_struct_conn.ptnr2_auth_seq_id'              
27 4 'Structure model' '_struct_conn.ptnr2_label_asym_id'            
28 4 'Structure model' '_struct_conn.ptnr2_label_atom_id'            
29 4 'Structure model' '_struct_conn.ptnr2_label_comp_id'            
30 4 'Structure model' '_struct_conn.ptnr2_label_seq_id'             
31 4 'Structure model' '_struct_site.pdbx_auth_asym_id'              
32 4 'Structure model' '_struct_site.pdbx_auth_comp_id'              
33 4 'Structure model' '_struct_site.pdbx_auth_seq_id'               
# 
_pdbx_database_status.status_code                     REL 
_pdbx_database_status.entry_id                        1ORK 
_pdbx_database_status.recvd_initial_deposition_date   1998-05-21 
_pdbx_database_status.deposit_site                    ? 
_pdbx_database_status.process_site                    BNL 
_pdbx_database_status.SG_entry                        . 
_pdbx_database_status.pdb_format_compatible           Y 
_pdbx_database_status.status_code_mr                  ? 
_pdbx_database_status.status_code_sf                  ? 
_pdbx_database_status.status_code_cs                  ? 
_pdbx_database_status.status_code_nmr_data            ? 
_pdbx_database_status.methods_development_category    ? 
# 
loop_
_audit_author.name 
_audit_author.pdbx_ordinal 
'Orth, P.'         1 
'Schnappinger, D.' 2 
'Sum, P.-E.'       3 
'Ellestad, G.A.'   4 
'Hillen, W.'       5 
'Saenger, W.'      6 
'Hinrichs, W.'     7 
# 
loop_
_citation.id 
_citation.title 
_citation.journal_abbrev 
_citation.journal_volume 
_citation.page_first 
_citation.page_last 
_citation.year 
_citation.journal_id_ASTM 
_citation.country 
_citation.journal_id_ISSN 
_citation.journal_id_CSD 
_citation.book_publisher 
_citation.pdbx_database_id_PubMed 
_citation.pdbx_database_id_DOI 
primary 
;Crystal structure of the tet repressor in complex with a novel tetracycline, 9-(N,N-dimethylglycylamido)- 6-demethyl-6-deoxy-tetracycline.
;
J.Mol.Biol. 285 455 461 1999 JMOBAK UK 0022-2836 0070 ? 9878420 10.1006/jmbi.1998.2290 
1       'Conformational Changes of the Tet Repressor Induced by Tetracycline Trapping' J.Mol.Biol. 279 439 ?   1998 JMOBAK UK 
0022-2836 0070 ? ?       ?                      
2       'The Complex Formed between Tet Repressor and Tetracycline-Mg2+ Reveals Mechanism of Antibiotic Resistance' J.Mol.Biol. 
247 260 ?   1995 JMOBAK UK 0022-2836 0070 ? ?       ?                      
3       'Structure of the Tet Repressor-Tetracycline Complex and Regulation of Antibiotic Resistance' Science     264 418 ?   1994 
SCIEAS US 0036-8075 0038 ? ?       ?                      
# 
loop_
_citation_author.citation_id 
_citation_author.name 
_citation_author.ordinal 
_citation_author.identifier_ORCID 
primary 'Orth, P.'         1  ? 
primary 'Schnappinger, D.' 2  ? 
primary 'Sum, P.E.'        3  ? 
primary 'Ellestad, G.A.'   4  ? 
primary 'Hillen, W.'       5  ? 
primary 'Saenger, W.'      6  ? 
primary 'Hinrichs, W.'     7  ? 
1       'Orth, P.'         8  ? 
1       'Cordes, F.'       9  ? 
1       'Schnappinger, D.' 10 ? 
1       'Hillen, W.'       11 ? 
1       'Saenger, W.'      12 ? 
1       'Hinrichs, W.'     13 ? 
2       'Kisker, C.'       14 ? 
2       'Hinrichs, W.'     15 ? 
2       'Tovar, K.'        16 ? 
2       'Hillen, W.'       17 ? 
2       'Saenger, W.'      18 ? 
3       'Hinrichs, W.'     19 ? 
3       'Kisker, C.'       20 ? 
3       'Duvel, M.'        21 ? 
3       'Muller, A.'       22 ? 
3       'Tovar, K.'        23 ? 
3       'Hillen, W.'       24 ? 
3       'Saenger, W.'      25 ? 
# 
loop_
_entity.id 
_entity.type 
_entity.src_method 
_entity.pdbx_description 
_entity.formula_weight 
_entity.pdbx_number_of_molecules 
_entity.pdbx_ec 
_entity.pdbx_mutation 
_entity.pdbx_fragment 
_entity.details 
1 polymer     man 'TETRACYCLINE REPRESSOR'                                      23288.334 1  ? S2A ? ? 
2 non-polymer syn 'MAGNESIUM ION'                                               24.305    1  ? ?   ? ? 
3 non-polymer syn '9-(N,N-DIMETHYLGLYCYLAMIDO)-6-DEOXY-6-DEMETHYL-TETRACYCLINE' 514.528   1  ? ?   ? ? 
4 water       nat water                                                         18.015    27 ? ?   ? ? 
# 
_entity_name_com.entity_id   1 
_entity_name_com.name        'TET REPRESSOR, CLASS D' 
# 
_entity_poly.entity_id                      1 
_entity_poly.type                           'polypeptide(L)' 
_entity_poly.nstd_linkage                   no 
_entity_poly.nstd_monomer                   no 
_entity_poly.pdbx_seq_one_letter_code       
;SRLNRESVIDAALELLNETGIDGLTTRKLAQKLGIEQPTLYWHVKNKRALLDALAVEILARHHDYSLPAAGESWQSFLRN
NAMSFRRALLRYRDGAKVHLGTRPDEKQYDTVETQLRFMTENGFSLRDGLYAISAVSHFTLGAVLEQQEHTAALTDRPAA
PDENLPPLLREALQIMDSDDGEQAFLHGLESLIRGFEVQLTALLQIV
;
_entity_poly.pdbx_seq_one_letter_code_can   
;SRLNRESVIDAALELLNETGIDGLTTRKLAQKLGIEQPTLYWHVKNKRALLDALAVEILARHHDYSLPAAGESWQSFLRN
NAMSFRRALLRYRDGAKVHLGTRPDEKQYDTVETQLRFMTENGFSLRDGLYAISAVSHFTLGAVLEQQEHTAALTDRPAA
PDENLPPLLREALQIMDSDDGEQAFLHGLESLIRGFEVQLTALLQIV
;
_entity_poly.pdbx_strand_id                 A 
_entity_poly.pdbx_target_identifier         ? 
# 
loop_
_pdbx_entity_nonpoly.entity_id 
_pdbx_entity_nonpoly.name 
_pdbx_entity_nonpoly.comp_id 
2 'MAGNESIUM ION'                                               MG  
3 '9-(N,N-DIMETHYLGLYCYLAMIDO)-6-DEOXY-6-DEMETHYL-TETRACYCLINE' ATC 
4 water                                                         HOH 
# 
loop_
_entity_poly_seq.entity_id 
_entity_poly_seq.num 
_entity_poly_seq.mon_id 
_entity_poly_seq.hetero 
1 1   SER n 
1 2   ARG n 
1 3   LEU n 
1 4   ASN n 
1 5   ARG n 
1 6   GLU n 
1 7   SER n 
1 8   VAL n 
1 9   ILE n 
1 10  ASP n 
1 11  ALA n 
1 12  ALA n 
1 13  LEU n 
1 14  GLU n 
1 15  LEU n 
1 16  LEU n 
1 17  ASN n 
1 18  GLU n 
1 19  THR n 
1 20  GLY n 
1 21  ILE n 
1 22  ASP n 
1 23  GLY n 
1 24  LEU n 
1 25  THR n 
1 26  THR n 
1 27  ARG n 
1 28  LYS n 
1 29  LEU n 
1 30  ALA n 
1 31  GLN n 
1 32  LYS n 
1 33  LEU n 
1 34  GLY n 
1 35  ILE n 
1 36  GLU n 
1 37  GLN n 
1 38  PRO n 
1 39  THR n 
1 40  LEU n 
1 41  TYR n 
1 42  TRP n 
1 43  HIS n 
1 44  VAL n 
1 45  LYS n 
1 46  ASN n 
1 47  LYS n 
1 48  ARG n 
1 49  ALA n 
1 50  LEU n 
1 51  LEU n 
1 52  ASP n 
1 53  ALA n 
1 54  LEU n 
1 55  ALA n 
1 56  VAL n 
1 57  GLU n 
1 58  ILE n 
1 59  LEU n 
1 60  ALA n 
1 61  ARG n 
1 62  HIS n 
1 63  HIS n 
1 64  ASP n 
1 65  TYR n 
1 66  SER n 
1 67  LEU n 
1 68  PRO n 
1 69  ALA n 
1 70  ALA n 
1 71  GLY n 
1 72  GLU n 
1 73  SER n 
1 74  TRP n 
1 75  GLN n 
1 76  SER n 
1 77  PHE n 
1 78  LEU n 
1 79  ARG n 
1 80  ASN n 
1 81  ASN n 
1 82  ALA n 
1 83  MET n 
1 84  SER n 
1 85  PHE n 
1 86  ARG n 
1 87  ARG n 
1 88  ALA n 
1 89  LEU n 
1 90  LEU n 
1 91  ARG n 
1 92  TYR n 
1 93  ARG n 
1 94  ASP n 
1 95  GLY n 
1 96  ALA n 
1 97  LYS n 
1 98  VAL n 
1 99  HIS n 
1 100 LEU n 
1 101 GLY n 
1 102 THR n 
1 103 ARG n 
1 104 PRO n 
1 105 ASP n 
1 106 GLU n 
1 107 LYS n 
1 108 GLN n 
1 109 TYR n 
1 110 ASP n 
1 111 THR n 
1 112 VAL n 
1 113 GLU n 
1 114 THR n 
1 115 GLN n 
1 116 LEU n 
1 117 ARG n 
1 118 PHE n 
1 119 MET n 
1 120 THR n 
1 121 GLU n 
1 122 ASN n 
1 123 GLY n 
1 124 PHE n 
1 125 SER n 
1 126 LEU n 
1 127 ARG n 
1 128 ASP n 
1 129 GLY n 
1 130 LEU n 
1 131 TYR n 
1 132 ALA n 
1 133 ILE n 
1 134 SER n 
1 135 ALA n 
1 136 VAL n 
1 137 SER n 
1 138 HIS n 
1 139 PHE n 
1 140 THR n 
1 141 LEU n 
1 142 GLY n 
1 143 ALA n 
1 144 VAL n 
1 145 LEU n 
1 146 GLU n 
1 147 GLN n 
1 148 GLN n 
1 149 GLU n 
1 150 HIS n 
1 151 THR n 
1 152 ALA n 
1 153 ALA n 
1 154 LEU n 
1 155 THR n 
1 156 ASP n 
1 157 ARG n 
1 158 PRO n 
1 159 ALA n 
1 160 ALA n 
1 161 PRO n 
1 162 ASP n 
1 163 GLU n 
1 164 ASN n 
1 165 LEU n 
1 166 PRO n 
1 167 PRO n 
1 168 LEU n 
1 169 LEU n 
1 170 ARG n 
1 171 GLU n 
1 172 ALA n 
1 173 LEU n 
1 174 GLN n 
1 175 ILE n 
1 176 MET n 
1 177 ASP n 
1 178 SER n 
1 179 ASP n 
1 180 ASP n 
1 181 GLY n 
1 182 GLU n 
1 183 GLN n 
1 184 ALA n 
1 185 PHE n 
1 186 LEU n 
1 187 HIS n 
1 188 GLY n 
1 189 LEU n 
1 190 GLU n 
1 191 SER n 
1 192 LEU n 
1 193 ILE n 
1 194 ARG n 
1 195 GLY n 
1 196 PHE n 
1 197 GLU n 
1 198 VAL n 
1 199 GLN n 
1 200 LEU n 
1 201 THR n 
1 202 ALA n 
1 203 LEU n 
1 204 LEU n 
1 205 GLN n 
1 206 ILE n 
1 207 VAL n 
# 
_entity_src_gen.entity_id                          1 
_entity_src_gen.pdbx_src_id                        1 
_entity_src_gen.pdbx_alt_source_flag               sample 
_entity_src_gen.pdbx_seq_type                      ? 
_entity_src_gen.pdbx_beg_seq_num                   ? 
_entity_src_gen.pdbx_end_seq_num                   ? 
_entity_src_gen.gene_src_common_name               ? 
_entity_src_gen.gene_src_genus                     Escherichia 
_entity_src_gen.pdbx_gene_src_gene                 ? 
_entity_src_gen.gene_src_species                   ? 
_entity_src_gen.gene_src_strain                    'K12 DELTA H1 DELTA TRP' 
_entity_src_gen.gene_src_tissue                    ? 
_entity_src_gen.gene_src_tissue_fraction           ? 
_entity_src_gen.gene_src_details                   ? 
_entity_src_gen.pdbx_gene_src_fragment             ? 
_entity_src_gen.pdbx_gene_src_scientific_name      'Escherichia coli' 
_entity_src_gen.pdbx_gene_src_ncbi_taxonomy_id     562 
_entity_src_gen.pdbx_gene_src_variant              ? 
_entity_src_gen.pdbx_gene_src_cell_line            ? 
_entity_src_gen.pdbx_gene_src_atcc                 ? 
_entity_src_gen.pdbx_gene_src_organ                ? 
_entity_src_gen.pdbx_gene_src_organelle            ? 
_entity_src_gen.pdbx_gene_src_cell                 ? 
_entity_src_gen.pdbx_gene_src_cellular_location    CYTOPLASM 
_entity_src_gen.host_org_common_name               ? 
_entity_src_gen.pdbx_host_org_scientific_name      'Escherichia coli' 
_entity_src_gen.pdbx_host_org_ncbi_taxonomy_id     562 
_entity_src_gen.host_org_genus                     Escherichia 
_entity_src_gen.pdbx_host_org_gene                 ? 
_entity_src_gen.pdbx_host_org_organ                ? 
_entity_src_gen.host_org_species                   ? 
_entity_src_gen.pdbx_host_org_tissue               ? 
_entity_src_gen.pdbx_host_org_tissue_fraction      ? 
_entity_src_gen.pdbx_host_org_strain               ? 
_entity_src_gen.pdbx_host_org_variant              ? 
_entity_src_gen.pdbx_host_org_cell_line            ? 
_entity_src_gen.pdbx_host_org_atcc                 ? 
_entity_src_gen.pdbx_host_org_culture_collection   ? 
_entity_src_gen.pdbx_host_org_cell                 ? 
_entity_src_gen.pdbx_host_org_organelle            ? 
_entity_src_gen.pdbx_host_org_cellular_location    ? 
_entity_src_gen.pdbx_host_org_vector_type          ? 
_entity_src_gen.pdbx_host_org_vector               ? 
_entity_src_gen.host_org_details                   ? 
_entity_src_gen.expression_system_id               ? 
_entity_src_gen.plasmid_name                       PWH610 
_entity_src_gen.plasmid_details                    ? 
_entity_src_gen.pdbx_description                   ? 
# 
loop_
_chem_comp.id 
_chem_comp.type 
_chem_comp.mon_nstd_flag 
_chem_comp.name 
_chem_comp.pdbx_synonyms 
_chem_comp.formula 
_chem_comp.formula_weight 
ALA 'L-peptide linking' y ALANINE                                                       ? 'C3 H7 N O2'     89.093  
ARG 'L-peptide linking' y ARGININE                                                      ? 'C6 H15 N4 O2 1' 175.209 
ASN 'L-peptide linking' y ASPARAGINE                                                    ? 'C4 H8 N2 O3'    132.118 
ASP 'L-peptide linking' y 'ASPARTIC ACID'                                               ? 'C4 H7 N O4'     133.103 
ATC non-polymer         . '9-(N,N-DIMETHYLGLYCYLAMIDO)-6-DEOXY-6-DEMETHYL-TETRACYCLINE' ? 'C25 H30 N4 O8'  514.528 
GLN 'L-peptide linking' y GLUTAMINE                                                     ? 'C5 H10 N2 O3'   146.144 
GLU 'L-peptide linking' y 'GLUTAMIC ACID'                                               ? 'C5 H9 N O4'     147.129 
GLY 'peptide linking'   y GLYCINE                                                       ? 'C2 H5 N O2'     75.067  
HIS 'L-peptide linking' y HISTIDINE                                                     ? 'C6 H10 N3 O2 1' 156.162 
HOH non-polymer         . WATER                                                         ? 'H2 O'           18.015  
ILE 'L-peptide linking' y ISOLEUCINE                                                    ? 'C6 H13 N O2'    131.173 
LEU 'L-peptide linking' y LEUCINE                                                       ? 'C6 H13 N O2'    131.173 
LYS 'L-peptide linking' y LYSINE                                                        ? 'C6 H15 N2 O2 1' 147.195 
MET 'L-peptide linking' y METHIONINE                                                    ? 'C5 H11 N O2 S'  149.211 
MG  non-polymer         . 'MAGNESIUM ION'                                               ? 'Mg 2'           24.305  
PHE 'L-peptide linking' y PHENYLALANINE                                                 ? 'C9 H11 N O2'    165.189 
PRO 'L-peptide linking' y PROLINE                                                       ? 'C5 H9 N O2'     115.130 
SER 'L-peptide linking' y SERINE                                                        ? 'C3 H7 N O3'     105.093 
THR 'L-peptide linking' y THREONINE                                                     ? 'C4 H9 N O3'     119.119 
TRP 'L-peptide linking' y TRYPTOPHAN                                                    ? 'C11 H12 N2 O2'  204.225 
TYR 'L-peptide linking' y TYROSINE                                                      ? 'C9 H11 N O3'    181.189 
VAL 'L-peptide linking' y VALINE                                                        ? 'C5 H11 N O2'    117.146 
# 
loop_
_pdbx_poly_seq_scheme.asym_id 
_pdbx_poly_seq_scheme.entity_id 
_pdbx_poly_seq_scheme.seq_id 
_pdbx_poly_seq_scheme.mon_id 
_pdbx_poly_seq_scheme.ndb_seq_num 
_pdbx_poly_seq_scheme.pdb_seq_num 
_pdbx_poly_seq_scheme.auth_seq_num 
_pdbx_poly_seq_scheme.pdb_mon_id 
_pdbx_poly_seq_scheme.auth_mon_id 
_pdbx_poly_seq_scheme.pdb_strand_id 
_pdbx_poly_seq_scheme.pdb_ins_code 
_pdbx_poly_seq_scheme.hetero 
A 1 1   SER 1   2   2   SER SER A . n 
A 1 2   ARG 2   3   3   ARG ARG A . n 
A 1 3   LEU 3   4   4   LEU LEU A . n 
A 1 4   ASN 4   5   5   ASN ASN A . n 
A 1 5   ARG 5   6   6   ARG ARG A . n 
A 1 6   GLU 6   7   7   GLU GLU A . n 
A 1 7   SER 7   8   8   SER SER A . n 
A 1 8   VAL 8   9   9   VAL VAL A . n 
A 1 9   ILE 9   10  10  ILE ILE A . n 
A 1 10  ASP 10  11  11  ASP ASP A . n 
A 1 11  ALA 11  12  12  ALA ALA A . n 
A 1 12  ALA 12  13  13  ALA ALA A . n 
A 1 13  LEU 13  14  14  LEU LEU A . n 
A 1 14  GLU 14  15  15  GLU GLU A . n 
A 1 15  LEU 15  16  16  LEU LEU A . n 
A 1 16  LEU 16  17  17  LEU LEU A . n 
A 1 17  ASN 17  18  18  ASN ASN A . n 
A 1 18  GLU 18  19  19  GLU GLU A . n 
A 1 19  THR 19  20  20  THR THR A . n 
A 1 20  GLY 20  21  21  GLY GLY A . n 
A 1 21  ILE 21  22  22  ILE ILE A . n 
A 1 22  ASP 22  23  23  ASP ASP A . n 
A 1 23  GLY 23  24  24  GLY GLY A . n 
A 1 24  LEU 24  25  25  LEU LEU A . n 
A 1 25  THR 25  26  26  THR THR A . n 
A 1 26  THR 26  27  27  THR THR A . n 
A 1 27  ARG 27  28  28  ARG ARG A . n 
A 1 28  LYS 28  29  29  LYS LYS A . n 
A 1 29  LEU 29  30  30  LEU LEU A . n 
A 1 30  ALA 30  31  31  ALA ALA A . n 
A 1 31  GLN 31  32  32  GLN GLN A . n 
A 1 32  LYS 32  33  33  LYS LYS A . n 
A 1 33  LEU 33  34  34  LEU LEU A . n 
A 1 34  GLY 34  35  35  GLY GLY A . n 
A 1 35  ILE 35  36  36  ILE ILE A . n 
A 1 36  GLU 36  37  37  GLU GLU A . n 
A 1 37  GLN 37  38  38  GLN GLN A . n 
A 1 38  PRO 38  39  39  PRO PRO A . n 
A 1 39  THR 39  40  40  THR THR A . n 
A 1 40  LEU 40  41  41  LEU LEU A . n 
A 1 41  TYR 41  42  42  TYR TYR A . n 
A 1 42  TRP 42  43  43  TRP TRP A . n 
A 1 43  HIS 43  44  44  HIS HIS A . n 
A 1 44  VAL 44  45  45  VAL VAL A . n 
A 1 45  LYS 45  46  46  LYS LYS A . n 
A 1 46  ASN 46  47  47  ASN ASN A . n 
A 1 47  LYS 47  48  48  LYS LYS A . n 
A 1 48  ARG 48  49  49  ARG ARG A . n 
A 1 49  ALA 49  50  50  ALA ALA A . n 
A 1 50  LEU 50  51  51  LEU LEU A . n 
A 1 51  LEU 51  52  52  LEU LEU A . n 
A 1 52  ASP 52  53  53  ASP ASP A . n 
A 1 53  ALA 53  54  54  ALA ALA A . n 
A 1 54  LEU 54  55  55  LEU LEU A . n 
A 1 55  ALA 55  56  56  ALA ALA A . n 
A 1 56  VAL 56  57  57  VAL VAL A . n 
A 1 57  GLU 57  58  58  GLU GLU A . n 
A 1 58  ILE 58  59  59  ILE ILE A . n 
A 1 59  LEU 59  60  60  LEU LEU A . n 
A 1 60  ALA 60  61  61  ALA ALA A . n 
A 1 61  ARG 61  62  62  ARG ARG A . n 
A 1 62  HIS 62  63  63  HIS HIS A . n 
A 1 63  HIS 63  64  64  HIS HIS A . n 
A 1 64  ASP 64  65  65  ASP ASP A . n 
A 1 65  TYR 65  66  66  TYR TYR A . n 
A 1 66  SER 66  67  67  SER SER A . n 
A 1 67  LEU 67  68  68  LEU LEU A . n 
A 1 68  PRO 68  69  69  PRO PRO A . n 
A 1 69  ALA 69  70  70  ALA ALA A . n 
A 1 70  ALA 70  71  71  ALA ALA A . n 
A 1 71  GLY 71  72  72  GLY GLY A . n 
A 1 72  GLU 72  73  73  GLU GLU A . n 
A 1 73  SER 73  74  74  SER SER A . n 
A 1 74  TRP 74  75  75  TRP TRP A . n 
A 1 75  GLN 75  76  76  GLN GLN A . n 
A 1 76  SER 76  77  77  SER SER A . n 
A 1 77  PHE 77  78  78  PHE PHE A . n 
A 1 78  LEU 78  79  79  LEU LEU A . n 
A 1 79  ARG 79  80  80  ARG ARG A . n 
A 1 80  ASN 80  81  81  ASN ASN A . n 
A 1 81  ASN 81  82  82  ASN ASN A . n 
A 1 82  ALA 82  83  83  ALA ALA A . n 
A 1 83  MET 83  84  84  MET MET A . n 
A 1 84  SER 84  85  85  SER SER A . n 
A 1 85  PHE 85  86  86  PHE PHE A . n 
A 1 86  ARG 86  87  87  ARG ARG A . n 
A 1 87  ARG 87  88  88  ARG ARG A . n 
A 1 88  ALA 88  89  89  ALA ALA A . n 
A 1 89  LEU 89  90  90  LEU LEU A . n 
A 1 90  LEU 90  91  91  LEU LEU A . n 
A 1 91  ARG 91  92  92  ARG ARG A . n 
A 1 92  TYR 92  93  93  TYR TYR A . n 
A 1 93  ARG 93  94  94  ARG ARG A . n 
A 1 94  ASP 94  95  95  ASP ASP A . n 
A 1 95  GLY 95  96  96  GLY GLY A . n 
A 1 96  ALA 96  97  97  ALA ALA A . n 
A 1 97  LYS 97  98  98  LYS LYS A . n 
A 1 98  VAL 98  99  99  VAL VAL A . n 
A 1 99  HIS 99  100 100 HIS HIS A . n 
A 1 100 LEU 100 101 101 LEU LEU A . n 
A 1 101 GLY 101 102 102 GLY GLY A . n 
A 1 102 THR 102 103 103 THR THR A . n 
A 1 103 ARG 103 104 104 ARG ARG A . n 
A 1 104 PRO 104 105 105 PRO PRO A . n 
A 1 105 ASP 105 106 106 ASP ASP A . n 
A 1 106 GLU 106 107 107 GLU GLU A . n 
A 1 107 LYS 107 108 108 LYS LYS A . n 
A 1 108 GLN 108 109 109 GLN GLN A . n 
A 1 109 TYR 109 110 110 TYR TYR A . n 
A 1 110 ASP 110 111 111 ASP ASP A . n 
A 1 111 THR 111 112 112 THR THR A . n 
A 1 112 VAL 112 113 113 VAL VAL A . n 
A 1 113 GLU 113 114 114 GLU GLU A . n 
A 1 114 THR 114 115 115 THR THR A . n 
A 1 115 GLN 115 116 116 GLN GLN A . n 
A 1 116 LEU 116 117 117 LEU LEU A . n 
A 1 117 ARG 117 118 118 ARG ARG A . n 
A 1 118 PHE 118 119 119 PHE PHE A . n 
A 1 119 MET 119 120 120 MET MET A . n 
A 1 120 THR 120 121 121 THR THR A . n 
A 1 121 GLU 121 122 122 GLU GLU A . n 
A 1 122 ASN 122 123 123 ASN ASN A . n 
A 1 123 GLY 123 124 124 GLY GLY A . n 
A 1 124 PHE 124 125 125 PHE PHE A . n 
A 1 125 SER 125 126 126 SER SER A . n 
A 1 126 LEU 126 127 127 LEU LEU A . n 
A 1 127 ARG 127 128 128 ARG ARG A . n 
A 1 128 ASP 128 129 129 ASP ASP A . n 
A 1 129 GLY 129 130 130 GLY GLY A . n 
A 1 130 LEU 130 131 131 LEU LEU A . n 
A 1 131 TYR 131 132 132 TYR TYR A . n 
A 1 132 ALA 132 133 133 ALA ALA A . n 
A 1 133 ILE 133 134 134 ILE ILE A . n 
A 1 134 SER 134 135 135 SER SER A . n 
A 1 135 ALA 135 136 136 ALA ALA A . n 
A 1 136 VAL 136 137 137 VAL VAL A . n 
A 1 137 SER 137 138 138 SER SER A . n 
A 1 138 HIS 138 139 139 HIS HIS A . n 
A 1 139 PHE 139 140 140 PHE PHE A . n 
A 1 140 THR 140 141 141 THR THR A . n 
A 1 141 LEU 141 142 142 LEU LEU A . n 
A 1 142 GLY 142 143 143 GLY GLY A . n 
A 1 143 ALA 143 144 144 ALA ALA A . n 
A 1 144 VAL 144 145 145 VAL VAL A . n 
A 1 145 LEU 145 146 146 LEU LEU A . n 
A 1 146 GLU 146 147 147 GLU GLU A . n 
A 1 147 GLN 147 148 148 GLN GLN A . n 
A 1 148 GLN 148 149 149 GLN GLN A . n 
A 1 149 GLU 149 150 150 GLU GLU A . n 
A 1 150 HIS 150 151 151 HIS HIS A . n 
A 1 151 THR 151 152 152 THR THR A . n 
A 1 152 ALA 152 153 153 ALA ALA A . n 
A 1 153 ALA 153 154 154 ALA ALA A . n 
A 1 154 LEU 154 155 ?   ?   ?   A . n 
A 1 155 THR 155 156 ?   ?   ?   A . n 
A 1 156 ASP 156 157 ?   ?   ?   A . n 
A 1 157 ARG 157 158 ?   ?   ?   A . n 
A 1 158 PRO 158 159 ?   ?   ?   A . n 
A 1 159 ALA 159 160 ?   ?   ?   A . n 
A 1 160 ALA 160 161 ?   ?   ?   A . n 
A 1 161 PRO 161 162 ?   ?   ?   A . n 
A 1 162 ASP 162 163 ?   ?   ?   A . n 
A 1 163 GLU 163 164 ?   ?   ?   A . n 
A 1 164 ASN 164 165 165 ASN ASN A . n 
A 1 165 LEU 165 166 166 LEU LEU A . n 
A 1 166 PRO 166 167 167 PRO PRO A . n 
A 1 167 PRO 167 168 168 PRO PRO A . n 
A 1 168 LEU 168 169 169 LEU LEU A . n 
A 1 169 LEU 169 170 170 LEU LEU A . n 
A 1 170 ARG 170 171 171 ARG ARG A . n 
A 1 171 GLU 171 172 172 GLU GLU A . n 
A 1 172 ALA 172 173 173 ALA ALA A . n 
A 1 173 LEU 173 174 174 LEU LEU A . n 
A 1 174 GLN 174 175 175 GLN GLN A . n 
A 1 175 ILE 175 176 176 ILE ILE A . n 
A 1 176 MET 176 177 177 MET MET A . n 
A 1 177 ASP 177 178 178 ASP ASP A . n 
A 1 178 SER 178 179 179 SER SER A . n 
A 1 179 ASP 179 180 180 ASP ASP A . n 
A 1 180 ASP 180 181 181 ASP ASP A . n 
A 1 181 GLY 181 182 182 GLY GLY A . n 
A 1 182 GLU 182 183 183 GLU GLU A . n 
A 1 183 GLN 183 184 184 GLN GLN A . n 
A 1 184 ALA 184 185 185 ALA ALA A . n 
A 1 185 PHE 185 186 186 PHE PHE A . n 
A 1 186 LEU 186 187 187 LEU LEU A . n 
A 1 187 HIS 187 188 188 HIS HIS A . n 
A 1 188 GLY 188 189 189 GLY GLY A . n 
A 1 189 LEU 189 190 190 LEU LEU A . n 
A 1 190 GLU 190 191 191 GLU GLU A . n 
A 1 191 SER 191 192 192 SER SER A . n 
A 1 192 LEU 192 193 193 LEU LEU A . n 
A 1 193 ILE 193 194 194 ILE ILE A . n 
A 1 194 ARG 194 195 195 ARG ARG A . n 
A 1 195 GLY 195 196 196 GLY GLY A . n 
A 1 196 PHE 196 197 197 PHE PHE A . n 
A 1 197 GLU 197 198 198 GLU GLU A . n 
A 1 198 VAL 198 199 199 VAL VAL A . n 
A 1 199 GLN 199 200 200 GLN GLN A . n 
A 1 200 LEU 200 201 201 LEU LEU A . n 
A 1 201 THR 201 202 202 THR THR A . n 
A 1 202 ALA 202 203 203 ALA ALA A . n 
A 1 203 LEU 203 204 204 LEU LEU A . n 
A 1 204 LEU 204 205 205 LEU LEU A . n 
A 1 205 GLN 205 206 206 GLN GLN A . n 
A 1 206 ILE 206 207 207 ILE ILE A . n 
A 1 207 VAL 207 208 208 VAL VAL A . n 
# 
loop_
_pdbx_nonpoly_scheme.asym_id 
_pdbx_nonpoly_scheme.entity_id 
_pdbx_nonpoly_scheme.mon_id 
_pdbx_nonpoly_scheme.ndb_seq_num 
_pdbx_nonpoly_scheme.pdb_seq_num 
_pdbx_nonpoly_scheme.auth_seq_num 
_pdbx_nonpoly_scheme.pdb_mon_id 
_pdbx_nonpoly_scheme.auth_mon_id 
_pdbx_nonpoly_scheme.pdb_strand_id 
_pdbx_nonpoly_scheme.pdb_ins_code 
B 2 MG  1  223 223 MG  MG  A . 
C 3 ATC 1  222 222 ATC ATC A . 
D 4 HOH 1  301 301 HOH HOH A . 
D 4 HOH 2  302 302 HOH HOH A . 
D 4 HOH 3  303 303 HOH HOH A . 
D 4 HOH 4  304 304 HOH HOH A . 
D 4 HOH 5  305 305 HOH HOH A . 
D 4 HOH 6  306 306 HOH HOH A . 
D 4 HOH 7  307 307 HOH HOH A . 
D 4 HOH 8  308 308 HOH HOH A . 
D 4 HOH 9  309 309 HOH HOH A . 
D 4 HOH 10 310 310 HOH HOH A . 
D 4 HOH 11 311 311 HOH HOH A . 
D 4 HOH 12 312 312 HOH HOH A . 
D 4 HOH 13 313 313 HOH HOH A . 
D 4 HOH 14 314 314 HOH HOH A . 
D 4 HOH 15 315 315 HOH HOH A . 
D 4 HOH 16 316 316 HOH HOH A . 
D 4 HOH 17 317 317 HOH HOH A . 
D 4 HOH 18 318 318 HOH HOH A . 
D 4 HOH 19 319 319 HOH HOH A . 
D 4 HOH 20 320 320 HOH HOH A . 
D 4 HOH 21 321 321 HOH HOH A . 
D 4 HOH 22 322 322 HOH HOH A . 
D 4 HOH 23 323 323 HOH HOH A . 
D 4 HOH 24 324 324 HOH HOH A . 
D 4 HOH 25 325 325 HOH HOH A . 
D 4 HOH 26 326 326 HOH HOH A . 
D 4 HOH 27 327 327 HOH HOH A . 
# 
loop_
_software.name 
_software.classification 
_software.version 
_software.citation_id 
_software.pdbx_ordinal 
X-PLOR 'model building' 3.1 ? 1 
X-PLOR refinement       3.1 ? 2 
MOSFLM 'data reduction' .   ? 3 
CCP4   'data scaling'   .   ? 4 
X-PLOR phasing          3.1 ? 5 
# 
_cell.entry_id           1ORK 
_cell.length_a           68.940 
_cell.length_b           68.940 
_cell.length_c           180.750 
_cell.angle_alpha        90.00 
_cell.angle_beta         90.00 
_cell.angle_gamma        90.00 
_cell.Z_PDB              16 
_cell.pdbx_unique_axis   ? 
# 
_symmetry.entry_id                         1ORK 
_symmetry.space_group_name_H-M             'I 41 2 2' 
_symmetry.pdbx_full_space_group_name_H-M   ? 
_symmetry.cell_setting                     ? 
_symmetry.Int_Tables_number                98 
# 
_exptl.entry_id          1ORK 
_exptl.method            'X-RAY DIFFRACTION' 
_exptl.crystals_number   1 
# 
_exptl_crystal.id                    1 
_exptl_crystal.density_meas          ? 
_exptl_crystal.density_Matthews      2.4 
_exptl_crystal.density_percent_sol   49 
_exptl_crystal.description           'DATA WERE COLLECTED USING THE OSCILLATION METHOD' 
# 
_exptl_crystal_grow.crystal_id      1 
_exptl_crystal_grow.method          ? 
_exptl_crystal_grow.temp            ? 
_exptl_crystal_grow.temp_details    ? 
_exptl_crystal_grow.pH              8.0 
_exptl_crystal_grow.pdbx_pH_range   ? 
_exptl_crystal_grow.pdbx_details    'pH 8.0' 
# 
_diffrn.id                     1 
_diffrn.ambient_temp           277 
_diffrn.ambient_temp_details   ? 
_diffrn.crystal_id             1 
# 
_diffrn_detector.diffrn_id              1 
_diffrn_detector.detector               'IMAGE PLATE' 
_diffrn_detector.type                   MARRESEARCH 
_diffrn_detector.pdbx_collection_date   1996-05 
_diffrn_detector.details                ? 
# 
_diffrn_radiation.diffrn_id                        1 
_diffrn_radiation.wavelength_id                    1 
_diffrn_radiation.pdbx_monochromatic_or_laue_m_l   M 
_diffrn_radiation.monochromator                    ? 
_diffrn_radiation.pdbx_diffrn_protocol             ? 
_diffrn_radiation.pdbx_scattering_type             x-ray 
# 
_diffrn_radiation_wavelength.id           1 
_diffrn_radiation_wavelength.wavelength   0.9204 
_diffrn_radiation_wavelength.wt           1.0 
# 
_diffrn_source.diffrn_id                   1 
_diffrn_source.source                      SYNCHROTRON 
_diffrn_source.type                        'EMBL/DESY, HAMBURG BEAMLINE X31' 
_diffrn_source.pdbx_synchrotron_site       'EMBL/DESY, HAMBURG' 
_diffrn_source.pdbx_synchrotron_beamline   X31 
_diffrn_source.pdbx_wavelength             0.9204 
_diffrn_source.pdbx_wavelength_list        ? 
# 
_reflns.entry_id                     1ORK 
_reflns.observed_criterion_sigma_I   0.0 
_reflns.observed_criterion_sigma_F   ? 
_reflns.d_resolution_low             17.2 
_reflns.d_resolution_high            2.4 
_reflns.number_obs                   8979 
_reflns.number_all                   ? 
_reflns.percent_possible_obs         96.0 
_reflns.pdbx_Rmerge_I_obs            ? 
_reflns.pdbx_Rsym_value              0.0590000 
_reflns.pdbx_netI_over_sigmaI        15.6 
_reflns.B_iso_Wilson_estimate        42.4 
_reflns.pdbx_redundancy              3.2 
_reflns.pdbx_ordinal                 1 
_reflns.pdbx_diffrn_id               1 
# 
_reflns_shell.d_res_high             2.40 
_reflns_shell.d_res_low              2.47 
_reflns_shell.percent_possible_all   98.8 
_reflns_shell.Rmerge_I_obs           ? 
_reflns_shell.pdbx_Rsym_value        0.1930000 
_reflns_shell.meanI_over_sigI_obs    6.0 
_reflns_shell.pdbx_redundancy        ? 
_reflns_shell.pdbx_ordinal           1 
_reflns_shell.pdbx_diffrn_id         1 
# 
_refine.entry_id                                 1ORK 
_refine.ls_number_reflns_obs                     9076 
_refine.ls_number_reflns_all                     ? 
_refine.pdbx_ls_sigma_I                          ? 
_refine.pdbx_ls_sigma_F                          0.0 
_refine.pdbx_data_cutoff_high_absF               100000.00 
_refine.pdbx_data_cutoff_low_absF                0.1 
_refine.pdbx_data_cutoff_high_rms_absF           ? 
_refine.ls_d_res_low                             18.5 
_refine.ls_d_res_high                            2.4 
_refine.ls_percent_reflns_obs                    97.8 
_refine.ls_R_factor_obs                          0.2140000 
_refine.ls_R_factor_all                          ? 
_refine.ls_R_factor_R_work                       0.2140000 
_refine.ls_R_factor_R_free                       0.2750000 
_refine.ls_R_factor_R_free_error                 ? 
_refine.ls_R_factor_R_free_error_details         ? 
_refine.ls_percent_reflns_R_free                 10. 
_refine.ls_number_reflns_R_free                  909 
_refine.ls_number_parameters                     ? 
_refine.ls_number_restraints                     ? 
_refine.occupancy_min                            ? 
_refine.occupancy_max                            ? 
_refine.B_iso_mean                               47.6 
_refine.aniso_B[1][1]                            ? 
_refine.aniso_B[2][2]                            ? 
_refine.aniso_B[3][3]                            ? 
_refine.aniso_B[1][2]                            ? 
_refine.aniso_B[1][3]                            ? 
_refine.aniso_B[2][3]                            ? 
_refine.solvent_model_details                    ? 
_refine.solvent_model_param_ksol                 ? 
_refine.solvent_model_param_bsol                 ? 
_refine.pdbx_ls_cross_valid_method               THROUGHOUT 
_refine.details                                  ? 
_refine.pdbx_starting_model                      2TCT 
_refine.pdbx_method_to_determine_struct          'MOLECULAR REPLACEMENT' 
_refine.pdbx_isotropic_thermal_model             RESTRAINED 
_refine.pdbx_stereochemistry_target_values       ? 
_refine.pdbx_stereochem_target_val_spec_case     ? 
_refine.pdbx_R_Free_selection_details            RANDOM 
_refine.pdbx_overall_ESU_R                       ? 
_refine.pdbx_overall_ESU_R_Free                  ? 
_refine.overall_SU_ML                            ? 
_refine.overall_SU_B                             ? 
_refine.pdbx_refine_id                           'X-RAY DIFFRACTION' 
_refine.pdbx_diffrn_id                           1 
_refine.pdbx_TLS_residual_ADP_flag               ? 
_refine.correlation_coeff_Fo_to_Fc               ? 
_refine.correlation_coeff_Fo_to_Fc_free          ? 
_refine.pdbx_solvent_vdw_probe_radii             ? 
_refine.pdbx_solvent_ion_probe_radii             ? 
_refine.pdbx_solvent_shrinkage_radii             ? 
_refine.pdbx_overall_phase_error                 ? 
_refine.overall_SU_R_Cruickshank_DPI             ? 
_refine.pdbx_overall_SU_R_free_Cruickshank_DPI   ? 
_refine.pdbx_overall_SU_R_Blow_DPI               ? 
_refine.pdbx_overall_SU_R_free_Blow_DPI          ? 
# 
_refine_analyze.entry_id                        1ORK 
_refine_analyze.Luzzati_coordinate_error_obs    0.35 
_refine_analyze.Luzzati_sigma_a_obs             ? 
_refine_analyze.Luzzati_d_res_low_obs           10.0 
_refine_analyze.Luzzati_coordinate_error_free   ? 
_refine_analyze.Luzzati_sigma_a_free            ? 
_refine_analyze.Luzzati_d_res_low_free          ? 
_refine_analyze.number_disordered_residues      ? 
_refine_analyze.occupancy_sum_hydrogen          ? 
_refine_analyze.occupancy_sum_non_hydrogen      ? 
_refine_analyze.pdbx_refine_id                  'X-RAY DIFFRACTION' 
# 
_refine_hist.pdbx_refine_id                   'X-RAY DIFFRACTION' 
_refine_hist.cycle_id                         LAST 
_refine_hist.pdbx_number_atoms_protein        1566 
_refine_hist.pdbx_number_atoms_nucleic_acid   0 
_refine_hist.pdbx_number_atoms_ligand         38 
_refine_hist.number_atoms_solvent             27 
_refine_hist.number_atoms_total               1631 
_refine_hist.d_res_high                       2.4 
_refine_hist.d_res_low                        18.5 
# 
loop_
_refine_ls_restr.type 
_refine_ls_restr.dev_ideal 
_refine_ls_restr.dev_ideal_target 
_refine_ls_restr.weight 
_refine_ls_restr.number 
_refine_ls_restr.pdbx_refine_id 
_refine_ls_restr.pdbx_restraint_function 
x_bond_d                0.007 ?    ? ? 'X-RAY DIFFRACTION' ? 
x_bond_d_na             ?     ?    ? ? 'X-RAY DIFFRACTION' ? 
x_bond_d_prot           ?     ?    ? ? 'X-RAY DIFFRACTION' ? 
x_angle_d               ?     ?    ? ? 'X-RAY DIFFRACTION' ? 
x_angle_d_na            ?     ?    ? ? 'X-RAY DIFFRACTION' ? 
x_angle_d_prot          ?     ?    ? ? 'X-RAY DIFFRACTION' ? 
x_angle_deg             1.20  ?    ? ? 'X-RAY DIFFRACTION' ? 
x_angle_deg_na          ?     ?    ? ? 'X-RAY DIFFRACTION' ? 
x_angle_deg_prot        ?     ?    ? ? 'X-RAY DIFFRACTION' ? 
x_dihedral_angle_d      19.9  ?    ? ? 'X-RAY DIFFRACTION' ? 
x_dihedral_angle_d_na   ?     ?    ? ? 'X-RAY DIFFRACTION' ? 
x_dihedral_angle_d_prot ?     ?    ? ? 'X-RAY DIFFRACTION' ? 
x_improper_angle_d      1.18  ?    ? ? 'X-RAY DIFFRACTION' ? 
x_improper_angle_d_na   ?     ?    ? ? 'X-RAY DIFFRACTION' ? 
x_improper_angle_d_prot ?     ?    ? ? 'X-RAY DIFFRACTION' ? 
x_mcbond_it             1.90  2.50 ? ? 'X-RAY DIFFRACTION' ? 
x_mcangle_it            2.29  3.00 ? ? 'X-RAY DIFFRACTION' ? 
x_scbond_it             2.49  3.00 ? ? 'X-RAY DIFFRACTION' ? 
x_scangle_it            2.90  3.50 ? ? 'X-RAY DIFFRACTION' ? 
# 
loop_
_pdbx_xplor_file.serial_no 
_pdbx_xplor_file.param_file 
_pdbx_xplor_file.topol_file 
_pdbx_xplor_file.pdbx_refine_id 
1 PARHCSDX.PRO TOPHCSDX.PRO 'X-RAY DIFFRACTION' 
2 PARAM19.SOL  TOPH19.PEP   'X-RAY DIFFRACTION' 
3 ?            TOPH19.SOL   'X-RAY DIFFRACTION' 
4 ?            TOPH19.HIS   'X-RAY DIFFRACTION' 
# 
_struct.entry_id                  1ORK 
_struct.title                     
'TET REPRESSOR, CLASS D IN COMPLEX WITH 9-(N,N-DIMETHYLGLYCYLAMIDO)-6-DEMETHYL-6-DEOXY-TETRACYCLINE' 
_struct.pdbx_model_details        ? 
_struct.pdbx_CASP_flag            ? 
_struct.pdbx_model_type_details   ? 
# 
_struct_keywords.entry_id        1ORK 
_struct_keywords.pdbx_keywords   'TRANSCRIPTION REGULATION' 
_struct_keywords.text            'TRANSCRIPTION REGULATION' 
# 
loop_
_struct_asym.id 
_struct_asym.pdbx_blank_PDB_chainid_flag 
_struct_asym.pdbx_modified 
_struct_asym.entity_id 
_struct_asym.details 
A N N 1 ? 
B N N 2 ? 
C N N 3 ? 
D N N 4 ? 
# 
_struct_ref.id                         1 
_struct_ref.db_name                    UNP 
_struct_ref.db_code                    TETR4_ECOLI 
_struct_ref.entity_id                  1 
_struct_ref.pdbx_db_accession          P0ACT4 
_struct_ref.pdbx_align_begin           1 
_struct_ref.pdbx_seq_one_letter_code   
;ARLNRESVIDAALELLNETGIDGLTTRKLAQKLGIEQPTLYWHVKNKRALLDALAVEILARHHDYSLPAAGESWQSFLRN
NAMSFRRALLRYRDGAKVHLGTRPDEKQYDTVETQLRFMTENGFSLRDGLYAISAVSHFTLGAVLEQQEHTAALTDRPAA
PDENLPPLLREALQIMDSDDGEQAFLHGLESLIRGFEVQLTALLQIVGGDKLIIPFC
;
_struct_ref.pdbx_db_isoform            ? 
# 
_struct_ref_seq.align_id                      1 
_struct_ref_seq.ref_id                        1 
_struct_ref_seq.pdbx_PDB_id_code              1ORK 
_struct_ref_seq.pdbx_strand_id                A 
_struct_ref_seq.seq_align_beg                 2 
_struct_ref_seq.pdbx_seq_align_beg_ins_code   ? 
_struct_ref_seq.seq_align_end                 207 
_struct_ref_seq.pdbx_seq_align_end_ins_code   ? 
_struct_ref_seq.pdbx_db_accession             P0ACT4 
_struct_ref_seq.db_align_beg                  2 
_struct_ref_seq.pdbx_db_align_beg_ins_code    ? 
_struct_ref_seq.db_align_end                  207 
_struct_ref_seq.pdbx_db_align_end_ins_code    ? 
_struct_ref_seq.pdbx_auth_seq_align_beg       3 
_struct_ref_seq.pdbx_auth_seq_align_end       208 
# 
_pdbx_struct_assembly.id                   1 
_pdbx_struct_assembly.details              author_and_software_defined_assembly 
_pdbx_struct_assembly.method_details       PISA,PQS 
_pdbx_struct_assembly.oligomeric_details   dimeric 
_pdbx_struct_assembly.oligomeric_count     2 
# 
loop_
_pdbx_struct_assembly_prop.biol_id 
_pdbx_struct_assembly_prop.type 
_pdbx_struct_assembly_prop.value 
_pdbx_struct_assembly_prop.details 
1 'ABSA (A^2)' 7910  ? 
1 MORE         -66   ? 
1 'SSA (A^2)'  18530 ? 
# 
_pdbx_struct_assembly_gen.assembly_id       1 
_pdbx_struct_assembly_gen.oper_expression   1,2 
_pdbx_struct_assembly_gen.asym_id_list      A,B,C,D 
# 
loop_
_pdbx_struct_oper_list.id 
_pdbx_struct_oper_list.type 
_pdbx_struct_oper_list.name 
_pdbx_struct_oper_list.symmetry_operation 
_pdbx_struct_oper_list.matrix[1][1] 
_pdbx_struct_oper_list.matrix[1][2] 
_pdbx_struct_oper_list.matrix[1][3] 
_pdbx_struct_oper_list.vector[1] 
_pdbx_struct_oper_list.matrix[2][1] 
_pdbx_struct_oper_list.matrix[2][2] 
_pdbx_struct_oper_list.matrix[2][3] 
_pdbx_struct_oper_list.vector[2] 
_pdbx_struct_oper_list.matrix[3][1] 
_pdbx_struct_oper_list.matrix[3][2] 
_pdbx_struct_oper_list.matrix[3][3] 
_pdbx_struct_oper_list.vector[3] 
1 'identity operation'         1_555  x,y,z       1.0000000000  0.0000000000  0.0000000000  0.0000000000 0.0000000000  1.0000000000  0.0000000000 0.0000000000  0.0000000000  0.0000000000 1.0000000000 0.0000000000  
2 'crystal symmetry operation' 10_665 -x+1,-y+1,z -0.9990043096 -0.0165877493 -0.0414154063 4.7166573610 -0.0165877493 -0.7236556254 0.6899618703 17.6882083423 -0.0414154063 0.6899618703 0.7226599350 -6.9711071723 
# 
_struct_biol.id   1 
# 
loop_
_struct_conf.conf_type_id 
_struct_conf.id 
_struct_conf.pdbx_PDB_helix_id 
_struct_conf.beg_label_comp_id 
_struct_conf.beg_label_asym_id 
_struct_conf.beg_label_seq_id 
_struct_conf.pdbx_beg_PDB_ins_code 
_struct_conf.end_label_comp_id 
_struct_conf.end_label_asym_id 
_struct_conf.end_label_seq_id 
_struct_conf.pdbx_end_PDB_ins_code 
_struct_conf.beg_auth_comp_id 
_struct_conf.beg_auth_asym_id 
_struct_conf.beg_auth_seq_id 
_struct_conf.end_auth_comp_id 
_struct_conf.end_auth_asym_id 
_struct_conf.end_auth_seq_id 
_struct_conf.pdbx_PDB_helix_class 
_struct_conf.details 
_struct_conf.pdbx_PDB_helix_length 
HELX_P HELX_P1  1  ARG A 5   ? GLY A 23  ? ARG A 6   GLY A 24  1 ? 19 
HELX_P HELX_P2  2  THR A 26  ? LEU A 33  ? THR A 27  LEU A 34  1 ? 8  
HELX_P HELX_P3  3  GLN A 37  ? HIS A 43  ? GLN A 38  HIS A 44  1 ? 7  
HELX_P HELX_P4  4  LYS A 47  ? HIS A 62  ? LYS A 48  HIS A 63  1 ? 16 
HELX_P HELX_P5  5  TRP A 74  ? ARG A 91  ? TRP A 75  ARG A 92  1 ? 18 
HELX_P HELX_P6  6  GLY A 95  ? HIS A 99  ? GLY A 96  HIS A 100 1 ? 5  
HELX_P HELX_P7  7  GLU A 106 ? ASN A 122 ? GLU A 107 ASN A 123 1 ? 17 
HELX_P HELX_P8  8  LEU A 126 ? THR A 151 ? LEU A 127 THR A 152 1 ? 26 
HELX_P HELX_P9  9  PRO A 167 ? ASP A 177 ? PRO A 168 ASP A 178 1 ? 11 
HELX_P HELX_P10 10 GLU A 182 ? LEU A 200 ? GLU A 183 LEU A 201 1 ? 19 
# 
_struct_conf_type.id          HELX_P 
_struct_conf_type.criteria    ? 
_struct_conf_type.reference   ? 
# 
loop_
_struct_conn.id 
_struct_conn.conn_type_id 
_struct_conn.pdbx_leaving_atom_flag 
_struct_conn.pdbx_PDB_id 
_struct_conn.ptnr1_label_asym_id 
_struct_conn.ptnr1_label_comp_id 
_struct_conn.ptnr1_label_seq_id 
_struct_conn.ptnr1_label_atom_id 
_struct_conn.pdbx_ptnr1_label_alt_id 
_struct_conn.pdbx_ptnr1_PDB_ins_code 
_struct_conn.pdbx_ptnr1_standard_comp_id 
_struct_conn.ptnr1_symmetry 
_struct_conn.ptnr2_label_asym_id 
_struct_conn.ptnr2_label_comp_id 
_struct_conn.ptnr2_label_seq_id 
_struct_conn.ptnr2_label_atom_id 
_struct_conn.pdbx_ptnr2_label_alt_id 
_struct_conn.pdbx_ptnr2_PDB_ins_code 
_struct_conn.ptnr1_auth_asym_id 
_struct_conn.ptnr1_auth_comp_id 
_struct_conn.ptnr1_auth_seq_id 
_struct_conn.ptnr2_auth_asym_id 
_struct_conn.ptnr2_auth_comp_id 
_struct_conn.ptnr2_auth_seq_id 
_struct_conn.ptnr2_symmetry 
_struct_conn.pdbx_ptnr3_label_atom_id 
_struct_conn.pdbx_ptnr3_label_seq_id 
_struct_conn.pdbx_ptnr3_label_comp_id 
_struct_conn.pdbx_ptnr3_label_asym_id 
_struct_conn.pdbx_ptnr3_label_alt_id 
_struct_conn.pdbx_ptnr3_PDB_ins_code 
_struct_conn.details 
_struct_conn.pdbx_dist_value 
_struct_conn.pdbx_value_order 
_struct_conn.pdbx_role 
metalc1 metalc ? ? A HIS 99 NE2 ? ? ? 1_555 B MG  . MG ? ? A HIS 100 A MG  223 1_555 ? ? ? ? ? ? ? 1.944 ? ? 
metalc2 metalc ? ? C ATC .  O11 ? ? ? 1_555 B MG  . MG ? ? A ATC 222 A MG  223 1_555 ? ? ? ? ? ? ? 2.201 ? ? 
metalc3 metalc ? ? C ATC .  O12 ? ? ? 1_555 B MG  . MG ? ? A ATC 222 A MG  223 1_555 ? ? ? ? ? ? ? 2.064 ? ? 
metalc4 metalc ? ? B MG  .  MG  ? ? ? 1_555 D HOH . O  ? ? A MG  223 A HOH 301 1_555 ? ? ? ? ? ? ? 1.738 ? ? 
metalc5 metalc ? ? B MG  .  MG  ? ? ? 1_555 D HOH . O  ? ? A MG  223 A HOH 302 1_555 ? ? ? ? ? ? ? 1.772 ? ? 
metalc6 metalc ? ? B MG  .  MG  ? ? ? 1_555 D HOH . O  ? ? A MG  223 A HOH 304 1_555 ? ? ? ? ? ? ? 1.753 ? ? 
# 
_struct_conn_type.id          metalc 
_struct_conn_type.criteria    ? 
_struct_conn_type.reference   ? 
# 
loop_
_pdbx_struct_conn_angle.id 
_pdbx_struct_conn_angle.ptnr1_label_atom_id 
_pdbx_struct_conn_angle.ptnr1_label_alt_id 
_pdbx_struct_conn_angle.ptnr1_label_asym_id 
_pdbx_struct_conn_angle.ptnr1_label_comp_id 
_pdbx_struct_conn_angle.ptnr1_label_seq_id 
_pdbx_struct_conn_angle.ptnr1_auth_atom_id 
_pdbx_struct_conn_angle.ptnr1_auth_asym_id 
_pdbx_struct_conn_angle.ptnr1_auth_comp_id 
_pdbx_struct_conn_angle.ptnr1_auth_seq_id 
_pdbx_struct_conn_angle.ptnr1_PDB_ins_code 
_pdbx_struct_conn_angle.ptnr1_symmetry 
_pdbx_struct_conn_angle.ptnr2_label_atom_id 
_pdbx_struct_conn_angle.ptnr2_label_alt_id 
_pdbx_struct_conn_angle.ptnr2_label_asym_id 
_pdbx_struct_conn_angle.ptnr2_label_comp_id 
_pdbx_struct_conn_angle.ptnr2_label_seq_id 
_pdbx_struct_conn_angle.ptnr2_auth_atom_id 
_pdbx_struct_conn_angle.ptnr2_auth_asym_id 
_pdbx_struct_conn_angle.ptnr2_auth_comp_id 
_pdbx_struct_conn_angle.ptnr2_auth_seq_id 
_pdbx_struct_conn_angle.ptnr2_PDB_ins_code 
_pdbx_struct_conn_angle.ptnr2_symmetry 
_pdbx_struct_conn_angle.ptnr3_label_atom_id 
_pdbx_struct_conn_angle.ptnr3_label_alt_id 
_pdbx_struct_conn_angle.ptnr3_label_asym_id 
_pdbx_struct_conn_angle.ptnr3_label_comp_id 
_pdbx_struct_conn_angle.ptnr3_label_seq_id 
_pdbx_struct_conn_angle.ptnr3_auth_atom_id 
_pdbx_struct_conn_angle.ptnr3_auth_asym_id 
_pdbx_struct_conn_angle.ptnr3_auth_comp_id 
_pdbx_struct_conn_angle.ptnr3_auth_seq_id 
_pdbx_struct_conn_angle.ptnr3_PDB_ins_code 
_pdbx_struct_conn_angle.ptnr3_symmetry 
_pdbx_struct_conn_angle.value 
_pdbx_struct_conn_angle.value_esd 
1  NE2 ? A HIS 99 ? A HIS 100 ? 1_555 MG ? B MG . ? A MG 223 ? 1_555 O11 ? C ATC . ? A ATC 222 ? 1_555 167.2 ? 
2  NE2 ? A HIS 99 ? A HIS 100 ? 1_555 MG ? B MG . ? A MG 223 ? 1_555 O12 ? C ATC . ? A ATC 222 ? 1_555 91.0  ? 
3  O11 ? C ATC .  ? A ATC 222 ? 1_555 MG ? B MG . ? A MG 223 ? 1_555 O12 ? C ATC . ? A ATC 222 ? 1_555 77.4  ? 
4  NE2 ? A HIS 99 ? A HIS 100 ? 1_555 MG ? B MG . ? A MG 223 ? 1_555 O   ? D HOH . ? A HOH 301 ? 1_555 95.6  ? 
5  O11 ? C ATC .  ? A ATC 222 ? 1_555 MG ? B MG . ? A MG 223 ? 1_555 O   ? D HOH . ? A HOH 301 ? 1_555 77.2  ? 
6  O12 ? C ATC .  ? A ATC 222 ? 1_555 MG ? B MG . ? A MG 223 ? 1_555 O   ? D HOH . ? A HOH 301 ? 1_555 79.6  ? 
7  NE2 ? A HIS 99 ? A HIS 100 ? 1_555 MG ? B MG . ? A MG 223 ? 1_555 O   ? D HOH . ? A HOH 302 ? 1_555 90.8  ? 
8  O11 ? C ATC .  ? A ATC 222 ? 1_555 MG ? B MG . ? A MG 223 ? 1_555 O   ? D HOH . ? A HOH 302 ? 1_555 100.2 ? 
9  O12 ? C ATC .  ? A ATC 222 ? 1_555 MG ? B MG . ? A MG 223 ? 1_555 O   ? D HOH . ? A HOH 302 ? 1_555 174.2 ? 
10 O   ? D HOH .  ? A HOH 301 ? 1_555 MG ? B MG . ? A MG 223 ? 1_555 O   ? D HOH . ? A HOH 302 ? 1_555 94.8  ? 
11 NE2 ? A HIS 99 ? A HIS 100 ? 1_555 MG ? B MG . ? A MG 223 ? 1_555 O   ? D HOH . ? A HOH 304 ? 1_555 101.1 ? 
12 O11 ? C ATC .  ? A ATC 222 ? 1_555 MG ? B MG . ? A MG 223 ? 1_555 O   ? D HOH . ? A HOH 304 ? 1_555 82.8  ? 
13 O12 ? C ATC .  ? A ATC 222 ? 1_555 MG ? B MG . ? A MG 223 ? 1_555 O   ? D HOH . ? A HOH 304 ? 1_555 81.7  ? 
14 O   ? D HOH .  ? A HOH 301 ? 1_555 MG ? B MG . ? A MG 223 ? 1_555 O   ? D HOH . ? A HOH 304 ? 1_555 155.1 ? 
15 O   ? D HOH .  ? A HOH 302 ? 1_555 MG ? B MG . ? A MG 223 ? 1_555 O   ? D HOH . ? A HOH 304 ? 1_555 103.3 ? 
# 
loop_
_struct_site.id 
_struct_site.pdbx_evidence_code 
_struct_site.pdbx_auth_asym_id 
_struct_site.pdbx_auth_comp_id 
_struct_site.pdbx_auth_seq_id 
_struct_site.pdbx_auth_ins_code 
_struct_site.pdbx_num_residues 
_struct_site.details 
TNE Unknown  ? ?   ?   ? 10 'TETRACYCLINE BINDING.'              
AC1 Software A MG  223 ? 5  'BINDING SITE FOR RESIDUE MG A 223'  
AC2 Software A ATC 222 ? 20 'BINDING SITE FOR RESIDUE ATC A 222' 
# 
loop_
_struct_site_gen.id 
_struct_site_gen.site_id 
_struct_site_gen.pdbx_num_res 
_struct_site_gen.label_comp_id 
_struct_site_gen.label_asym_id 
_struct_site_gen.label_seq_id 
_struct_site_gen.pdbx_auth_ins_code 
_struct_site_gen.auth_comp_id 
_struct_site_gen.auth_asym_id 
_struct_site_gen.auth_seq_id 
_struct_site_gen.label_atom_id 
_struct_site_gen.label_alt_id 
_struct_site_gen.symmetry 
_struct_site_gen.details 
1  TNE 10 HIS A 63  ? HIS A 64  . ? 1_555  ? 
2  TNE 10 ASN A 81  ? ASN A 82  . ? 1_555  ? 
3  TNE 10 PHE A 85  ? PHE A 86  . ? 1_555  ? 
4  TNE 10 HIS A 99  ? HIS A 100 . ? 1_555  ? 
5  TNE 10 THR A 102 ? THR A 103 . ? 1_555  ? 
6  TNE 10 ARG A 103 ? ARG A 104 . ? 1_555  ? 
7  TNE 10 PRO A 104 ? PRO A 105 . ? 1_555  ? 
8  TNE 10 GLN A 115 ? GLN A 116 . ? 1_555  ? 
9  TNE 10 HIS A 150 ? HIS A 151 . ? 1_555  ? 
10 TNE 10 MET A 176 ? MET A 177 . ? 1_555  ? 
11 AC1 5  HIS A 99  ? HIS A 100 . ? 1_555  ? 
12 AC1 5  ATC C .   ? ATC A 222 . ? 1_555  ? 
13 AC1 5  HOH D .   ? HOH A 301 . ? 1_555  ? 
14 AC1 5  HOH D .   ? HOH A 302 . ? 1_555  ? 
15 AC1 5  HOH D .   ? HOH A 304 . ? 1_555  ? 
16 AC2 20 HIS A 63  ? HIS A 64  . ? 1_555  ? 
17 AC2 20 SER A 66  ? SER A 67  . ? 1_555  ? 
18 AC2 20 ASN A 81  ? ASN A 82  . ? 1_555  ? 
19 AC2 20 PHE A 85  ? PHE A 86  . ? 1_555  ? 
20 AC2 20 HIS A 99  ? HIS A 100 . ? 1_555  ? 
21 AC2 20 THR A 102 ? THR A 103 . ? 1_555  ? 
22 AC2 20 ARG A 103 ? ARG A 104 . ? 1_555  ? 
23 AC2 20 GLN A 115 ? GLN A 116 . ? 1_555  ? 
24 AC2 20 ILE A 133 ? ILE A 134 . ? 1_555  ? 
25 AC2 20 SER A 137 ? SER A 138 . ? 1_555  ? 
26 AC2 20 GLU A 146 ? GLU A 147 . ? 10_665 ? 
27 AC2 20 HIS A 150 ? HIS A 151 . ? 10_665 ? 
28 AC2 20 LEU A 173 ? LEU A 174 . ? 10_665 ? 
29 AC2 20 MET A 176 ? MET A 177 . ? 10_665 ? 
30 AC2 20 MG  B .   ? MG  A 223 . ? 1_555  ? 
31 AC2 20 HOH D .   ? HOH A 301 . ? 1_555  ? 
32 AC2 20 HOH D .   ? HOH A 302 . ? 1_555  ? 
33 AC2 20 HOH D .   ? HOH A 303 . ? 1_555  ? 
34 AC2 20 HOH D .   ? HOH A 304 . ? 1_555  ? 
35 AC2 20 HOH D .   ? HOH A 314 . ? 1_555  ? 
# 
loop_
_pdbx_validate_torsion.id 
_pdbx_validate_torsion.PDB_model_num 
_pdbx_validate_torsion.auth_comp_id 
_pdbx_validate_torsion.auth_asym_id 
_pdbx_validate_torsion.auth_seq_id 
_pdbx_validate_torsion.PDB_ins_code 
_pdbx_validate_torsion.label_alt_id 
_pdbx_validate_torsion.phi 
_pdbx_validate_torsion.psi 
1 1 GLU A 122 ? ? -74.98 22.27   
2 1 LEU A 204 ? ? 51.11  -121.37 
# 
loop_
_pdbx_unobs_or_zero_occ_residues.id 
_pdbx_unobs_or_zero_occ_residues.PDB_model_num 
_pdbx_unobs_or_zero_occ_residues.polymer_flag 
_pdbx_unobs_or_zero_occ_residues.occupancy_flag 
_pdbx_unobs_or_zero_occ_residues.auth_asym_id 
_pdbx_unobs_or_zero_occ_residues.auth_comp_id 
_pdbx_unobs_or_zero_occ_residues.auth_seq_id 
_pdbx_unobs_or_zero_occ_residues.PDB_ins_code 
_pdbx_unobs_or_zero_occ_residues.label_asym_id 
_pdbx_unobs_or_zero_occ_residues.label_comp_id 
_pdbx_unobs_or_zero_occ_residues.label_seq_id 
1  1 Y 1 A LEU 155 ? A LEU 154 
2  1 Y 1 A THR 156 ? A THR 155 
3  1 Y 1 A ASP 157 ? A ASP 156 
4  1 Y 1 A ARG 158 ? A ARG 157 
5  1 Y 1 A PRO 159 ? A PRO 158 
6  1 Y 1 A ALA 160 ? A ALA 159 
7  1 Y 1 A ALA 161 ? A ALA 160 
8  1 Y 1 A PRO 162 ? A PRO 161 
9  1 Y 1 A ASP 163 ? A ASP 162 
10 1 Y 1 A GLU 164 ? A GLU 163 
# 
loop_
_chem_comp_atom.comp_id 
_chem_comp_atom.atom_id 
_chem_comp_atom.type_symbol 
_chem_comp_atom.pdbx_aromatic_flag 
_chem_comp_atom.pdbx_stereo_config 
_chem_comp_atom.pdbx_ordinal 
ALA N    N  N N 1   
ALA CA   C  N S 2   
ALA C    C  N N 3   
ALA O    O  N N 4   
ALA CB   C  N N 5   
ALA OXT  O  N N 6   
ALA H    H  N N 7   
ALA H2   H  N N 8   
ALA HA   H  N N 9   
ALA HB1  H  N N 10  
ALA HB2  H  N N 11  
ALA HB3  H  N N 12  
ALA HXT  H  N N 13  
ARG N    N  N N 14  
ARG CA   C  N S 15  
ARG C    C  N N 16  
ARG O    O  N N 17  
ARG CB   C  N N 18  
ARG CG   C  N N 19  
ARG CD   C  N N 20  
ARG NE   N  N N 21  
ARG CZ   C  N N 22  
ARG NH1  N  N N 23  
ARG NH2  N  N N 24  
ARG OXT  O  N N 25  
ARG H    H  N N 26  
ARG H2   H  N N 27  
ARG HA   H  N N 28  
ARG HB2  H  N N 29  
ARG HB3  H  N N 30  
ARG HG2  H  N N 31  
ARG HG3  H  N N 32  
ARG HD2  H  N N 33  
ARG HD3  H  N N 34  
ARG HE   H  N N 35  
ARG HH11 H  N N 36  
ARG HH12 H  N N 37  
ARG HH21 H  N N 38  
ARG HH22 H  N N 39  
ARG HXT  H  N N 40  
ASN N    N  N N 41  
ASN CA   C  N S 42  
ASN C    C  N N 43  
ASN O    O  N N 44  
ASN CB   C  N N 45  
ASN CG   C  N N 46  
ASN OD1  O  N N 47  
ASN ND2  N  N N 48  
ASN OXT  O  N N 49  
ASN H    H  N N 50  
ASN H2   H  N N 51  
ASN HA   H  N N 52  
ASN HB2  H  N N 53  
ASN HB3  H  N N 54  
ASN HD21 H  N N 55  
ASN HD22 H  N N 56  
ASN HXT  H  N N 57  
ASP N    N  N N 58  
ASP CA   C  N S 59  
ASP C    C  N N 60  
ASP O    O  N N 61  
ASP CB   C  N N 62  
ASP CG   C  N N 63  
ASP OD1  O  N N 64  
ASP OD2  O  N N 65  
ASP OXT  O  N N 66  
ASP H    H  N N 67  
ASP H2   H  N N 68  
ASP HA   H  N N 69  
ASP HB2  H  N N 70  
ASP HB3  H  N N 71  
ASP HD2  H  N N 72  
ASP HXT  H  N N 73  
ATC C1   C  N N 74  
ATC O1   O  N N 75  
ATC C2   C  N N 76  
ATC C21  C  N N 77  
ATC O21  O  N N 78  
ATC N21  N  N N 79  
ATC C3   C  N N 80  
ATC O3   O  N N 81  
ATC C4   C  N S 82  
ATC N4   N  N N 83  
ATC C42  C  N N 84  
ATC C43  C  N N 85  
ATC C41  C  N S 86  
ATC C5   C  N N 87  
ATC C51  C  N R 88  
ATC C6   C  N N 89  
ATC C61  C  Y N 90  
ATC C7   C  Y N 91  
ATC C8   C  Y N 92  
ATC C9   C  Y N 93  
ATC C10  C  Y N 94  
ATC O10  O  N N 95  
ATC C1A  C  Y N 96  
ATC C11  C  N N 97  
ATC O11  O  N N 98  
ATC C1B  C  N N 99  
ATC C12  C  N N 100 
ATC O12  O  N N 101 
ATC C1C  C  N S 102 
ATC O1C  O  N N 103 
ATC N9   N  N N 104 
ATC C91  C  N N 105 
ATC O91  O  N N 106 
ATC C92  C  N N 107 
ATC N92  N  N N 108 
ATC C93  C  N N 109 
ATC C94  C  N N 110 
ATC HN21 H  N N 111 
ATC HN22 H  N N 112 
ATC HO3  H  N N 113 
ATC H4   H  N N 114 
ATC H421 H  N N 115 
ATC H422 H  N N 116 
ATC H423 H  N N 117 
ATC H431 H  N N 118 
ATC H432 H  N N 119 
ATC H433 H  N N 120 
ATC H41  H  N N 121 
ATC H51A H  N N 122 
ATC H52  H  N N 123 
ATC H51  H  N N 124 
ATC H61  H  N N 125 
ATC H62  H  N N 126 
ATC H7   H  N N 127 
ATC H8   H  N N 128 
ATC H10  H  N N 129 
ATC HO2  H  N N 130 
ATC HOC1 H  N N 131 
ATC HN9  H  N N 132 
ATC H921 H  N N 133 
ATC H922 H  N N 134 
ATC H931 H  N N 135 
ATC H932 H  N N 136 
ATC H933 H  N N 137 
ATC H941 H  N N 138 
ATC H942 H  N N 139 
ATC H943 H  N N 140 
GLN N    N  N N 141 
GLN CA   C  N S 142 
GLN C    C  N N 143 
GLN O    O  N N 144 
GLN CB   C  N N 145 
GLN CG   C  N N 146 
GLN CD   C  N N 147 
GLN OE1  O  N N 148 
GLN NE2  N  N N 149 
GLN OXT  O  N N 150 
GLN H    H  N N 151 
GLN H2   H  N N 152 
GLN HA   H  N N 153 
GLN HB2  H  N N 154 
GLN HB3  H  N N 155 
GLN HG2  H  N N 156 
GLN HG3  H  N N 157 
GLN HE21 H  N N 158 
GLN HE22 H  N N 159 
GLN HXT  H  N N 160 
GLU N    N  N N 161 
GLU CA   C  N S 162 
GLU C    C  N N 163 
GLU O    O  N N 164 
GLU CB   C  N N 165 
GLU CG   C  N N 166 
GLU CD   C  N N 167 
GLU OE1  O  N N 168 
GLU OE2  O  N N 169 
GLU OXT  O  N N 170 
GLU H    H  N N 171 
GLU H2   H  N N 172 
GLU HA   H  N N 173 
GLU HB2  H  N N 174 
GLU HB3  H  N N 175 
GLU HG2  H  N N 176 
GLU HG3  H  N N 177 
GLU HE2  H  N N 178 
GLU HXT  H  N N 179 
GLY N    N  N N 180 
GLY CA   C  N N 181 
GLY C    C  N N 182 
GLY O    O  N N 183 
GLY OXT  O  N N 184 
GLY H    H  N N 185 
GLY H2   H  N N 186 
GLY HA2  H  N N 187 
GLY HA3  H  N N 188 
GLY HXT  H  N N 189 
HIS N    N  N N 190 
HIS CA   C  N S 191 
HIS C    C  N N 192 
HIS O    O  N N 193 
HIS CB   C  N N 194 
HIS CG   C  Y N 195 
HIS ND1  N  Y N 196 
HIS CD2  C  Y N 197 
HIS CE1  C  Y N 198 
HIS NE2  N  Y N 199 
HIS OXT  O  N N 200 
HIS H    H  N N 201 
HIS H2   H  N N 202 
HIS HA   H  N N 203 
HIS HB2  H  N N 204 
HIS HB3  H  N N 205 
HIS HD1  H  N N 206 
HIS HD2  H  N N 207 
HIS HE1  H  N N 208 
HIS HE2  H  N N 209 
HIS HXT  H  N N 210 
HOH O    O  N N 211 
HOH H1   H  N N 212 
HOH H2   H  N N 213 
ILE N    N  N N 214 
ILE CA   C  N S 215 
ILE C    C  N N 216 
ILE O    O  N N 217 
ILE CB   C  N S 218 
ILE CG1  C  N N 219 
ILE CG2  C  N N 220 
ILE CD1  C  N N 221 
ILE OXT  O  N N 222 
ILE H    H  N N 223 
ILE H2   H  N N 224 
ILE HA   H  N N 225 
ILE HB   H  N N 226 
ILE HG12 H  N N 227 
ILE HG13 H  N N 228 
ILE HG21 H  N N 229 
ILE HG22 H  N N 230 
ILE HG23 H  N N 231 
ILE HD11 H  N N 232 
ILE HD12 H  N N 233 
ILE HD13 H  N N 234 
ILE HXT  H  N N 235 
LEU N    N  N N 236 
LEU CA   C  N S 237 
LEU C    C  N N 238 
LEU O    O  N N 239 
LEU CB   C  N N 240 
LEU CG   C  N N 241 
LEU CD1  C  N N 242 
LEU CD2  C  N N 243 
LEU OXT  O  N N 244 
LEU H    H  N N 245 
LEU H2   H  N N 246 
LEU HA   H  N N 247 
LEU HB2  H  N N 248 
LEU HB3  H  N N 249 
LEU HG   H  N N 250 
LEU HD11 H  N N 251 
LEU HD12 H  N N 252 
LEU HD13 H  N N 253 
LEU HD21 H  N N 254 
LEU HD22 H  N N 255 
LEU HD23 H  N N 256 
LEU HXT  H  N N 257 
LYS N    N  N N 258 
LYS CA   C  N S 259 
LYS C    C  N N 260 
LYS O    O  N N 261 
LYS CB   C  N N 262 
LYS CG   C  N N 263 
LYS CD   C  N N 264 
LYS CE   C  N N 265 
LYS NZ   N  N N 266 
LYS OXT  O  N N 267 
LYS H    H  N N 268 
LYS H2   H  N N 269 
LYS HA   H  N N 270 
LYS HB2  H  N N 271 
LYS HB3  H  N N 272 
LYS HG2  H  N N 273 
LYS HG3  H  N N 274 
LYS HD2  H  N N 275 
LYS HD3  H  N N 276 
LYS HE2  H  N N 277 
LYS HE3  H  N N 278 
LYS HZ1  H  N N 279 
LYS HZ2  H  N N 280 
LYS HZ3  H  N N 281 
LYS HXT  H  N N 282 
MET N    N  N N 283 
MET CA   C  N S 284 
MET C    C  N N 285 
MET O    O  N N 286 
MET CB   C  N N 287 
MET CG   C  N N 288 
MET SD   S  N N 289 
MET CE   C  N N 290 
MET OXT  O  N N 291 
MET H    H  N N 292 
MET H2   H  N N 293 
MET HA   H  N N 294 
MET HB2  H  N N 295 
MET HB3  H  N N 296 
MET HG2  H  N N 297 
MET HG3  H  N N 298 
MET HE1  H  N N 299 
MET HE2  H  N N 300 
MET HE3  H  N N 301 
MET HXT  H  N N 302 
MG  MG   MG N N 303 
PHE N    N  N N 304 
PHE CA   C  N S 305 
PHE C    C  N N 306 
PHE O    O  N N 307 
PHE CB   C  N N 308 
PHE CG   C  Y N 309 
PHE CD1  C  Y N 310 
PHE CD2  C  Y N 311 
PHE CE1  C  Y N 312 
PHE CE2  C  Y N 313 
PHE CZ   C  Y N 314 
PHE OXT  O  N N 315 
PHE H    H  N N 316 
PHE H2   H  N N 317 
PHE HA   H  N N 318 
PHE HB2  H  N N 319 
PHE HB3  H  N N 320 
PHE HD1  H  N N 321 
PHE HD2  H  N N 322 
PHE HE1  H  N N 323 
PHE HE2  H  N N 324 
PHE HZ   H  N N 325 
PHE HXT  H  N N 326 
PRO N    N  N N 327 
PRO CA   C  N S 328 
PRO C    C  N N 329 
PRO O    O  N N 330 
PRO CB   C  N N 331 
PRO CG   C  N N 332 
PRO CD   C  N N 333 
PRO OXT  O  N N 334 
PRO H    H  N N 335 
PRO HA   H  N N 336 
PRO HB2  H  N N 337 
PRO HB3  H  N N 338 
PRO HG2  H  N N 339 
PRO HG3  H  N N 340 
PRO HD2  H  N N 341 
PRO HD3  H  N N 342 
PRO HXT  H  N N 343 
SER N    N  N N 344 
SER CA   C  N S 345 
SER C    C  N N 346 
SER O    O  N N 347 
SER CB   C  N N 348 
SER OG   O  N N 349 
SER OXT  O  N N 350 
SER H    H  N N 351 
SER H2   H  N N 352 
SER HA   H  N N 353 
SER HB2  H  N N 354 
SER HB3  H  N N 355 
SER HG   H  N N 356 
SER HXT  H  N N 357 
THR N    N  N N 358 
THR CA   C  N S 359 
THR C    C  N N 360 
THR O    O  N N 361 
THR CB   C  N R 362 
THR OG1  O  N N 363 
THR CG2  C  N N 364 
THR OXT  O  N N 365 
THR H    H  N N 366 
THR H2   H  N N 367 
THR HA   H  N N 368 
THR HB   H  N N 369 
THR HG1  H  N N 370 
THR HG21 H  N N 371 
THR HG22 H  N N 372 
THR HG23 H  N N 373 
THR HXT  H  N N 374 
TRP N    N  N N 375 
TRP CA   C  N S 376 
TRP C    C  N N 377 
TRP O    O  N N 378 
TRP CB   C  N N 379 
TRP CG   C  Y N 380 
TRP CD1  C  Y N 381 
TRP CD2  C  Y N 382 
TRP NE1  N  Y N 383 
TRP CE2  C  Y N 384 
TRP CE3  C  Y N 385 
TRP CZ2  C  Y N 386 
TRP CZ3  C  Y N 387 
TRP CH2  C  Y N 388 
TRP OXT  O  N N 389 
TRP H    H  N N 390 
TRP H2   H  N N 391 
TRP HA   H  N N 392 
TRP HB2  H  N N 393 
TRP HB3  H  N N 394 
TRP HD1  H  N N 395 
TRP HE1  H  N N 396 
TRP HE3  H  N N 397 
TRP HZ2  H  N N 398 
TRP HZ3  H  N N 399 
TRP HH2  H  N N 400 
TRP HXT  H  N N 401 
TYR N    N  N N 402 
TYR CA   C  N S 403 
TYR C    C  N N 404 
TYR O    O  N N 405 
TYR CB   C  N N 406 
TYR CG   C  Y N 407 
TYR CD1  C  Y N 408 
TYR CD2  C  Y N 409 
TYR CE1  C  Y N 410 
TYR CE2  C  Y N 411 
TYR CZ   C  Y N 412 
TYR OH   O  N N 413 
TYR OXT  O  N N 414 
TYR H    H  N N 415 
TYR H2   H  N N 416 
TYR HA   H  N N 417 
TYR HB2  H  N N 418 
TYR HB3  H  N N 419 
TYR HD1  H  N N 420 
TYR HD2  H  N N 421 
TYR HE1  H  N N 422 
TYR HE2  H  N N 423 
TYR HH   H  N N 424 
TYR HXT  H  N N 425 
VAL N    N  N N 426 
VAL CA   C  N S 427 
VAL C    C  N N 428 
VAL O    O  N N 429 
VAL CB   C  N N 430 
VAL CG1  C  N N 431 
VAL CG2  C  N N 432 
VAL OXT  O  N N 433 
VAL H    H  N N 434 
VAL H2   H  N N 435 
VAL HA   H  N N 436 
VAL HB   H  N N 437 
VAL HG11 H  N N 438 
VAL HG12 H  N N 439 
VAL HG13 H  N N 440 
VAL HG21 H  N N 441 
VAL HG22 H  N N 442 
VAL HG23 H  N N 443 
VAL HXT  H  N N 444 
# 
loop_
_chem_comp_bond.comp_id 
_chem_comp_bond.atom_id_1 
_chem_comp_bond.atom_id_2 
_chem_comp_bond.value_order 
_chem_comp_bond.pdbx_aromatic_flag 
_chem_comp_bond.pdbx_stereo_config 
_chem_comp_bond.pdbx_ordinal 
ALA N   CA   sing N N 1   
ALA N   H    sing N N 2   
ALA N   H2   sing N N 3   
ALA CA  C    sing N N 4   
ALA CA  CB   sing N N 5   
ALA CA  HA   sing N N 6   
ALA C   O    doub N N 7   
ALA C   OXT  sing N N 8   
ALA CB  HB1  sing N N 9   
ALA CB  HB2  sing N N 10  
ALA CB  HB3  sing N N 11  
ALA OXT HXT  sing N N 12  
ARG N   CA   sing N N 13  
ARG N   H    sing N N 14  
ARG N   H2   sing N N 15  
ARG CA  C    sing N N 16  
ARG CA  CB   sing N N 17  
ARG CA  HA   sing N N 18  
ARG C   O    doub N N 19  
ARG C   OXT  sing N N 20  
ARG CB  CG   sing N N 21  
ARG CB  HB2  sing N N 22  
ARG CB  HB3  sing N N 23  
ARG CG  CD   sing N N 24  
ARG CG  HG2  sing N N 25  
ARG CG  HG3  sing N N 26  
ARG CD  NE   sing N N 27  
ARG CD  HD2  sing N N 28  
ARG CD  HD3  sing N N 29  
ARG NE  CZ   sing N N 30  
ARG NE  HE   sing N N 31  
ARG CZ  NH1  sing N N 32  
ARG CZ  NH2  doub N N 33  
ARG NH1 HH11 sing N N 34  
ARG NH1 HH12 sing N N 35  
ARG NH2 HH21 sing N N 36  
ARG NH2 HH22 sing N N 37  
ARG OXT HXT  sing N N 38  
ASN N   CA   sing N N 39  
ASN N   H    sing N N 40  
ASN N   H2   sing N N 41  
ASN CA  C    sing N N 42  
ASN CA  CB   sing N N 43  
ASN CA  HA   sing N N 44  
ASN C   O    doub N N 45  
ASN C   OXT  sing N N 46  
ASN CB  CG   sing N N 47  
ASN CB  HB2  sing N N 48  
ASN CB  HB3  sing N N 49  
ASN CG  OD1  doub N N 50  
ASN CG  ND2  sing N N 51  
ASN ND2 HD21 sing N N 52  
ASN ND2 HD22 sing N N 53  
ASN OXT HXT  sing N N 54  
ASP N   CA   sing N N 55  
ASP N   H    sing N N 56  
ASP N   H2   sing N N 57  
ASP CA  C    sing N N 58  
ASP CA  CB   sing N N 59  
ASP CA  HA   sing N N 60  
ASP C   O    doub N N 61  
ASP C   OXT  sing N N 62  
ASP CB  CG   sing N N 63  
ASP CB  HB2  sing N N 64  
ASP CB  HB3  sing N N 65  
ASP CG  OD1  doub N N 66  
ASP CG  OD2  sing N N 67  
ASP OD2 HD2  sing N N 68  
ASP OXT HXT  sing N N 69  
ATC C1  O1   doub N N 70  
ATC C1  C2   sing N N 71  
ATC C1  C1C  sing N N 72  
ATC C2  C21  sing N N 73  
ATC C2  C3   doub N N 74  
ATC C21 O21  doub N N 75  
ATC C21 N21  sing N N 76  
ATC N21 HN21 sing N N 77  
ATC N21 HN22 sing N N 78  
ATC C3  O3   sing N N 79  
ATC C3  C4   sing N N 80  
ATC O3  HO3  sing N N 81  
ATC C4  N4   sing N N 82  
ATC C4  C41  sing N N 83  
ATC C4  H4   sing N N 84  
ATC N4  C42  sing N N 85  
ATC N4  C43  sing N N 86  
ATC C42 H421 sing N N 87  
ATC C42 H422 sing N N 88  
ATC C42 H423 sing N N 89  
ATC C43 H431 sing N N 90  
ATC C43 H432 sing N N 91  
ATC C43 H433 sing N N 92  
ATC C41 C5   sing N N 93  
ATC C41 C1C  sing N N 94  
ATC C41 H41  sing N N 95  
ATC C5  C51  sing N N 96  
ATC C5  H51A sing N N 97  
ATC C5  H52  sing N N 98  
ATC C51 C6   sing N N 99  
ATC C51 C1B  sing N N 100 
ATC C51 H51  sing N N 101 
ATC C6  C61  sing N N 102 
ATC C6  H61  sing N N 103 
ATC C6  H62  sing N N 104 
ATC C61 C7   doub Y N 105 
ATC C61 C1A  sing Y N 106 
ATC C7  C8   sing Y N 107 
ATC C7  H7   sing N N 108 
ATC C8  C9   doub Y N 109 
ATC C8  H8   sing N N 110 
ATC C9  C10  sing Y N 111 
ATC C9  N9   sing N N 112 
ATC C10 O10  sing N N 113 
ATC C10 C1A  doub Y N 114 
ATC O10 H10  sing N N 115 
ATC C1A C11  sing N N 116 
ATC C11 O11  doub N N 117 
ATC C11 C1B  sing N N 118 
ATC C1B C12  doub N N 119 
ATC C12 O12  sing N N 120 
ATC C12 C1C  sing N N 121 
ATC O12 HO2  sing N N 122 
ATC C1C O1C  sing N N 123 
ATC O1C HOC1 sing N N 124 
ATC N9  C91  sing N N 125 
ATC N9  HN9  sing N N 126 
ATC C91 O91  doub N N 127 
ATC C91 C92  sing N N 128 
ATC C92 N92  sing N N 129 
ATC C92 H921 sing N N 130 
ATC C92 H922 sing N N 131 
ATC N92 C93  sing N N 132 
ATC N92 C94  sing N N 133 
ATC C93 H931 sing N N 134 
ATC C93 H932 sing N N 135 
ATC C93 H933 sing N N 136 
ATC C94 H941 sing N N 137 
ATC C94 H942 sing N N 138 
ATC C94 H943 sing N N 139 
GLN N   CA   sing N N 140 
GLN N   H    sing N N 141 
GLN N   H2   sing N N 142 
GLN CA  C    sing N N 143 
GLN CA  CB   sing N N 144 
GLN CA  HA   sing N N 145 
GLN C   O    doub N N 146 
GLN C   OXT  sing N N 147 
GLN CB  CG   sing N N 148 
GLN CB  HB2  sing N N 149 
GLN CB  HB3  sing N N 150 
GLN CG  CD   sing N N 151 
GLN CG  HG2  sing N N 152 
GLN CG  HG3  sing N N 153 
GLN CD  OE1  doub N N 154 
GLN CD  NE2  sing N N 155 
GLN NE2 HE21 sing N N 156 
GLN NE2 HE22 sing N N 157 
GLN OXT HXT  sing N N 158 
GLU N   CA   sing N N 159 
GLU N   H    sing N N 160 
GLU N   H2   sing N N 161 
GLU CA  C    sing N N 162 
GLU CA  CB   sing N N 163 
GLU CA  HA   sing N N 164 
GLU C   O    doub N N 165 
GLU C   OXT  sing N N 166 
GLU CB  CG   sing N N 167 
GLU CB  HB2  sing N N 168 
GLU CB  HB3  sing N N 169 
GLU CG  CD   sing N N 170 
GLU CG  HG2  sing N N 171 
GLU CG  HG3  sing N N 172 
GLU CD  OE1  doub N N 173 
GLU CD  OE2  sing N N 174 
GLU OE2 HE2  sing N N 175 
GLU OXT HXT  sing N N 176 
GLY N   CA   sing N N 177 
GLY N   H    sing N N 178 
GLY N   H2   sing N N 179 
GLY CA  C    sing N N 180 
GLY CA  HA2  sing N N 181 
GLY CA  HA3  sing N N 182 
GLY C   O    doub N N 183 
GLY C   OXT  sing N N 184 
GLY OXT HXT  sing N N 185 
HIS N   CA   sing N N 186 
HIS N   H    sing N N 187 
HIS N   H2   sing N N 188 
HIS CA  C    sing N N 189 
HIS CA  CB   sing N N 190 
HIS CA  HA   sing N N 191 
HIS C   O    doub N N 192 
HIS C   OXT  sing N N 193 
HIS CB  CG   sing N N 194 
HIS CB  HB2  sing N N 195 
HIS CB  HB3  sing N N 196 
HIS CG  ND1  sing Y N 197 
HIS CG  CD2  doub Y N 198 
HIS ND1 CE1  doub Y N 199 
HIS ND1 HD1  sing N N 200 
HIS CD2 NE2  sing Y N 201 
HIS CD2 HD2  sing N N 202 
HIS CE1 NE2  sing Y N 203 
HIS CE1 HE1  sing N N 204 
HIS NE2 HE2  sing N N 205 
HIS OXT HXT  sing N N 206 
HOH O   H1   sing N N 207 
HOH O   H2   sing N N 208 
ILE N   CA   sing N N 209 
ILE N   H    sing N N 210 
ILE N   H2   sing N N 211 
ILE CA  C    sing N N 212 
ILE CA  CB   sing N N 213 
ILE CA  HA   sing N N 214 
ILE C   O    doub N N 215 
ILE C   OXT  sing N N 216 
ILE CB  CG1  sing N N 217 
ILE CB  CG2  sing N N 218 
ILE CB  HB   sing N N 219 
ILE CG1 CD1  sing N N 220 
ILE CG1 HG12 sing N N 221 
ILE CG1 HG13 sing N N 222 
ILE CG2 HG21 sing N N 223 
ILE CG2 HG22 sing N N 224 
ILE CG2 HG23 sing N N 225 
ILE CD1 HD11 sing N N 226 
ILE CD1 HD12 sing N N 227 
ILE CD1 HD13 sing N N 228 
ILE OXT HXT  sing N N 229 
LEU N   CA   sing N N 230 
LEU N   H    sing N N 231 
LEU N   H2   sing N N 232 
LEU CA  C    sing N N 233 
LEU CA  CB   sing N N 234 
LEU CA  HA   sing N N 235 
LEU C   O    doub N N 236 
LEU C   OXT  sing N N 237 
LEU CB  CG   sing N N 238 
LEU CB  HB2  sing N N 239 
LEU CB  HB3  sing N N 240 
LEU CG  CD1  sing N N 241 
LEU CG  CD2  sing N N 242 
LEU CG  HG   sing N N 243 
LEU CD1 HD11 sing N N 244 
LEU CD1 HD12 sing N N 245 
LEU CD1 HD13 sing N N 246 
LEU CD2 HD21 sing N N 247 
LEU CD2 HD22 sing N N 248 
LEU CD2 HD23 sing N N 249 
LEU OXT HXT  sing N N 250 
LYS N   CA   sing N N 251 
LYS N   H    sing N N 252 
LYS N   H2   sing N N 253 
LYS CA  C    sing N N 254 
LYS CA  CB   sing N N 255 
LYS CA  HA   sing N N 256 
LYS C   O    doub N N 257 
LYS C   OXT  sing N N 258 
LYS CB  CG   sing N N 259 
LYS CB  HB2  sing N N 260 
LYS CB  HB3  sing N N 261 
LYS CG  CD   sing N N 262 
LYS CG  HG2  sing N N 263 
LYS CG  HG3  sing N N 264 
LYS CD  CE   sing N N 265 
LYS CD  HD2  sing N N 266 
LYS CD  HD3  sing N N 267 
LYS CE  NZ   sing N N 268 
LYS CE  HE2  sing N N 269 
LYS CE  HE3  sing N N 270 
LYS NZ  HZ1  sing N N 271 
LYS NZ  HZ2  sing N N 272 
LYS NZ  HZ3  sing N N 273 
LYS OXT HXT  sing N N 274 
MET N   CA   sing N N 275 
MET N   H    sing N N 276 
MET N   H2   sing N N 277 
MET CA  C    sing N N 278 
MET CA  CB   sing N N 279 
MET CA  HA   sing N N 280 
MET C   O    doub N N 281 
MET C   OXT  sing N N 282 
MET CB  CG   sing N N 283 
MET CB  HB2  sing N N 284 
MET CB  HB3  sing N N 285 
MET CG  SD   sing N N 286 
MET CG  HG2  sing N N 287 
MET CG  HG3  sing N N 288 
MET SD  CE   sing N N 289 
MET CE  HE1  sing N N 290 
MET CE  HE2  sing N N 291 
MET CE  HE3  sing N N 292 
MET OXT HXT  sing N N 293 
PHE N   CA   sing N N 294 
PHE N   H    sing N N 295 
PHE N   H2   sing N N 296 
PHE CA  C    sing N N 297 
PHE CA  CB   sing N N 298 
PHE CA  HA   sing N N 299 
PHE C   O    doub N N 300 
PHE C   OXT  sing N N 301 
PHE CB  CG   sing N N 302 
PHE CB  HB2  sing N N 303 
PHE CB  HB3  sing N N 304 
PHE CG  CD1  doub Y N 305 
PHE CG  CD2  sing Y N 306 
PHE CD1 CE1  sing Y N 307 
PHE CD1 HD1  sing N N 308 
PHE CD2 CE2  doub Y N 309 
PHE CD2 HD2  sing N N 310 
PHE CE1 CZ   doub Y N 311 
PHE CE1 HE1  sing N N 312 
PHE CE2 CZ   sing Y N 313 
PHE CE2 HE2  sing N N 314 
PHE CZ  HZ   sing N N 315 
PHE OXT HXT  sing N N 316 
PRO N   CA   sing N N 317 
PRO N   CD   sing N N 318 
PRO N   H    sing N N 319 
PRO CA  C    sing N N 320 
PRO CA  CB   sing N N 321 
PRO CA  HA   sing N N 322 
PRO C   O    doub N N 323 
PRO C   OXT  sing N N 324 
PRO CB  CG   sing N N 325 
PRO CB  HB2  sing N N 326 
PRO CB  HB3  sing N N 327 
PRO CG  CD   sing N N 328 
PRO CG  HG2  sing N N 329 
PRO CG  HG3  sing N N 330 
PRO CD  HD2  sing N N 331 
PRO CD  HD3  sing N N 332 
PRO OXT HXT  sing N N 333 
SER N   CA   sing N N 334 
SER N   H    sing N N 335 
SER N   H2   sing N N 336 
SER CA  C    sing N N 337 
SER CA  CB   sing N N 338 
SER CA  HA   sing N N 339 
SER C   O    doub N N 340 
SER C   OXT  sing N N 341 
SER CB  OG   sing N N 342 
SER CB  HB2  sing N N 343 
SER CB  HB3  sing N N 344 
SER OG  HG   sing N N 345 
SER OXT HXT  sing N N 346 
THR N   CA   sing N N 347 
THR N   H    sing N N 348 
THR N   H2   sing N N 349 
THR CA  C    sing N N 350 
THR CA  CB   sing N N 351 
THR CA  HA   sing N N 352 
THR C   O    doub N N 353 
THR C   OXT  sing N N 354 
THR CB  OG1  sing N N 355 
THR CB  CG2  sing N N 356 
THR CB  HB   sing N N 357 
THR OG1 HG1  sing N N 358 
THR CG2 HG21 sing N N 359 
THR CG2 HG22 sing N N 360 
THR CG2 HG23 sing N N 361 
THR OXT HXT  sing N N 362 
TRP N   CA   sing N N 363 
TRP N   H    sing N N 364 
TRP N   H2   sing N N 365 
TRP CA  C    sing N N 366 
TRP CA  CB   sing N N 367 
TRP CA  HA   sing N N 368 
TRP C   O    doub N N 369 
TRP C   OXT  sing N N 370 
TRP CB  CG   sing N N 371 
TRP CB  HB2  sing N N 372 
TRP CB  HB3  sing N N 373 
TRP CG  CD1  doub Y N 374 
TRP CG  CD2  sing Y N 375 
TRP CD1 NE1  sing Y N 376 
TRP CD1 HD1  sing N N 377 
TRP CD2 CE2  doub Y N 378 
TRP CD2 CE3  sing Y N 379 
TRP NE1 CE2  sing Y N 380 
TRP NE1 HE1  sing N N 381 
TRP CE2 CZ2  sing Y N 382 
TRP CE3 CZ3  doub Y N 383 
TRP CE3 HE3  sing N N 384 
TRP CZ2 CH2  doub Y N 385 
TRP CZ2 HZ2  sing N N 386 
TRP CZ3 CH2  sing Y N 387 
TRP CZ3 HZ3  sing N N 388 
TRP CH2 HH2  sing N N 389 
TRP OXT HXT  sing N N 390 
TYR N   CA   sing N N 391 
TYR N   H    sing N N 392 
TYR N   H2   sing N N 393 
TYR CA  C    sing N N 394 
TYR CA  CB   sing N N 395 
TYR CA  HA   sing N N 396 
TYR C   O    doub N N 397 
TYR C   OXT  sing N N 398 
TYR CB  CG   sing N N 399 
TYR CB  HB2  sing N N 400 
TYR CB  HB3  sing N N 401 
TYR CG  CD1  doub Y N 402 
TYR CG  CD2  sing Y N 403 
TYR CD1 CE1  sing Y N 404 
TYR CD1 HD1  sing N N 405 
TYR CD2 CE2  doub Y N 406 
TYR CD2 HD2  sing N N 407 
TYR CE1 CZ   doub Y N 408 
TYR CE1 HE1  sing N N 409 
TYR CE2 CZ   sing Y N 410 
TYR CE2 HE2  sing N N 411 
TYR CZ  OH   sing N N 412 
TYR OH  HH   sing N N 413 
TYR OXT HXT  sing N N 414 
VAL N   CA   sing N N 415 
VAL N   H    sing N N 416 
VAL N   H2   sing N N 417 
VAL CA  C    sing N N 418 
VAL CA  CB   sing N N 419 
VAL CA  HA   sing N N 420 
VAL C   O    doub N N 421 
VAL C   OXT  sing N N 422 
VAL CB  CG1  sing N N 423 
VAL CB  CG2  sing N N 424 
VAL CB  HB   sing N N 425 
VAL CG1 HG11 sing N N 426 
VAL CG1 HG12 sing N N 427 
VAL CG1 HG13 sing N N 428 
VAL CG2 HG21 sing N N 429 
VAL CG2 HG22 sing N N 430 
VAL CG2 HG23 sing N N 431 
VAL OXT HXT  sing N N 432 
# 
_pdbx_initial_refinement_model.id               1 
_pdbx_initial_refinement_model.entity_id_list   ? 
_pdbx_initial_refinement_model.type             'experimental model' 
_pdbx_initial_refinement_model.source_name      PDB 
_pdbx_initial_refinement_model.accession_code   2TCT 
_pdbx_initial_refinement_model.details          ? 
# 
_atom_sites.entry_id                    1ORK 
_atom_sites.fract_transf_matrix[1][1]   -0.00268398 
_atom_sites.fract_transf_matrix[1][2]   0.01321022 
_atom_sites.fract_transf_matrix[1][3]   -0.00535550 
_atom_sites.fract_transf_matrix[2][1]   0.01425084 
_atom_sites.fract_transf_matrix[2][2]   0.00261043 
_atom_sites.fract_transf_matrix[2][3]   -0.00070292 
_atom_sites.fract_transf_matrix[3][1]   0.00012345 
_atom_sites.fract_transf_matrix[3][2]   -0.00205670 
_atom_sites.fract_transf_matrix[3][3]   -0.00513506 
_atom_sites.fract_transf_vector[1]      0.370818 
_atom_sites.fract_transf_vector[2]      0.440842 
_atom_sites.fract_transf_vector[3]      0.173892 
# 
loop_
_atom_type.symbol 
C  
MG 
N  
O  
S  
# 
loop_
_atom_site.group_PDB 
_atom_site.id 
_atom_site.type_symbol 
_atom_site.label_atom_id 
_atom_site.label_alt_id 
_atom_site.label_comp_id 
_atom_site.label_asym_id 
_atom_site.label_entity_id 
_atom_site.label_seq_id 
_atom_site.pdbx_PDB_ins_code 
_atom_site.Cartn_x 
_atom_site.Cartn_y 
_atom_site.Cartn_z 
_atom_site.occupancy 
_atom_site.B_iso_or_equiv 
_atom_site.pdbx_formal_charge 
_atom_site.auth_seq_id 
_atom_site.auth_comp_id 
_atom_site.auth_asym_id 
_atom_site.auth_atom_id 
_atom_site.pdbx_PDB_model_num 
ATOM   1    N  N   . SER A 1 1   ? -7.781  -4.033  28.393  1.00 70.26 ? 2   SER A N   1 
ATOM   2    C  CA  . SER A 1 1   ? -7.769  -5.276  27.573  1.00 70.37 ? 2   SER A CA  1 
ATOM   3    C  C   . SER A 1 1   ? -6.476  -6.030  27.863  1.00 68.50 ? 2   SER A C   1 
ATOM   4    O  O   . SER A 1 1   ? -5.797  -5.732  28.847  1.00 67.19 ? 2   SER A O   1 
ATOM   5    C  CB  . SER A 1 1   ? -7.860  -4.928  26.078  1.00 71.82 ? 2   SER A CB  1 
ATOM   6    O  OG  . SER A 1 1   ? -8.991  -4.111  25.811  1.00 74.25 ? 2   SER A OG  1 
ATOM   7    N  N   . ARG A 1 2   ? -6.153  -7.014  27.025  1.00 67.26 ? 3   ARG A N   1 
ATOM   8    C  CA  . ARG A 1 2   ? -4.935  -7.801  27.191  1.00 63.58 ? 3   ARG A CA  1 
ATOM   9    C  C   . ARG A 1 2   ? -3.804  -7.079  26.472  1.00 60.14 ? 3   ARG A C   1 
ATOM   10   O  O   . ARG A 1 2   ? -4.051  -6.270  25.571  1.00 57.82 ? 3   ARG A O   1 
ATOM   11   C  CB  . ARG A 1 2   ? -5.126  -9.208  26.622  1.00 64.19 ? 3   ARG A CB  1 
ATOM   12   C  CG  . ARG A 1 2   ? -4.028  -10.171 27.006  1.00 66.47 ? 3   ARG A CG  1 
ATOM   13   C  CD  . ARG A 1 2   ? -4.311  -11.567 26.494  1.00 69.70 ? 3   ARG A CD  1 
ATOM   14   N  NE  . ARG A 1 2   ? -3.157  -12.450 26.673  1.00 74.52 ? 3   ARG A NE  1 
ATOM   15   C  CZ  . ARG A 1 2   ? -2.998  -13.625 26.061  1.00 75.60 ? 3   ARG A CZ  1 
ATOM   16   N  NH1 . ARG A 1 2   ? -3.924  -14.073 25.224  1.00 76.94 ? 3   ARG A NH1 1 
ATOM   17   N  NH2 . ARG A 1 2   ? -1.909  -14.355 26.286  1.00 74.92 ? 3   ARG A NH2 1 
ATOM   18   N  N   . LEU A 1 3   ? -2.573  -7.335  26.895  1.00 57.16 ? 4   LEU A N   1 
ATOM   19   C  CA  . LEU A 1 3   ? -1.432  -6.677  26.282  1.00 56.82 ? 4   LEU A CA  1 
ATOM   20   C  C   . LEU A 1 3   ? -0.402  -7.631  25.720  1.00 57.57 ? 4   LEU A C   1 
ATOM   21   O  O   . LEU A 1 3   ? 0.517   -8.066  26.415  1.00 59.43 ? 4   LEU A O   1 
ATOM   22   C  CB  . LEU A 1 3   ? -0.758  -5.719  27.259  1.00 54.45 ? 4   LEU A CB  1 
ATOM   23   C  CG  . LEU A 1 3   ? -1.566  -4.495  27.664  1.00 53.20 ? 4   LEU A CG  1 
ATOM   24   C  CD1 . LEU A 1 3   ? -0.723  -3.656  28.575  1.00 52.34 ? 4   LEU A CD1 1 
ATOM   25   C  CD2 . LEU A 1 3   ? -1.979  -3.703  26.440  1.00 51.49 ? 4   LEU A CD2 1 
ATOM   26   N  N   . ASN A 1 4   ? -0.590  -7.971  24.455  1.00 57.72 ? 5   ASN A N   1 
ATOM   27   C  CA  . ASN A 1 4   ? 0.309   -8.844  23.721  1.00 57.54 ? 5   ASN A CA  1 
ATOM   28   C  C   . ASN A 1 4   ? 0.265   -8.271  22.319  1.00 57.60 ? 5   ASN A C   1 
ATOM   29   O  O   . ASN A 1 4   ? -0.666  -7.525  21.992  1.00 57.92 ? 5   ASN A O   1 
ATOM   30   C  CB  . ASN A 1 4   ? -0.172  -10.306 23.757  1.00 56.68 ? 5   ASN A CB  1 
ATOM   31   C  CG  . ASN A 1 4   ? -1.499  -10.521 23.036  1.00 57.49 ? 5   ASN A CG  1 
ATOM   32   O  OD1 . ASN A 1 4   ? -2.336  -9.620  22.939  1.00 55.90 ? 5   ASN A OD1 1 
ATOM   33   N  ND2 . ASN A 1 4   ? -1.689  -11.724 22.519  1.00 57.63 ? 5   ASN A ND2 1 
ATOM   34   N  N   . ARG A 1 5   ? 1.269   -8.581  21.507  1.00 57.66 ? 6   ARG A N   1 
ATOM   35   C  CA  . ARG A 1 5   ? 1.341   -8.070  20.139  1.00 57.46 ? 6   ARG A CA  1 
ATOM   36   C  C   . ARG A 1 5   ? -0.013  -7.890  19.435  1.00 55.07 ? 6   ARG A C   1 
ATOM   37   O  O   . ARG A 1 5   ? -0.364  -6.776  19.052  1.00 52.37 ? 6   ARG A O   1 
ATOM   38   C  CB  . ARG A 1 5   ? 2.267   -8.939  19.282  1.00 60.49 ? 6   ARG A CB  1 
ATOM   39   C  CG  . ARG A 1 5   ? 2.502   -8.364  17.890  1.00 63.63 ? 6   ARG A CG  1 
ATOM   40   C  CD  . ARG A 1 5   ? 3.474   -9.197  17.067  1.00 66.31 ? 6   ARG A CD  1 
ATOM   41   N  NE  . ARG A 1 5   ? 3.596   -8.685  15.700  1.00 67.61 ? 6   ARG A NE  1 
ATOM   42   C  CZ  . ARG A 1 5   ? 4.264   -7.584  15.361  1.00 67.92 ? 6   ARG A CZ  1 
ATOM   43   N  NH1 . ARG A 1 5   ? 4.887   -6.866  16.289  1.00 68.40 ? 6   ARG A NH1 1 
ATOM   44   N  NH2 . ARG A 1 5   ? 4.278   -7.182  14.094  1.00 67.18 ? 6   ARG A NH2 1 
ATOM   45   N  N   . GLU A 1 6   ? -0.802  -8.956  19.336  1.00 53.32 ? 7   GLU A N   1 
ATOM   46   C  CA  . GLU A 1 6   ? -2.093  -8.865  18.656  1.00 53.91 ? 7   GLU A CA  1 
ATOM   47   C  C   . GLU A 1 6   ? -3.119  -7.893  19.244  1.00 52.50 ? 7   GLU A C   1 
ATOM   48   O  O   . GLU A 1 6   ? -3.741  -7.129  18.496  1.00 51.22 ? 7   GLU A O   1 
ATOM   49   C  CB  . GLU A 1 6   ? -2.731  -10.240 18.480  1.00 56.07 ? 7   GLU A CB  1 
ATOM   50   C  CG  . GLU A 1 6   ? -4.042  -10.158 17.706  1.00 60.49 ? 7   GLU A CG  1 
ATOM   51   C  CD  . GLU A 1 6   ? -4.668  -11.504 17.432  1.00 63.48 ? 7   GLU A CD  1 
ATOM   52   O  OE1 . GLU A 1 6   ? -4.301  -12.487 18.117  1.00 65.66 ? 7   GLU A OE1 1 
ATOM   53   O  OE2 . GLU A 1 6   ? -5.532  -11.577 16.528  1.00 64.58 ? 7   GLU A OE2 1 
ATOM   54   N  N   . SER A 1 7   ? -3.322  -7.933  20.562  1.00 51.16 ? 8   SER A N   1 
ATOM   55   C  CA  . SER A 1 7   ? -4.282  -7.027  21.197  1.00 48.17 ? 8   SER A CA  1 
ATOM   56   C  C   . SER A 1 7   ? -3.850  -5.580  21.007  1.00 44.74 ? 8   SER A C   1 
ATOM   57   O  O   . SER A 1 7   ? -4.669  -4.723  20.681  1.00 43.06 ? 8   SER A O   1 
ATOM   58   C  CB  . SER A 1 7   ? -4.442  -7.325  22.692  1.00 48.57 ? 8   SER A CB  1 
ATOM   59   O  OG  . SER A 1 7   ? -5.146  -8.535  22.908  1.00 51.42 ? 8   SER A OG  1 
ATOM   60   N  N   . VAL A 1 8   ? -2.557  -5.319  21.175  1.00 42.01 ? 9   VAL A N   1 
ATOM   61   C  CA  . VAL A 1 8   ? -2.021  -3.972  21.012  1.00 41.25 ? 9   VAL A CA  1 
ATOM   62   C  C   . VAL A 1 8   ? -2.247  -3.488  19.566  1.00 42.85 ? 9   VAL A C   1 
ATOM   63   O  O   . VAL A 1 8   ? -2.728  -2.369  19.346  1.00 42.42 ? 9   VAL A O   1 
ATOM   64   C  CB  . VAL A 1 8   ? -0.512  -3.913  21.396  1.00 40.05 ? 9   VAL A CB  1 
ATOM   65   C  CG1 . VAL A 1 8   ? 0.062   -2.548  21.098  1.00 38.27 ? 9   VAL A CG1 1 
ATOM   66   C  CG2 . VAL A 1 8   ? -0.326  -4.237  22.878  1.00 38.11 ? 9   VAL A CG2 1 
ATOM   67   N  N   . ILE A 1 9   ? -1.951  -4.343  18.584  1.00 42.31 ? 10  ILE A N   1 
ATOM   68   C  CA  . ILE A 1 9   ? -2.147  -3.977  17.178  1.00 41.17 ? 10  ILE A CA  1 
ATOM   69   C  C   . ILE A 1 9   ? -3.621  -3.658  16.902  1.00 41.46 ? 10  ILE A C   1 
ATOM   70   O  O   . ILE A 1 9   ? -3.929  -2.618  16.327  1.00 39.76 ? 10  ILE A O   1 
ATOM   71   C  CB  . ILE A 1 9   ? -1.682  -5.098  16.205  1.00 41.68 ? 10  ILE A CB  1 
ATOM   72   C  CG1 . ILE A 1 9   ? -0.175  -5.357  16.345  1.00 39.87 ? 10  ILE A CG1 1 
ATOM   73   C  CG2 . ILE A 1 9   ? -2.014  -4.716  14.765  1.00 38.74 ? 10  ILE A CG2 1 
ATOM   74   C  CD1 . ILE A 1 9   ? 0.698   -4.190  15.971  1.00 39.17 ? 10  ILE A CD1 1 
ATOM   75   N  N   . ASP A 1 10  ? -4.525  -4.547  17.309  1.00 42.32 ? 11  ASP A N   1 
ATOM   76   C  CA  . ASP A 1 10  ? -5.955  -4.322  17.103  1.00 43.92 ? 11  ASP A CA  1 
ATOM   77   C  C   . ASP A 1 10  ? -6.370  -2.932  17.587  1.00 43.47 ? 11  ASP A C   1 
ATOM   78   O  O   . ASP A 1 10  ? -6.981  -2.166  16.840  1.00 44.66 ? 11  ASP A O   1 
ATOM   79   C  CB  . ASP A 1 10  ? -6.787  -5.394  17.816  1.00 45.34 ? 11  ASP A CB  1 
ATOM   80   C  CG  . ASP A 1 10  ? -6.928  -6.677  17.003  1.00 49.20 ? 11  ASP A CG  1 
ATOM   81   O  OD1 . ASP A 1 10  ? -5.976  -7.076  16.298  1.00 49.87 ? 11  ASP A OD1 1 
ATOM   82   O  OD2 . ASP A 1 10  ? -8.006  -7.300  17.074  1.00 52.95 ? 11  ASP A OD2 1 
ATOM   83   N  N   . ALA A 1 11  ? -5.998  -2.594  18.819  1.00 42.62 ? 12  ALA A N   1 
ATOM   84   C  CA  . ALA A 1 11  ? -6.320  -1.287  19.403  1.00 42.26 ? 12  ALA A CA  1 
ATOM   85   C  C   . ALA A 1 11  ? -5.722  -0.163  18.572  1.00 41.87 ? 12  ALA A C   1 
ATOM   86   O  O   . ALA A 1 11  ? -6.361  0.870   18.361  1.00 41.53 ? 12  ALA A O   1 
ATOM   87   C  CB  . ALA A 1 11  ? -5.803  -1.203  20.829  1.00 40.49 ? 12  ALA A CB  1 
ATOM   88   N  N   . ALA A 1 12  ? -4.493  -0.370  18.107  1.00 41.57 ? 13  ALA A N   1 
ATOM   89   C  CA  . ALA A 1 12  ? -3.791  0.610   17.283  1.00 40.11 ? 13  ALA A CA  1 
ATOM   90   C  C   . ALA A 1 12  ? -4.534  0.854   15.957  1.00 40.43 ? 13  ALA A C   1 
ATOM   91   O  O   . ALA A 1 12  ? -4.693  2.000   15.525  1.00 38.91 ? 13  ALA A O   1 
ATOM   92   C  CB  . ALA A 1 12  ? -2.367  0.136   17.030  1.00 38.57 ? 13  ALA A CB  1 
ATOM   93   N  N   . LEU A 1 13  ? -5.005  -0.229  15.337  1.00 41.14 ? 14  LEU A N   1 
ATOM   94   C  CA  . LEU A 1 13  ? -5.749  -0.171  14.079  1.00 42.47 ? 14  LEU A CA  1 
ATOM   95   C  C   . LEU A 1 13  ? -7.053  0.610   14.272  1.00 44.50 ? 14  LEU A C   1 
ATOM   96   O  O   . LEU A 1 13  ? -7.355  1.543   13.523  1.00 44.81 ? 14  LEU A O   1 
ATOM   97   C  CB  . LEU A 1 13  ? -6.040  -1.593  13.587  1.00 42.07 ? 14  LEU A CB  1 
ATOM   98   C  CG  . LEU A 1 13  ? -5.239  -2.135  12.393  1.00 41.76 ? 14  LEU A CG  1 
ATOM   99   C  CD1 . LEU A 1 13  ? -3.837  -1.556  12.339  1.00 38.83 ? 14  LEU A CD1 1 
ATOM   100  C  CD2 . LEU A 1 13  ? -5.212  -3.655  12.463  1.00 40.31 ? 14  LEU A CD2 1 
ATOM   101  N  N   . GLU A 1 14  ? -7.810  0.236   15.298  1.00 47.49 ? 15  GLU A N   1 
ATOM   102  C  CA  . GLU A 1 14  ? -9.066  0.907   15.623  1.00 49.31 ? 15  GLU A CA  1 
ATOM   103  C  C   . GLU A 1 14  ? -8.837  2.384   15.912  1.00 46.97 ? 15  GLU A C   1 
ATOM   104  O  O   . GLU A 1 14  ? -9.626  3.235   15.487  1.00 45.78 ? 15  GLU A O   1 
ATOM   105  C  CB  . GLU A 1 14  ? -9.731  0.239   16.824  1.00 53.53 ? 15  GLU A CB  1 
ATOM   106  C  CG  . GLU A 1 14  ? -10.988 -0.517  16.452  1.00 62.22 ? 15  GLU A CG  1 
ATOM   107  C  CD  . GLU A 1 14  ? -11.438 -1.475  17.533  1.00 66.07 ? 15  GLU A CD  1 
ATOM   108  O  OE1 . GLU A 1 14  ? -12.161 -1.037  18.457  1.00 69.30 ? 15  GLU A OE1 1 
ATOM   109  O  OE2 . GLU A 1 14  ? -11.071 -2.672  17.448  1.00 68.67 ? 15  GLU A OE2 1 
ATOM   110  N  N   . LEU A 1 15  ? -7.758  2.683   16.634  1.00 45.63 ? 16  LEU A N   1 
ATOM   111  C  CA  . LEU A 1 15  ? -7.411  4.063   16.974  1.00 46.42 ? 16  LEU A CA  1 
ATOM   112  C  C   . LEU A 1 15  ? -7.054  4.866   15.727  1.00 46.26 ? 16  LEU A C   1 
ATOM   113  O  O   . LEU A 1 15  ? -7.452  6.026   15.601  1.00 46.98 ? 16  LEU A O   1 
ATOM   114  C  CB  . LEU A 1 15  ? -6.248  4.114   17.971  1.00 46.46 ? 16  LEU A CB  1 
ATOM   115  C  CG  . LEU A 1 15  ? -5.873  5.517   18.469  1.00 46.97 ? 16  LEU A CG  1 
ATOM   116  C  CD1 . LEU A 1 15  ? -7.017  6.114   19.277  1.00 47.34 ? 16  LEU A CD1 1 
ATOM   117  C  CD2 . LEU A 1 15  ? -4.617  5.448   19.307  1.00 46.54 ? 16  LEU A CD2 1 
ATOM   118  N  N   . LEU A 1 16  ? -6.282  4.267   14.822  1.00 45.90 ? 17  LEU A N   1 
ATOM   119  C  CA  . LEU A 1 16  ? -5.911  4.940   13.581  1.00 44.79 ? 17  LEU A CA  1 
ATOM   120  C  C   . LEU A 1 16  ? -7.195  5.335   12.832  1.00 45.41 ? 17  LEU A C   1 
ATOM   121  O  O   . LEU A 1 16  ? -7.331  6.471   12.374  1.00 42.26 ? 17  LEU A O   1 
ATOM   122  C  CB  . LEU A 1 16  ? -5.060  4.013   12.710  1.00 43.16 ? 17  LEU A CB  1 
ATOM   123  C  CG  . LEU A 1 16  ? -4.534  4.599   11.403  1.00 40.78 ? 17  LEU A CG  1 
ATOM   124  C  CD1 . LEU A 1 16  ? -3.541  5.715   11.696  1.00 37.99 ? 17  LEU A CD1 1 
ATOM   125  C  CD2 . LEU A 1 16  ? -3.890  3.493   10.584  1.00 39.70 ? 17  LEU A CD2 1 
ATOM   126  N  N   . ASN A 1 17  ? -8.143  4.402   12.756  1.00 47.77 ? 18  ASN A N   1 
ATOM   127  C  CA  . ASN A 1 17  ? -9.421  4.642   12.085  1.00 52.49 ? 18  ASN A CA  1 
ATOM   128  C  C   . ASN A 1 17  ? -10.149 5.864   12.637  1.00 55.61 ? 18  ASN A C   1 
ATOM   129  O  O   . ASN A 1 17  ? -10.786 6.600   11.884  1.00 56.88 ? 18  ASN A O   1 
ATOM   130  C  CB  . ASN A 1 17  ? -10.342 3.414   12.196  1.00 54.26 ? 18  ASN A CB  1 
ATOM   131  C  CG  . ASN A 1 17  ? -10.347 2.553   10.930  1.00 57.77 ? 18  ASN A CG  1 
ATOM   132  O  OD1 . ASN A 1 17  ? -9.713  2.896   9.931   1.00 60.15 ? 18  ASN A OD1 1 
ATOM   133  N  ND2 . ASN A 1 17  ? -11.065 1.430   10.971  1.00 57.83 ? 18  ASN A ND2 1 
ATOM   134  N  N   . GLU A 1 18  ? -10.025 6.092   13.945  1.00 58.48 ? 19  GLU A N   1 
ATOM   135  C  CA  . GLU A 1 18  ? -10.689 7.215   14.617  1.00 60.02 ? 19  GLU A CA  1 
ATOM   136  C  C   . GLU A 1 18  ? -9.982  8.579   14.590  1.00 59.90 ? 19  GLU A C   1 
ATOM   137  O  O   . GLU A 1 18  ? -10.616 9.606   14.349  1.00 61.56 ? 19  GLU A O   1 
ATOM   138  C  CB  . GLU A 1 18  ? -10.968 6.854   16.080  1.00 61.85 ? 19  GLU A CB  1 
ATOM   139  C  CG  . GLU A 1 18  ? -11.745 5.562   16.292  1.00 64.35 ? 19  GLU A CG  1 
ATOM   140  C  CD  . GLU A 1 18  ? -11.751 5.109   17.748  1.00 65.22 ? 19  GLU A CD  1 
ATOM   141  O  OE1 . GLU A 1 18  ? -10.837 5.496   18.515  1.00 64.59 ? 19  GLU A OE1 1 
ATOM   142  O  OE2 . GLU A 1 18  ? -12.669 4.353   18.125  1.00 66.21 ? 19  GLU A OE2 1 
ATOM   143  N  N   . THR A 1 19  ? -8.686  8.598   14.879  1.00 58.96 ? 20  THR A N   1 
ATOM   144  C  CA  . THR A 1 19  ? -7.938  9.854   14.934  1.00 57.70 ? 20  THR A CA  1 
ATOM   145  C  C   . THR A 1 19  ? -6.965  10.133  13.793  1.00 58.05 ? 20  THR A C   1 
ATOM   146  O  O   . THR A 1 19  ? -6.378  11.214  13.727  1.00 58.42 ? 20  THR A O   1 
ATOM   147  C  CB  . THR A 1 19  ? -7.143  9.932   16.258  1.00 57.83 ? 20  THR A CB  1 
ATOM   148  O  OG1 . THR A 1 19  ? -6.122  8.921   16.277  1.00 55.96 ? 20  THR A OG1 1 
ATOM   149  C  CG2 . THR A 1 19  ? -8.072  9.718   17.441  1.00 57.04 ? 20  THR A CG2 1 
ATOM   150  N  N   . GLY A 1 20  ? -6.759  9.162   12.913  1.00 57.87 ? 21  GLY A N   1 
ATOM   151  C  CA  . GLY A 1 20  ? -5.811  9.357   11.836  1.00 58.14 ? 21  GLY A CA  1 
ATOM   152  C  C   . GLY A 1 20  ? -4.402  9.151   12.356  1.00 58.27 ? 21  GLY A C   1 
ATOM   153  O  O   . GLY A 1 20  ? -4.191  9.074   13.572  1.00 59.31 ? 21  GLY A O   1 
ATOM   154  N  N   . ILE A 1 21  ? -3.434  9.094   11.444  1.00 57.57 ? 22  ILE A N   1 
ATOM   155  C  CA  . ILE A 1 21  ? -2.030  8.880   11.800  1.00 57.04 ? 22  ILE A CA  1 
ATOM   156  C  C   . ILE A 1 21  ? -1.465  9.957   12.751  1.00 57.73 ? 22  ILE A C   1 
ATOM   157  O  O   . ILE A 1 21  ? -0.574  9.683   13.552  1.00 56.47 ? 22  ILE A O   1 
ATOM   158  C  CB  . ILE A 1 21  ? -1.152  8.742   10.512  1.00 54.74 ? 22  ILE A CB  1 
ATOM   159  C  CG1 . ILE A 1 21  ? 0.238   8.220   10.854  1.00 53.54 ? 22  ILE A CG1 1 
ATOM   160  C  CG2 . ILE A 1 21  ? -1.011  10.076  9.801   1.00 55.78 ? 22  ILE A CG2 1 
ATOM   161  C  CD1 . ILE A 1 21  ? 1.162   8.133   9.653   1.00 52.87 ? 22  ILE A CD1 1 
ATOM   162  N  N   . ASP A 1 22  ? -2.013  11.166  12.681  1.00 59.77 ? 23  ASP A N   1 
ATOM   163  C  CA  . ASP A 1 22  ? -1.557  12.260  13.535  1.00 62.19 ? 23  ASP A CA  1 
ATOM   164  C  C   . ASP A 1 22  ? -2.130  12.139  14.939  1.00 62.01 ? 23  ASP A C   1 
ATOM   165  O  O   . ASP A 1 22  ? -1.428  12.371  15.921  1.00 63.35 ? 23  ASP A O   1 
ATOM   166  C  CB  . ASP A 1 22  ? -1.955  13.602  12.933  1.00 65.01 ? 23  ASP A CB  1 
ATOM   167  C  CG  . ASP A 1 22  ? -1.499  13.745  11.498  1.00 68.02 ? 23  ASP A CG  1 
ATOM   168  O  OD1 . ASP A 1 22  ? -0.283  13.954  11.277  1.00 68.97 ? 23  ASP A OD1 1 
ATOM   169  O  OD2 . ASP A 1 22  ? -2.356  13.629  10.594  1.00 70.27 ? 23  ASP A OD2 1 
ATOM   170  N  N   . GLY A 1 23  ? -3.415  11.804  15.024  1.00 61.11 ? 24  GLY A N   1 
ATOM   171  C  CA  . GLY A 1 23  ? -4.051  11.644  16.317  1.00 60.84 ? 24  GLY A CA  1 
ATOM   172  C  C   . GLY A 1 23  ? -3.480  10.440  17.043  1.00 61.40 ? 24  GLY A C   1 
ATOM   173  O  O   . GLY A 1 23  ? -3.559  10.340  18.267  1.00 62.19 ? 24  GLY A O   1 
ATOM   174  N  N   . LEU A 1 24  ? -2.920  9.510   16.277  1.00 61.21 ? 25  LEU A N   1 
ATOM   175  C  CA  . LEU A 1 24  ? -2.319  8.306   16.826  1.00 59.95 ? 25  LEU A CA  1 
ATOM   176  C  C   . LEU A 1 24  ? -1.063  8.610   17.650  1.00 59.22 ? 25  LEU A C   1 
ATOM   177  O  O   . LEU A 1 24  ? 0.018   8.822   17.100  1.00 58.18 ? 25  LEU A O   1 
ATOM   178  C  CB  . LEU A 1 24  ? -1.991  7.326   15.694  1.00 60.70 ? 25  LEU A CB  1 
ATOM   179  C  CG  . LEU A 1 24  ? -1.453  5.935   16.049  1.00 61.60 ? 25  LEU A CG  1 
ATOM   180  C  CD1 . LEU A 1 24  ? -1.811  4.958   14.944  1.00 62.66 ? 25  LEU A CD1 1 
ATOM   181  C  CD2 . LEU A 1 24  ? 0.054   5.958   16.281  1.00 62.16 ? 25  LEU A CD2 1 
ATOM   182  N  N   . THR A 1 25  ? -1.220  8.621   18.970  1.00 57.64 ? 26  THR A N   1 
ATOM   183  C  CA  . THR A 1 25  ? -0.115  8.874   19.893  1.00 54.83 ? 26  THR A CA  1 
ATOM   184  C  C   . THR A 1 25  ? -0.108  7.756   20.932  1.00 53.43 ? 26  THR A C   1 
ATOM   185  O  O   . THR A 1 25  ? -1.166  7.267   21.333  1.00 51.99 ? 26  THR A O   1 
ATOM   186  C  CB  . THR A 1 25  ? -0.295  10.219  20.639  1.00 54.11 ? 26  THR A CB  1 
ATOM   187  O  OG1 . THR A 1 25  ? -1.558  10.222  21.316  1.00 53.22 ? 26  THR A OG1 1 
ATOM   188  C  CG2 . THR A 1 25  ? -0.232  11.399  19.679  1.00 53.34 ? 26  THR A CG2 1 
ATOM   189  N  N   . THR A 1 26  ? 1.078   7.359   21.379  1.00 52.83 ? 27  THR A N   1 
ATOM   190  C  CA  . THR A 1 26  ? 1.194   6.314   22.390  1.00 51.81 ? 27  THR A CA  1 
ATOM   191  C  C   . THR A 1 26  ? 0.320   6.654   23.598  1.00 52.21 ? 27  THR A C   1 
ATOM   192  O  O   . THR A 1 26  ? -0.223  5.766   24.249  1.00 51.94 ? 27  THR A O   1 
ATOM   193  C  CB  . THR A 1 26  ? 2.652   6.135   22.835  1.00 50.90 ? 27  THR A CB  1 
ATOM   194  O  OG1 . THR A 1 26  ? 3.282   7.418   22.919  1.00 51.90 ? 27  THR A OG1 1 
ATOM   195  C  CG2 . THR A 1 26  ? 3.412   5.269   21.847  1.00 49.18 ? 27  THR A CG2 1 
ATOM   196  N  N   . ARG A 1 27  ? 0.153   7.949   23.862  1.00 53.87 ? 28  ARG A N   1 
ATOM   197  C  CA  . ARG A 1 27  ? -0.672  8.414   24.975  1.00 55.66 ? 28  ARG A CA  1 
ATOM   198  C  C   . ARG A 1 27  ? -2.125  7.985   24.761  1.00 54.68 ? 28  ARG A C   1 
ATOM   199  O  O   . ARG A 1 27  ? -2.760  7.438   25.664  1.00 55.24 ? 28  ARG A O   1 
ATOM   200  C  CB  . ARG A 1 27  ? -0.603  9.937   25.100  1.00 59.85 ? 28  ARG A CB  1 
ATOM   201  C  CG  . ARG A 1 27  ? -1.306  10.500  26.340  1.00 64.34 ? 28  ARG A CG  1 
ATOM   202  C  CD  . ARG A 1 27  ? -1.889  11.885  26.064  1.00 69.36 ? 28  ARG A CD  1 
ATOM   203  N  NE  . ARG A 1 27  ? -1.396  12.917  26.975  1.00 73.80 ? 28  ARG A NE  1 
ATOM   204  C  CZ  . ARG A 1 27  ? -0.174  13.448  26.931  1.00 75.73 ? 28  ARG A CZ  1 
ATOM   205  N  NH1 . ARG A 1 27  ? 0.709   13.051  26.020  1.00 75.33 ? 28  ARG A NH1 1 
ATOM   206  N  NH2 . ARG A 1 27  ? 0.159   14.400  27.794  1.00 76.81 ? 28  ARG A NH2 1 
ATOM   207  N  N   . LYS A 1 28  ? -2.652  8.231   23.565  1.00 53.55 ? 29  LYS A N   1 
ATOM   208  C  CA  . LYS A 1 28  ? -4.028  7.842   23.257  1.00 52.93 ? 29  LYS A CA  1 
ATOM   209  C  C   . LYS A 1 28  ? -4.205  6.317   23.242  1.00 51.00 ? 29  LYS A C   1 
ATOM   210  O  O   . LYS A 1 28  ? -5.268  5.797   23.610  1.00 49.77 ? 29  LYS A O   1 
ATOM   211  C  CB  . LYS A 1 28  ? -4.474  8.440   21.915  1.00 56.36 ? 29  LYS A CB  1 
ATOM   212  C  CG  . LYS A 1 28  ? -4.578  9.959   21.917  1.00 59.65 ? 29  LYS A CG  1 
ATOM   213  C  CD  . LYS A 1 28  ? -5.650  10.448  20.952  1.00 62.45 ? 29  LYS A CD  1 
ATOM   214  C  CE  . LYS A 1 28  ? -5.924  11.942  21.135  1.00 65.06 ? 29  LYS A CE  1 
ATOM   215  N  NZ  . LYS A 1 28  ? -7.132  12.405  20.381  1.00 66.02 ? 29  LYS A NZ  1 
ATOM   216  N  N   . LEU A 1 29  ? -3.163  5.611   22.804  1.00 47.74 ? 30  LEU A N   1 
ATOM   217  C  CA  . LEU A 1 29  ? -3.181  4.153   22.755  1.00 45.56 ? 30  LEU A CA  1 
ATOM   218  C  C   . LEU A 1 29  ? -3.331  3.623   24.190  1.00 46.79 ? 30  LEU A C   1 
ATOM   219  O  O   . LEU A 1 29  ? -4.155  2.746   24.448  1.00 46.75 ? 30  LEU A O   1 
ATOM   220  C  CB  . LEU A 1 29  ? -1.888  3.616   22.124  1.00 42.34 ? 30  LEU A CB  1 
ATOM   221  C  CG  . LEU A 1 29  ? -1.931  2.408   21.177  1.00 38.87 ? 30  LEU A CG  1 
ATOM   222  C  CD1 . LEU A 1 29  ? -0.644  1.606   21.329  1.00 36.08 ? 30  LEU A CD1 1 
ATOM   223  C  CD2 . LEU A 1 29  ? -3.118  1.520   21.474  1.00 35.64 ? 30  LEU A CD2 1 
ATOM   224  N  N   . ALA A 1 30  ? -2.556  4.171   25.124  1.00 48.02 ? 31  ALA A N   1 
ATOM   225  C  CA  . ALA A 1 30  ? -2.625  3.760   26.529  1.00 49.38 ? 31  ALA A CA  1 
ATOM   226  C  C   . ALA A 1 30  ? -4.060  3.838   27.072  1.00 51.22 ? 31  ALA A C   1 
ATOM   227  O  O   . ALA A 1 30  ? -4.577  2.871   27.645  1.00 50.56 ? 31  ALA A O   1 
ATOM   228  C  CB  . ALA A 1 30  ? -1.700  4.622   27.365  1.00 47.50 ? 31  ALA A CB  1 
ATOM   229  N  N   . GLN A 1 31  ? -4.703  4.986   26.882  1.00 53.93 ? 32  GLN A N   1 
ATOM   230  C  CA  . GLN A 1 31  ? -6.076  5.180   27.345  1.00 58.19 ? 32  GLN A CA  1 
ATOM   231  C  C   . GLN A 1 31  ? -7.016  4.153   26.749  1.00 58.31 ? 32  GLN A C   1 
ATOM   232  O  O   . GLN A 1 31  ? -7.817  3.549   27.464  1.00 58.33 ? 32  GLN A O   1 
ATOM   233  C  CB  . GLN A 1 31  ? -6.588  6.562   26.968  1.00 62.46 ? 32  GLN A CB  1 
ATOM   234  C  CG  . GLN A 1 31  ? -5.857  7.688   27.641  1.00 70.53 ? 32  GLN A CG  1 
ATOM   235  C  CD  . GLN A 1 31  ? -6.485  9.033   27.346  1.00 74.62 ? 32  GLN A CD  1 
ATOM   236  O  OE1 . GLN A 1 31  ? -7.231  9.190   26.375  1.00 77.58 ? 32  GLN A OE1 1 
ATOM   237  N  NE2 . GLN A 1 31  ? -6.206  10.012  28.202  1.00 76.10 ? 32  GLN A NE2 1 
ATOM   238  N  N   . LYS A 1 32  ? -6.942  3.994   25.430  1.00 58.30 ? 33  LYS A N   1 
ATOM   239  C  CA  . LYS A 1 32  ? -7.776  3.040   24.696  1.00 57.16 ? 33  LYS A CA  1 
ATOM   240  C  C   . LYS A 1 32  ? -7.702  1.642   25.332  1.00 55.18 ? 33  LYS A C   1 
ATOM   241  O  O   . LYS A 1 32  ? -8.724  1.006   25.584  1.00 54.54 ? 33  LYS A O   1 
ATOM   242  C  CB  . LYS A 1 32  ? -7.322  2.987   23.226  1.00 57.74 ? 33  LYS A CB  1 
ATOM   243  C  CG  . LYS A 1 32  ? -8.157  2.092   22.321  1.00 58.98 ? 33  LYS A CG  1 
ATOM   244  C  CD  . LYS A 1 32  ? -9.136  2.882   21.462  1.00 60.33 ? 33  LYS A CD  1 
ATOM   245  C  CE  . LYS A 1 32  ? -9.933  1.952   20.548  1.00 61.44 ? 33  LYS A CE  1 
ATOM   246  N  NZ  . LYS A 1 32  ? -10.853 2.689   19.627  1.00 61.81 ? 33  LYS A NZ  1 
ATOM   247  N  N   . LEU A 1 33  ? -6.487  1.179   25.609  1.00 54.60 ? 34  LEU A N   1 
ATOM   248  C  CA  . LEU A 1 33  ? -6.284  -0.128  26.224  1.00 54.57 ? 34  LEU A CA  1 
ATOM   249  C  C   . LEU A 1 33  ? -6.678  -0.145  27.697  1.00 55.92 ? 34  LEU A C   1 
ATOM   250  O  O   . LEU A 1 33  ? -6.865  -1.222  28.284  1.00 57.12 ? 34  LEU A O   1 
ATOM   251  C  CB  . LEU A 1 33  ? -4.834  -0.571  26.051  1.00 52.13 ? 34  LEU A CB  1 
ATOM   252  C  CG  . LEU A 1 33  ? -4.510  -0.942  24.604  1.00 49.93 ? 34  LEU A CG  1 
ATOM   253  C  CD1 . LEU A 1 33  ? -3.020  -1.158  24.430  1.00 48.70 ? 34  LEU A CD1 1 
ATOM   254  C  CD2 . LEU A 1 33  ? -5.295  -2.185  24.209  1.00 48.65 ? 34  LEU A CD2 1 
ATOM   255  N  N   . GLY A 1 34  ? -6.829  1.049   28.271  1.00 55.67 ? 35  GLY A N   1 
ATOM   256  C  CA  . GLY A 1 34  ? -7.212  1.195   29.664  1.00 53.33 ? 35  GLY A CA  1 
ATOM   257  C  C   . GLY A 1 34  ? -6.041  0.917   30.575  1.00 52.42 ? 35  GLY A C   1 
ATOM   258  O  O   . GLY A 1 34  ? -6.201  0.272   31.606  1.00 53.04 ? 35  GLY A O   1 
ATOM   259  N  N   . ILE A 1 35  ? -4.858  1.379   30.177  1.00 50.30 ? 36  ILE A N   1 
ATOM   260  C  CA  . ILE A 1 35  ? -3.646  1.166   30.959  1.00 48.62 ? 36  ILE A CA  1 
ATOM   261  C  C   . ILE A 1 35  ? -2.850  2.459   31.095  1.00 49.69 ? 36  ILE A C   1 
ATOM   262  O  O   . ILE A 1 35  ? -3.172  3.468   30.471  1.00 49.98 ? 36  ILE A O   1 
ATOM   263  C  CB  . ILE A 1 35  ? -2.734  0.087   30.323  1.00 47.00 ? 36  ILE A CB  1 
ATOM   264  C  CG1 . ILE A 1 35  ? -2.330  0.503   28.909  1.00 48.42 ? 36  ILE A CG1 1 
ATOM   265  C  CG2 . ILE A 1 35  ? -3.433  -1.260  30.303  1.00 45.08 ? 36  ILE A CG2 1 
ATOM   266  C  CD1 . ILE A 1 35  ? -1.158  -0.274  28.345  1.00 49.12 ? 36  ILE A CD1 1 
ATOM   267  N  N   . GLU A 1 36  ? -1.803  2.418   31.907  1.00 50.97 ? 37  GLU A N   1 
ATOM   268  C  CA  . GLU A 1 36  ? -0.953  3.577   32.142  1.00 53.34 ? 37  GLU A CA  1 
ATOM   269  C  C   . GLU A 1 36  ? 0.207   3.540   31.161  1.00 53.16 ? 37  GLU A C   1 
ATOM   270  O  O   . GLU A 1 36  ? 0.705   2.468   30.829  1.00 54.27 ? 37  GLU A O   1 
ATOM   271  C  CB  . GLU A 1 36  ? -0.416  3.544   33.571  1.00 55.58 ? 37  GLU A CB  1 
ATOM   272  C  CG  . GLU A 1 36  ? -1.455  3.199   34.636  1.00 59.33 ? 37  GLU A CG  1 
ATOM   273  C  CD  . GLU A 1 36  ? -2.578  4.219   34.735  1.00 61.57 ? 37  GLU A CD  1 
ATOM   274  O  OE1 . GLU A 1 36  ? -2.315  5.343   35.219  1.00 62.63 ? 37  GLU A OE1 1 
ATOM   275  O  OE2 . GLU A 1 36  ? -3.722  3.890   34.344  1.00 61.80 ? 37  GLU A OE2 1 
ATOM   276  N  N   . GLN A 1 37  ? 0.680   4.711   30.748  1.00 54.19 ? 38  GLN A N   1 
ATOM   277  C  CA  . GLN A 1 37  ? 1.787   4.807   29.794  1.00 55.24 ? 38  GLN A CA  1 
ATOM   278  C  C   . GLN A 1 37  ? 2.980   3.870   30.031  1.00 53.51 ? 38  GLN A C   1 
ATOM   279  O  O   . GLN A 1 37  ? 3.460   3.239   29.091  1.00 54.13 ? 38  GLN A O   1 
ATOM   280  C  CB  . GLN A 1 37  ? 2.251   6.261   29.640  1.00 57.71 ? 38  GLN A CB  1 
ATOM   281  C  CG  . GLN A 1 37  ? 1.283   7.120   28.836  1.00 61.96 ? 38  GLN A CG  1 
ATOM   282  C  CD  . GLN A 1 37  ? 1.585   8.599   28.948  1.00 65.86 ? 38  GLN A CD  1 
ATOM   283  O  OE1 . GLN A 1 37  ? 0.961   9.311   29.738  1.00 68.15 ? 38  GLN A OE1 1 
ATOM   284  N  NE2 . GLN A 1 37  ? 2.544   9.071   28.166  1.00 67.40 ? 38  GLN A NE2 1 
ATOM   285  N  N   . PRO A 1 38  ? 3.464   3.751   31.281  1.00 51.66 ? 39  PRO A N   1 
ATOM   286  C  CA  . PRO A 1 38  ? 4.602   2.859   31.534  1.00 48.88 ? 39  PRO A CA  1 
ATOM   287  C  C   . PRO A 1 38  ? 4.305   1.397   31.181  1.00 46.32 ? 39  PRO A C   1 
ATOM   288  O  O   . PRO A 1 38  ? 5.207   0.644   30.814  1.00 44.94 ? 39  PRO A O   1 
ATOM   289  C  CB  . PRO A 1 38  ? 4.842   3.038   33.032  1.00 50.53 ? 39  PRO A CB  1 
ATOM   290  C  CG  . PRO A 1 38  ? 4.432   4.462   33.261  1.00 51.03 ? 39  PRO A CG  1 
ATOM   291  C  CD  . PRO A 1 38  ? 3.136   4.524   32.494  1.00 51.19 ? 39  PRO A CD  1 
ATOM   292  N  N   . THR A 1 39  ? 3.041   0.998   31.300  1.00 43.94 ? 40  THR A N   1 
ATOM   293  C  CA  . THR A 1 39  ? 2.633   -0.362  30.968  1.00 41.74 ? 40  THR A CA  1 
ATOM   294  C  C   . THR A 1 39  ? 2.734   -0.539  29.457  1.00 41.12 ? 40  THR A C   1 
ATOM   295  O  O   . THR A 1 39  ? 3.197   -1.575  28.978  1.00 41.19 ? 40  THR A O   1 
ATOM   296  C  CB  . THR A 1 39  ? 1.185   -0.644  31.421  1.00 41.07 ? 40  THR A CB  1 
ATOM   297  O  OG1 . THR A 1 39  ? 1.112   -0.566  32.846  1.00 42.46 ? 40  THR A OG1 1 
ATOM   298  C  CG2 . THR A 1 39  ? 0.738   -2.012  30.988  1.00 39.72 ? 40  THR A CG2 1 
ATOM   299  N  N   . LEU A 1 40  ? 2.295   0.473   28.712  1.00 39.78 ? 41  LEU A N   1 
ATOM   300  C  CA  . LEU A 1 40  ? 2.362   0.420   27.255  1.00 39.81 ? 41  LEU A CA  1 
ATOM   301  C  C   . LEU A 1 40  ? 3.816   0.402   26.780  1.00 40.09 ? 41  LEU A C   1 
ATOM   302  O  O   . LEU A 1 40  ? 4.185   -0.427  25.952  1.00 38.17 ? 41  LEU A O   1 
ATOM   303  C  CB  . LEU A 1 40  ? 1.622   1.604   26.624  1.00 37.44 ? 41  LEU A CB  1 
ATOM   304  C  CG  . LEU A 1 40  ? 1.574   1.588   25.091  1.00 32.93 ? 41  LEU A CG  1 
ATOM   305  C  CD1 . LEU A 1 40  ? 0.974   0.285   24.596  1.00 31.11 ? 41  LEU A CD1 1 
ATOM   306  C  CD2 . LEU A 1 40  ? 0.776   2.765   24.597  1.00 29.72 ? 41  LEU A CD2 1 
ATOM   307  N  N   . TYR A 1 41  ? 4.624   1.303   27.341  1.00 41.33 ? 42  TYR A N   1 
ATOM   308  C  CA  . TYR A 1 41  ? 6.051   1.432   27.022  1.00 43.33 ? 42  TYR A CA  1 
ATOM   309  C  C   . TYR A 1 41  ? 6.784   0.087   27.117  1.00 42.46 ? 42  TYR A C   1 
ATOM   310  O  O   . TYR A 1 41  ? 7.754   -0.156  26.398  1.00 43.06 ? 42  TYR A O   1 
ATOM   311  C  CB  . TYR A 1 41  ? 6.710   2.459   27.958  1.00 46.30 ? 42  TYR A CB  1 
ATOM   312  C  CG  . TYR A 1 41  ? 8.174   2.740   27.669  1.00 50.38 ? 42  TYR A CG  1 
ATOM   313  C  CD1 . TYR A 1 41  ? 8.548   3.645   26.670  1.00 52.53 ? 42  TYR A CD1 1 
ATOM   314  C  CD2 . TYR A 1 41  ? 9.187   2.104   28.394  1.00 50.98 ? 42  TYR A CD2 1 
ATOM   315  C  CE1 . TYR A 1 41  ? 9.897   3.911   26.395  1.00 53.26 ? 42  TYR A CE1 1 
ATOM   316  C  CE2 . TYR A 1 41  ? 10.538  2.359   28.130  1.00 52.63 ? 42  TYR A CE2 1 
ATOM   317  C  CZ  . TYR A 1 41  ? 10.887  3.263   27.127  1.00 54.14 ? 42  TYR A CZ  1 
ATOM   318  O  OH  . TYR A 1 41  ? 12.219  3.507   26.844  1.00 55.05 ? 42  TYR A OH  1 
ATOM   319  N  N   . TRP A 1 42  ? 6.330   -0.764  28.031  1.00 40.71 ? 43  TRP A N   1 
ATOM   320  C  CA  . TRP A 1 42  ? 6.916   -2.090  28.224  1.00 39.43 ? 43  TRP A CA  1 
ATOM   321  C  C   . TRP A 1 42  ? 6.711   -2.934  26.942  1.00 40.53 ? 43  TRP A C   1 
ATOM   322  O  O   . TRP A 1 42  ? 7.523   -3.809  26.617  1.00 39.29 ? 43  TRP A O   1 
ATOM   323  C  CB  . TRP A 1 42  ? 6.233   -2.766  29.427  1.00 36.55 ? 43  TRP A CB  1 
ATOM   324  C  CG  . TRP A 1 42  ? 6.881   -4.036  29.904  1.00 37.31 ? 43  TRP A CG  1 
ATOM   325  C  CD1 . TRP A 1 42  ? 7.745   -4.163  30.947  1.00 37.16 ? 43  TRP A CD1 1 
ATOM   326  C  CD2 . TRP A 1 42  ? 6.705   -5.358  29.368  1.00 38.41 ? 43  TRP A CD2 1 
ATOM   327  N  NE1 . TRP A 1 42  ? 8.120   -5.477  31.101  1.00 36.63 ? 43  TRP A NE1 1 
ATOM   328  C  CE2 . TRP A 1 42  ? 7.499   -6.233  30.140  1.00 38.56 ? 43  TRP A CE2 1 
ATOM   329  C  CE3 . TRP A 1 42  ? 5.958   -5.892  28.306  1.00 38.88 ? 43  TRP A CE3 1 
ATOM   330  C  CZ2 . TRP A 1 42  ? 7.569   -7.613  29.887  1.00 39.97 ? 43  TRP A CZ2 1 
ATOM   331  C  CZ3 . TRP A 1 42  ? 6.025   -7.261  28.054  1.00 37.40 ? 43  TRP A CZ3 1 
ATOM   332  C  CH2 . TRP A 1 42  ? 6.825   -8.105  28.841  1.00 38.41 ? 43  TRP A CH2 1 
ATOM   333  N  N   . HIS A 1 43  ? 5.621   -2.658  26.231  1.00 40.00 ? 44  HIS A N   1 
ATOM   334  C  CA  . HIS A 1 43  ? 5.261   -3.378  25.020  1.00 42.88 ? 44  HIS A CA  1 
ATOM   335  C  C   . HIS A 1 43  ? 5.648   -2.646  23.736  1.00 45.02 ? 44  HIS A C   1 
ATOM   336  O  O   . HIS A 1 43  ? 6.329   -3.200  22.872  1.00 44.82 ? 44  HIS A O   1 
ATOM   337  C  CB  . HIS A 1 43  ? 3.755   -3.645  25.019  1.00 42.85 ? 44  HIS A CB  1 
ATOM   338  C  CG  . HIS A 1 43  ? 3.304   -4.537  26.131  1.00 44.21 ? 44  HIS A CG  1 
ATOM   339  N  ND1 . HIS A 1 43  ? 2.884   -4.051  27.353  1.00 44.78 ? 44  HIS A ND1 1 
ATOM   340  C  CD2 . HIS A 1 43  ? 3.256   -5.885  26.229  1.00 43.32 ? 44  HIS A CD2 1 
ATOM   341  C  CE1 . HIS A 1 43  ? 2.601   -5.063  28.152  1.00 44.23 ? 44  HIS A CE1 1 
ATOM   342  N  NE2 . HIS A 1 43  ? 2.820   -6.187  27.493  1.00 43.21 ? 44  HIS A NE2 1 
ATOM   343  N  N   . VAL A 1 44  ? 5.176   -1.410  23.613  1.00 47.91 ? 45  VAL A N   1 
ATOM   344  C  CA  . VAL A 1 44  ? 5.424   -0.562  22.452  1.00 48.82 ? 45  VAL A CA  1 
ATOM   345  C  C   . VAL A 1 44  ? 6.414   0.531   22.855  1.00 50.88 ? 45  VAL A C   1 
ATOM   346  O  O   . VAL A 1 44  ? 6.073   1.426   23.627  1.00 52.67 ? 45  VAL A O   1 
ATOM   347  C  CB  . VAL A 1 44  ? 4.101   0.090   21.965  1.00 46.06 ? 45  VAL A CB  1 
ATOM   348  C  CG1 . VAL A 1 44  ? 4.350   0.990   20.775  1.00 46.51 ? 45  VAL A CG1 1 
ATOM   349  C  CG2 . VAL A 1 44  ? 3.092   -0.980  21.612  1.00 44.59 ? 45  VAL A CG2 1 
ATOM   350  N  N   . LYS A 1 45  ? 7.630   0.453   22.322  1.00 52.74 ? 46  LYS A N   1 
ATOM   351  C  CA  . LYS A 1 45  ? 8.680   1.415   22.648  1.00 55.50 ? 46  LYS A CA  1 
ATOM   352  C  C   . LYS A 1 45  ? 8.470   2.832   22.135  1.00 55.92 ? 46  LYS A C   1 
ATOM   353  O  O   . LYS A 1 45  ? 8.887   3.787   22.784  1.00 56.99 ? 46  LYS A O   1 
ATOM   354  C  CB  . LYS A 1 45  ? 10.031  0.916   22.154  1.00 57.52 ? 46  LYS A CB  1 
ATOM   355  C  CG  . LYS A 1 45  ? 11.132  1.040   23.173  1.00 60.16 ? 46  LYS A CG  1 
ATOM   356  C  CD  . LYS A 1 45  ? 10.915  0.053   24.313  1.00 64.07 ? 46  LYS A CD  1 
ATOM   357  C  CE  . LYS A 1 45  ? 12.026  0.163   25.350  1.00 67.92 ? 46  LYS A CE  1 
ATOM   358  N  NZ  . LYS A 1 45  ? 11.905  -0.843  26.449  1.00 69.57 ? 46  LYS A NZ  1 
ATOM   359  N  N   . ASN A 1 46  ? 7.880   2.973   20.950  1.00 56.67 ? 47  ASN A N   1 
ATOM   360  C  CA  . ASN A 1 46  ? 7.648   4.299   20.368  1.00 56.08 ? 47  ASN A CA  1 
ATOM   361  C  C   . ASN A 1 46  ? 6.712   4.289   19.161  1.00 55.51 ? 47  ASN A C   1 
ATOM   362  O  O   . ASN A 1 46  ? 6.353   3.232   18.630  1.00 54.90 ? 47  ASN A O   1 
ATOM   363  C  CB  . ASN A 1 46  ? 8.974   4.964   19.974  1.00 56.44 ? 47  ASN A CB  1 
ATOM   364  C  CG  . ASN A 1 46  ? 9.772   4.134   18.981  1.00 57.23 ? 47  ASN A CG  1 
ATOM   365  O  OD1 . ASN A 1 46  ? 9.352   3.939   17.839  1.00 57.00 ? 47  ASN A OD1 1 
ATOM   366  N  ND2 . ASN A 1 46  ? 10.917  3.630   19.416  1.00 57.26 ? 47  ASN A ND2 1 
ATOM   367  N  N   . LYS A 1 47  ? 6.383   5.494   18.703  1.00 54.26 ? 48  LYS A N   1 
ATOM   368  C  CA  . LYS A 1 47  ? 5.488   5.710   17.574  1.00 53.14 ? 48  LYS A CA  1 
ATOM   369  C  C   . LYS A 1 47  ? 5.941   5.054   16.266  1.00 51.83 ? 48  LYS A C   1 
ATOM   370  O  O   . LYS A 1 47  ? 5.130   4.461   15.570  1.00 51.08 ? 48  LYS A O   1 
ATOM   371  C  CB  . LYS A 1 47  ? 5.286   7.214   17.373  1.00 54.22 ? 48  LYS A CB  1 
ATOM   372  C  CG  . LYS A 1 47  ? 3.987   7.626   16.698  1.00 53.77 ? 48  LYS A CG  1 
ATOM   373  C  CD  . LYS A 1 47  ? 3.922   9.144   16.631  1.00 54.28 ? 48  LYS A CD  1 
ATOM   374  C  CE  . LYS A 1 47  ? 2.581   9.649   16.138  1.00 55.07 ? 48  LYS A CE  1 
ATOM   375  N  NZ  . LYS A 1 47  ? 2.268   9.201   14.758  1.00 55.85 ? 48  LYS A NZ  1 
ATOM   376  N  N   . ARG A 1 48  ? 7.229   5.132   15.940  1.00 50.87 ? 49  ARG A N   1 
ATOM   377  C  CA  . ARG A 1 48  ? 7.719   4.534   14.696  1.00 51.75 ? 49  ARG A CA  1 
ATOM   378  C  C   . ARG A 1 48  ? 7.647   3.002   14.709  1.00 50.96 ? 49  ARG A C   1 
ATOM   379  O  O   . ARG A 1 48  ? 7.246   2.386   13.715  1.00 49.16 ? 49  ARG A O   1 
ATOM   380  C  CB  . ARG A 1 48  ? 9.147   4.993   14.376  1.00 52.61 ? 49  ARG A CB  1 
ATOM   381  C  CG  . ARG A 1 48  ? 9.646   4.596   12.969  1.00 55.20 ? 49  ARG A CG  1 
ATOM   382  C  CD  . ARG A 1 48  ? 8.942   5.379   11.849  1.00 56.98 ? 49  ARG A CD  1 
ATOM   383  N  NE  . ARG A 1 48  ? 8.014   4.560   11.066  1.00 58.88 ? 49  ARG A NE  1 
ATOM   384  C  CZ  . ARG A 1 48  ? 7.036   5.043   10.296  1.00 60.22 ? 49  ARG A CZ  1 
ATOM   385  N  NH1 . ARG A 1 48  ? 6.842   6.354   10.194  1.00 58.46 ? 49  ARG A NH1 1 
ATOM   386  N  NH2 . ARG A 1 48  ? 6.257   4.210   9.612   1.00 60.00 ? 49  ARG A NH2 1 
ATOM   387  N  N   . ALA A 1 49  ? 8.049   2.394   15.824  1.00 49.59 ? 50  ALA A N   1 
ATOM   388  C  CA  . ALA A 1 49  ? 8.008   0.938   15.972  1.00 47.91 ? 50  ALA A CA  1 
ATOM   389  C  C   . ALA A 1 49  ? 6.549   0.481   15.859  1.00 46.70 ? 50  ALA A C   1 
ATOM   390  O  O   . ALA A 1 49  ? 6.246   -0.563  15.276  1.00 46.55 ? 50  ALA A O   1 
ATOM   391  C  CB  . ALA A 1 49  ? 8.587   0.532   17.322  1.00 47.23 ? 50  ALA A CB  1 
ATOM   392  N  N   . LEU A 1 50  ? 5.655   1.299   16.409  1.00 45.23 ? 51  LEU A N   1 
ATOM   393  C  CA  . LEU A 1 50  ? 4.222   1.046   16.385  1.00 43.75 ? 51  LEU A CA  1 
ATOM   394  C  C   . LEU A 1 50  ? 3.701   1.157   14.932  1.00 43.61 ? 51  LEU A C   1 
ATOM   395  O  O   . LEU A 1 50  ? 3.011   0.262   14.434  1.00 43.84 ? 51  LEU A O   1 
ATOM   396  C  CB  . LEU A 1 50  ? 3.539   2.057   17.317  1.00 42.49 ? 51  LEU A CB  1 
ATOM   397  C  CG  . LEU A 1 50  ? 2.095   1.908   17.799  1.00 42.19 ? 51  LEU A CG  1 
ATOM   398  C  CD1 . LEU A 1 50  ? 1.171   2.794   16.995  1.00 42.11 ? 51  LEU A CD1 1 
ATOM   399  C  CD2 . LEU A 1 50  ? 1.661   0.457   17.755  1.00 42.23 ? 51  LEU A CD2 1 
ATOM   400  N  N   . LEU A 1 51  ? 4.052   2.240   14.246  1.00 41.66 ? 52  LEU A N   1 
ATOM   401  C  CA  . LEU A 1 51  ? 3.624   2.424   12.863  1.00 42.11 ? 52  LEU A CA  1 
ATOM   402  C  C   . LEU A 1 51  ? 4.201   1.355   11.933  1.00 42.18 ? 52  LEU A C   1 
ATOM   403  O  O   . LEU A 1 51  ? 3.491   0.836   11.068  1.00 42.27 ? 52  LEU A O   1 
ATOM   404  C  CB  . LEU A 1 51  ? 3.977   3.824   12.362  1.00 41.91 ? 52  LEU A CB  1 
ATOM   405  C  CG  . LEU A 1 51  ? 3.066   4.920   12.915  1.00 42.54 ? 52  LEU A CG  1 
ATOM   406  C  CD1 . LEU A 1 51  ? 3.559   6.283   12.466  1.00 41.84 ? 52  LEU A CD1 1 
ATOM   407  C  CD2 . LEU A 1 51  ? 1.624   4.675   12.465  1.00 40.32 ? 52  LEU A CD2 1 
ATOM   408  N  N   . ASP A 1 52  ? 5.474   1.011   12.119  1.00 41.17 ? 53  ASP A N   1 
ATOM   409  C  CA  . ASP A 1 52  ? 6.108   -0.025  11.299  1.00 40.40 ? 53  ASP A CA  1 
ATOM   410  C  C   . ASP A 1 52  ? 5.315   -1.322  11.424  1.00 39.54 ? 53  ASP A C   1 
ATOM   411  O  O   . ASP A 1 52  ? 4.941   -1.931  10.416  1.00 40.53 ? 53  ASP A O   1 
ATOM   412  C  CB  . ASP A 1 52  ? 7.560   -0.255  11.728  1.00 40.71 ? 53  ASP A CB  1 
ATOM   413  C  CG  . ASP A 1 52  ? 8.466   0.902   11.358  1.00 43.66 ? 53  ASP A CG  1 
ATOM   414  O  OD1 . ASP A 1 52  ? 8.114   1.666   10.430  1.00 45.40 ? 53  ASP A OD1 1 
ATOM   415  O  OD2 . ASP A 1 52  ? 9.530   1.056   11.993  1.00 45.29 ? 53  ASP A OD2 1 
ATOM   416  N  N   . ALA A 1 53  ? 5.019   -1.717  12.661  1.00 36.02 ? 54  ALA A N   1 
ATOM   417  C  CA  . ALA A 1 53  ? 4.254   -2.931  12.895  1.00 33.52 ? 54  ALA A CA  1 
ATOM   418  C  C   . ALA A 1 53  ? 2.904   -2.844  12.186  1.00 31.94 ? 54  ALA A C   1 
ATOM   419  O  O   . ALA A 1 53  ? 2.436   -3.822  11.616  1.00 31.80 ? 54  ALA A O   1 
ATOM   420  C  CB  . ALA A 1 53  ? 4.065   -3.158  14.373  1.00 32.93 ? 54  ALA A CB  1 
ATOM   421  N  N   . LEU A 1 54  ? 2.269   -1.679  12.226  1.00 31.24 ? 55  LEU A N   1 
ATOM   422  C  CA  . LEU A 1 54  ? 0.985   -1.507  11.566  1.00 30.18 ? 55  LEU A CA  1 
ATOM   423  C  C   . LEU A 1 54  ? 1.117   -1.694  10.059  1.00 30.83 ? 55  LEU A C   1 
ATOM   424  O  O   . LEU A 1 54  ? 0.328   -2.412  9.453   1.00 29.97 ? 55  LEU A O   1 
ATOM   425  C  CB  . LEU A 1 54  ? 0.412   -0.127  11.869  1.00 32.47 ? 55  LEU A CB  1 
ATOM   426  C  CG  . LEU A 1 54  ? -0.688  -0.046  12.930  1.00 32.88 ? 55  LEU A CG  1 
ATOM   427  C  CD1 . LEU A 1 54  ? -0.253  -0.792  14.158  1.00 33.90 ? 55  LEU A CD1 1 
ATOM   428  C  CD2 . LEU A 1 54  ? -0.995  1.406   13.260  1.00 31.87 ? 55  LEU A CD2 1 
ATOM   429  N  N   . ALA A 1 55  ? 2.111   -1.056  9.452   1.00 31.26 ? 56  ALA A N   1 
ATOM   430  C  CA  . ALA A 1 55  ? 2.333   -1.176  8.008   1.00 33.20 ? 56  ALA A CA  1 
ATOM   431  C  C   . ALA A 1 55  ? 2.397   -2.654  7.635   1.00 33.60 ? 56  ALA A C   1 
ATOM   432  O  O   . ALA A 1 55  ? 1.749   -3.095  6.690   1.00 35.86 ? 56  ALA A O   1 
ATOM   433  C  CB  . ALA A 1 55  ? 3.633   -0.474  7.601   1.00 30.90 ? 56  ALA A CB  1 
ATOM   434  N  N   . VAL A 1 56  ? 3.152   -3.421  8.412   1.00 33.25 ? 57  VAL A N   1 
ATOM   435  C  CA  . VAL A 1 56  ? 3.292   -4.849  8.181   1.00 33.29 ? 57  VAL A CA  1 
ATOM   436  C  C   . VAL A 1 56  ? 1.949   -5.557  8.315   1.00 36.03 ? 57  VAL A C   1 
ATOM   437  O  O   . VAL A 1 56  ? 1.503   -6.252  7.397   1.00 35.83 ? 57  VAL A O   1 
ATOM   438  C  CB  . VAL A 1 56  ? 4.269   -5.470  9.191   1.00 33.20 ? 57  VAL A CB  1 
ATOM   439  C  CG1 . VAL A 1 56  ? 4.364   -6.976  8.985   1.00 35.19 ? 57  VAL A CG1 1 
ATOM   440  C  CG2 . VAL A 1 56  ? 5.633   -4.829  9.056   1.00 30.96 ? 57  VAL A CG2 1 
ATOM   441  N  N   . GLU A 1 57  ? 1.297   -5.355  9.459   1.00 38.75 ? 58  GLU A N   1 
ATOM   442  C  CA  . GLU A 1 57  ? 0.013   -5.983  9.768   1.00 39.13 ? 58  GLU A CA  1 
ATOM   443  C  C   . GLU A 1 57  ? -1.131  -5.661  8.824   1.00 37.92 ? 58  GLU A C   1 
ATOM   444  O  O   . GLU A 1 57  ? -1.976  -6.520  8.547   1.00 35.94 ? 58  GLU A O   1 
ATOM   445  C  CB  . GLU A 1 57  ? -0.403  -5.684  11.213  1.00 42.19 ? 58  GLU A CB  1 
ATOM   446  C  CG  . GLU A 1 57  ? 0.446   -6.412  12.259  1.00 47.74 ? 58  GLU A CG  1 
ATOM   447  C  CD  . GLU A 1 57  ? 0.478   -7.933  12.057  1.00 50.68 ? 58  GLU A CD  1 
ATOM   448  O  OE1 . GLU A 1 57  ? -0.616  -8.567  12.019  1.00 48.34 ? 58  GLU A OE1 1 
ATOM   449  O  OE2 . GLU A 1 57  ? 1.604   -8.483  11.939  1.00 51.12 ? 58  GLU A OE2 1 
ATOM   450  N  N   . ILE A 1 58  ? -1.196  -4.421  8.361   1.00 37.47 ? 59  ILE A N   1 
ATOM   451  C  CA  . ILE A 1 58  ? -2.244  -4.040  7.431   1.00 38.49 ? 59  ILE A CA  1 
ATOM   452  C  C   . ILE A 1 58  ? -2.169  -4.953  6.193   1.00 39.64 ? 59  ILE A C   1 
ATOM   453  O  O   . ILE A 1 58  ? -3.166  -5.592  5.830   1.00 40.94 ? 59  ILE A O   1 
ATOM   454  C  CB  . ILE A 1 58  ? -2.129  -2.550  7.041   1.00 37.41 ? 59  ILE A CB  1 
ATOM   455  C  CG1 . ILE A 1 58  ? -2.590  -1.674  8.212   1.00 34.22 ? 59  ILE A CG1 1 
ATOM   456  C  CG2 . ILE A 1 58  ? -2.970  -2.258  5.805   1.00 37.75 ? 59  ILE A CG2 1 
ATOM   457  C  CD1 . ILE A 1 58  ? -2.264  -0.226  8.052   1.00 32.93 ? 59  ILE A CD1 1 
ATOM   458  N  N   . LEU A 1 59  ? -0.973  -5.086  5.617   1.00 39.43 ? 60  LEU A N   1 
ATOM   459  C  CA  . LEU A 1 59  ? -0.770  -5.924  4.435   1.00 39.91 ? 60  LEU A CA  1 
ATOM   460  C  C   . LEU A 1 59  ? -0.993  -7.412  4.695   1.00 41.26 ? 60  LEU A C   1 
ATOM   461  O  O   . LEU A 1 59  ? -1.721  -8.063  3.953   1.00 42.16 ? 60  LEU A O   1 
ATOM   462  C  CB  . LEU A 1 59  ? 0.616   -5.692  3.824   1.00 37.76 ? 60  LEU A CB  1 
ATOM   463  C  CG  . LEU A 1 59  ? 0.837   -4.302  3.214   1.00 37.46 ? 60  LEU A CG  1 
ATOM   464  C  CD1 . LEU A 1 59  ? 2.188   -4.228  2.549   1.00 39.24 ? 60  LEU A CD1 1 
ATOM   465  C  CD2 . LEU A 1 59  ? -0.241  -4.019  2.192   1.00 38.71 ? 60  LEU A CD2 1 
ATOM   466  N  N   . ALA A 1 60  ? -0.410  -7.945  5.760   1.00 42.75 ? 61  ALA A N   1 
ATOM   467  C  CA  . ALA A 1 60  ? -0.581  -9.365  6.062   1.00 44.54 ? 61  ALA A CA  1 
ATOM   468  C  C   . ALA A 1 60  ? -2.035  -9.748  6.346   1.00 45.98 ? 61  ALA A C   1 
ATOM   469  O  O   . ALA A 1 60  ? -2.405  -10.907 6.199   1.00 45.93 ? 61  ALA A O   1 
ATOM   470  C  CB  . ALA A 1 60  ? 0.312   -9.780  7.225   1.00 42.69 ? 61  ALA A CB  1 
ATOM   471  N  N   . ARG A 1 61  ? -2.863  -8.779  6.731   1.00 50.86 ? 62  ARG A N   1 
ATOM   472  C  CA  . ARG A 1 61  ? -4.269  -9.059  7.031   1.00 56.18 ? 62  ARG A CA  1 
ATOM   473  C  C   . ARG A 1 61  ? -5.259  -8.701  5.938   1.00 57.51 ? 62  ARG A C   1 
ATOM   474  O  O   . ARG A 1 61  ? -6.445  -9.020  6.059   1.00 60.21 ? 62  ARG A O   1 
ATOM   475  C  CB  . ARG A 1 61  ? -4.712  -8.346  8.311   1.00 59.48 ? 62  ARG A CB  1 
ATOM   476  C  CG  . ARG A 1 61  ? -4.029  -8.825  9.552   1.00 66.38 ? 62  ARG A CG  1 
ATOM   477  C  CD  . ARG A 1 61  ? -4.459  -8.025  10.755  1.00 70.10 ? 62  ARG A CD  1 
ATOM   478  N  NE  . ARG A 1 61  ? -3.593  -8.284  11.903  1.00 74.32 ? 62  ARG A NE  1 
ATOM   479  C  CZ  . ARG A 1 61  ? -4.006  -8.301  13.164  1.00 78.58 ? 62  ARG A CZ  1 
ATOM   480  N  NH1 . ARG A 1 61  ? -5.283  -8.078  13.454  1.00 80.98 ? 62  ARG A NH1 1 
ATOM   481  N  NH2 . ARG A 1 61  ? -3.143  -8.544  14.140  1.00 80.78 ? 62  ARG A NH2 1 
ATOM   482  N  N   . HIS A 1 62  ? -4.819  -7.998  4.901   1.00 57.37 ? 63  HIS A N   1 
ATOM   483  C  CA  . HIS A 1 62  ? -5.756  -7.602  3.844   1.00 58.79 ? 63  HIS A CA  1 
ATOM   484  C  C   . HIS A 1 62  ? -5.235  -7.713  2.413   1.00 57.93 ? 63  HIS A C   1 
ATOM   485  O  O   . HIS A 1 62  ? -6.020  -7.775  1.462   1.00 58.39 ? 63  HIS A O   1 
ATOM   486  C  CB  . HIS A 1 62  ? -6.262  -6.173  4.103   1.00 60.90 ? 63  HIS A CB  1 
ATOM   487  C  CG  . HIS A 1 62  ? -7.100  -6.036  5.341   1.00 62.65 ? 63  HIS A CG  1 
ATOM   488  N  ND1 . HIS A 1 62  ? -6.563  -5.766  6.583   1.00 62.65 ? 63  HIS A ND1 1 
ATOM   489  C  CD2 . HIS A 1 62  ? -8.440  -6.125  5.525   1.00 63.29 ? 63  HIS A CD2 1 
ATOM   490  C  CE1 . HIS A 1 62  ? -7.532  -5.694  7.475   1.00 63.97 ? 63  HIS A CE1 1 
ATOM   491  N  NE2 . HIS A 1 62  ? -8.682  -5.908  6.860   1.00 64.48 ? 63  HIS A NE2 1 
ATOM   492  N  N   . HIS A 1 63  ? -3.914  -7.754  2.270   1.00 55.29 ? 64  HIS A N   1 
ATOM   493  C  CA  . HIS A 1 63  ? -3.264  -7.846  0.971   1.00 51.47 ? 64  HIS A CA  1 
ATOM   494  C  C   . HIS A 1 63  ? -3.255  -9.306  0.528   1.00 51.36 ? 64  HIS A C   1 
ATOM   495  O  O   . HIS A 1 63  ? -2.220  -9.957  0.527   1.00 51.47 ? 64  HIS A O   1 
ATOM   496  C  CB  . HIS A 1 63  ? -1.847  -7.290  1.109   1.00 48.88 ? 64  HIS A CB  1 
ATOM   497  C  CG  . HIS A 1 63  ? -1.057  -7.265  -0.158  1.00 46.61 ? 64  HIS A CG  1 
ATOM   498  N  ND1 . HIS A 1 63  ? -1.615  -6.979  -1.385  1.00 44.77 ? 64  HIS A ND1 1 
ATOM   499  C  CD2 . HIS A 1 63  ? 0.263   -7.454  -0.377  1.00 44.37 ? 64  HIS A CD2 1 
ATOM   500  C  CE1 . HIS A 1 63  ? -0.668  -6.987  -2.307  1.00 45.54 ? 64  HIS A CE1 1 
ATOM   501  N  NE2 . HIS A 1 63  ? 0.480   -7.274  -1.719  1.00 44.86 ? 64  HIS A NE2 1 
ATOM   502  N  N   . ASP A 1 64  ? -4.425  -9.801  0.140   1.00 52.85 ? 65  ASP A N   1 
ATOM   503  C  CA  . ASP A 1 64  ? -4.595  -11.188 -0.296  1.00 56.35 ? 65  ASP A CA  1 
ATOM   504  C  C   . ASP A 1 64  ? -3.845  -11.663 -1.550  1.00 56.54 ? 65  ASP A C   1 
ATOM   505  O  O   . ASP A 1 64  ? -3.436  -12.825 -1.615  1.00 55.96 ? 65  ASP A O   1 
ATOM   506  C  CB  . ASP A 1 64  ? -6.087  -11.549 -0.400  1.00 60.01 ? 65  ASP A CB  1 
ATOM   507  C  CG  . ASP A 1 64  ? -6.880  -10.586 -1.287  1.00 65.15 ? 65  ASP A CG  1 
ATOM   508  O  OD1 . ASP A 1 64  ? -6.303  -9.613  -1.830  1.00 68.13 ? 65  ASP A OD1 1 
ATOM   509  O  OD2 . ASP A 1 64  ? -8.104  -10.803 -1.435  1.00 67.64 ? 65  ASP A OD2 1 
ATOM   510  N  N   . TYR A 1 65  ? -3.656  -10.789 -2.540  1.00 56.06 ? 66  TYR A N   1 
ATOM   511  C  CA  . TYR A 1 65  ? -2.950  -11.188 -3.763  1.00 55.60 ? 66  TYR A CA  1 
ATOM   512  C  C   . TYR A 1 65  ? -1.462  -10.803 -3.744  1.00 55.45 ? 66  TYR A C   1 
ATOM   513  O  O   . TYR A 1 65  ? -1.015  -9.952  -4.518  1.00 54.47 ? 66  TYR A O   1 
ATOM   514  C  CB  . TYR A 1 65  ? -3.644  -10.616 -5.007  1.00 55.31 ? 66  TYR A CB  1 
ATOM   515  C  CG  . TYR A 1 65  ? -3.775  -11.627 -6.136  1.00 55.54 ? 66  TYR A CG  1 
ATOM   516  C  CD1 . TYR A 1 65  ? -2.671  -11.981 -6.915  1.00 54.85 ? 66  TYR A CD1 1 
ATOM   517  C  CD2 . TYR A 1 65  ? -4.993  -12.260 -6.395  1.00 55.02 ? 66  TYR A CD2 1 
ATOM   518  C  CE1 . TYR A 1 65  ? -2.778  -12.940 -7.918  1.00 54.19 ? 66  TYR A CE1 1 
ATOM   519  C  CE2 . TYR A 1 65  ? -5.107  -13.218 -7.395  1.00 54.65 ? 66  TYR A CE2 1 
ATOM   520  C  CZ  . TYR A 1 65  ? -3.997  -13.555 -8.153  1.00 54.51 ? 66  TYR A CZ  1 
ATOM   521  O  OH  . TYR A 1 65  ? -4.102  -14.507 -9.142  1.00 55.90 ? 66  TYR A OH  1 
ATOM   522  N  N   . SER A 1 66  ? -0.701  -11.450 -2.864  1.00 55.76 ? 67  SER A N   1 
ATOM   523  C  CA  . SER A 1 66  ? 0.728   -11.181 -2.710  1.00 56.96 ? 67  SER A CA  1 
ATOM   524  C  C   . SER A 1 66  ? 1.631   -12.063 -3.571  1.00 57.25 ? 67  SER A C   1 
ATOM   525  O  O   . SER A 1 66  ? 2.667   -11.604 -4.051  1.00 57.37 ? 67  SER A O   1 
ATOM   526  C  CB  . SER A 1 66  ? 1.126   -11.289 -1.233  1.00 57.20 ? 67  SER A CB  1 
ATOM   527  O  OG  . SER A 1 66  ? 0.381   -12.305 -0.574  1.00 58.78 ? 67  SER A OG  1 
ATOM   528  N  N   . LEU A 1 67  ? 1.264   -13.337 -3.711  1.00 57.39 ? 68  LEU A N   1 
ATOM   529  C  CA  . LEU A 1 67  ? 2.018   -14.290 -4.522  1.00 57.12 ? 68  LEU A CA  1 
ATOM   530  C  C   . LEU A 1 67  ? 1.150   -14.659 -5.718  1.00 58.84 ? 68  LEU A C   1 
ATOM   531  O  O   . LEU A 1 67  ? -0.077  -14.704 -5.604  1.00 59.51 ? 68  LEU A O   1 
ATOM   532  C  CB  . LEU A 1 67  ? 2.367   -15.556 -3.726  1.00 56.40 ? 68  LEU A CB  1 
ATOM   533  C  CG  . LEU A 1 67  ? 3.485   -15.534 -2.669  1.00 57.78 ? 68  LEU A CG  1 
ATOM   534  C  CD1 . LEU A 1 67  ? 4.663   -14.713 -3.175  1.00 56.81 ? 68  LEU A CD1 1 
ATOM   535  C  CD2 . LEU A 1 67  ? 2.985   -14.975 -1.341  1.00 58.19 ? 68  LEU A CD2 1 
ATOM   536  N  N   . PRO A 1 68  ? 1.770   -14.900 -6.888  1.00 60.92 ? 69  PRO A N   1 
ATOM   537  C  CA  . PRO A 1 68  ? 1.055   -15.264 -8.123  1.00 60.55 ? 69  PRO A CA  1 
ATOM   538  C  C   . PRO A 1 68  ? 0.449   -16.676 -8.154  1.00 60.35 ? 69  PRO A C   1 
ATOM   539  O  O   . PRO A 1 68  ? 0.992   -17.615 -7.552  1.00 60.27 ? 69  PRO A O   1 
ATOM   540  C  CB  . PRO A 1 68  ? 2.135   -15.090 -9.194  1.00 60.50 ? 69  PRO A CB  1 
ATOM   541  C  CG  . PRO A 1 68  ? 3.391   -15.472 -8.467  1.00 60.59 ? 69  PRO A CG  1 
ATOM   542  C  CD  . PRO A 1 68  ? 3.221   -14.771 -7.140  1.00 61.04 ? 69  PRO A CD  1 
ATOM   543  N  N   . ALA A 1 69  ? -0.677  -16.813 -8.854  1.00 58.77 ? 70  ALA A N   1 
ATOM   544  C  CA  . ALA A 1 69  ? -1.350  -18.100 -8.995  1.00 58.87 ? 70  ALA A CA  1 
ATOM   545  C  C   . ALA A 1 69  ? -0.522  -19.014 -9.907  1.00 58.76 ? 70  ALA A C   1 
ATOM   546  O  O   . ALA A 1 69  ? 0.418   -18.557 -10.573 1.00 57.17 ? 70  ALA A O   1 
ATOM   547  C  CB  . ALA A 1 69  ? -2.744  -17.903 -9.566  1.00 58.36 ? 70  ALA A CB  1 
ATOM   548  N  N   . ALA A 1 70  ? -0.864  -20.301 -9.940  1.00 58.69 ? 71  ALA A N   1 
ATOM   549  C  CA  . ALA A 1 70  ? -0.134  -21.260 -10.771 1.00 57.85 ? 71  ALA A CA  1 
ATOM   550  C  C   . ALA A 1 70  ? -0.217  -20.900 -12.254 1.00 56.21 ? 71  ALA A C   1 
ATOM   551  O  O   . ALA A 1 70  ? -1.308  -20.747 -12.805 1.00 55.66 ? 71  ALA A O   1 
ATOM   552  C  CB  . ALA A 1 70  ? -0.652  -22.672 -10.539 1.00 57.76 ? 71  ALA A CB  1 
ATOM   553  N  N   . GLY A 1 71  ? 0.948   -20.698 -12.863 1.00 54.38 ? 72  GLY A N   1 
ATOM   554  C  CA  . GLY A 1 71  ? 1.020   -20.364 -14.273 1.00 52.36 ? 72  GLY A CA  1 
ATOM   555  C  C   . GLY A 1 71  ? 0.383   -19.049 -14.682 1.00 50.50 ? 72  GLY A C   1 
ATOM   556  O  O   . GLY A 1 71  ? -0.079  -18.910 -15.814 1.00 51.61 ? 72  GLY A O   1 
ATOM   557  N  N   . GLU A 1 72  ? 0.354   -18.076 -13.782 1.00 47.79 ? 73  GLU A N   1 
ATOM   558  C  CA  . GLU A 1 72  ? -0.231  -16.782 -14.109 1.00 44.83 ? 73  GLU A CA  1 
ATOM   559  C  C   . GLU A 1 72  ? 0.784   -15.923 -14.866 1.00 42.57 ? 73  GLU A C   1 
ATOM   560  O  O   . GLU A 1 72  ? 1.985   -16.095 -14.703 1.00 42.01 ? 73  GLU A O   1 
ATOM   561  C  CB  . GLU A 1 72  ? -0.690  -16.087 -12.831 1.00 45.92 ? 73  GLU A CB  1 
ATOM   562  C  CG  . GLU A 1 72  ? -1.407  -14.768 -13.046 1.00 46.59 ? 73  GLU A CG  1 
ATOM   563  C  CD  . GLU A 1 72  ? -1.959  -14.180 -11.757 1.00 46.68 ? 73  GLU A CD  1 
ATOM   564  O  OE1 . GLU A 1 72  ? -1.579  -14.655 -10.663 1.00 47.30 ? 73  GLU A OE1 1 
ATOM   565  O  OE2 . GLU A 1 72  ? -2.775  -13.238 -11.841 1.00 47.26 ? 73  GLU A OE2 1 
ATOM   566  N  N   . SER A 1 73  ? 0.290   -15.023 -15.714 1.00 41.89 ? 74  SER A N   1 
ATOM   567  C  CA  . SER A 1 73  ? 1.139   -14.125 -16.520 1.00 40.24 ? 74  SER A CA  1 
ATOM   568  C  C   . SER A 1 73  ? 1.654   -12.948 -15.694 1.00 39.23 ? 74  SER A C   1 
ATOM   569  O  O   . SER A 1 73  ? 0.937   -12.445 -14.817 1.00 39.75 ? 74  SER A O   1 
ATOM   570  C  CB  . SER A 1 73  ? 0.350   -13.575 -17.719 1.00 39.55 ? 74  SER A CB  1 
ATOM   571  O  OG  . SER A 1 73  ? -0.722  -12.723 -17.309 1.00 37.36 ? 74  SER A OG  1 
ATOM   572  N  N   . TRP A 1 74  ? 2.843   -12.449 -16.024 1.00 36.16 ? 75  TRP A N   1 
ATOM   573  C  CA  . TRP A 1 74  ? 3.392   -11.327 -15.281 1.00 35.12 ? 75  TRP A CA  1 
ATOM   574  C  C   . TRP A 1 74  ? 2.496   -10.094 -15.326 1.00 35.31 ? 75  TRP A C   1 
ATOM   575  O  O   . TRP A 1 74  ? 2.436   -9.339  -14.362 1.00 35.40 ? 75  TRP A O   1 
ATOM   576  C  CB  . TRP A 1 74  ? 4.827   -10.996 -15.712 1.00 32.00 ? 75  TRP A CB  1 
ATOM   577  C  CG  . TRP A 1 74  ? 4.983   -10.373 -17.048 1.00 30.52 ? 75  TRP A CG  1 
ATOM   578  C  CD1 . TRP A 1 74  ? 5.397   -10.989 -18.182 1.00 29.57 ? 75  TRP A CD1 1 
ATOM   579  C  CD2 . TRP A 1 74  ? 4.803   -8.986  -17.382 1.00 31.92 ? 75  TRP A CD2 1 
ATOM   580  N  NE1 . TRP A 1 74  ? 5.498   -10.080 -19.208 1.00 31.50 ? 75  TRP A NE1 1 
ATOM   581  C  CE2 . TRP A 1 74  ? 5.138   -8.842  -18.747 1.00 31.49 ? 75  TRP A CE2 1 
ATOM   582  C  CE3 . TRP A 1 74  ? 4.389   -7.854  -16.667 1.00 28.96 ? 75  TRP A CE3 1 
ATOM   583  C  CZ2 . TRP A 1 74  ? 5.080   -7.609  -19.411 1.00 31.84 ? 75  TRP A CZ2 1 
ATOM   584  C  CZ3 . TRP A 1 74  ? 4.329   -6.631  -17.327 1.00 31.86 ? 75  TRP A CZ3 1 
ATOM   585  C  CH2 . TRP A 1 74  ? 4.673   -6.518  -18.686 1.00 31.86 ? 75  TRP A CH2 1 
ATOM   586  N  N   . GLN A 1 75  ? 1.754   -9.926  -16.418 1.00 35.11 ? 76  GLN A N   1 
ATOM   587  C  CA  . GLN A 1 75  ? 0.849   -8.786  -16.559 1.00 34.33 ? 76  GLN A CA  1 
ATOM   588  C  C   . GLN A 1 75  ? -0.337  -8.902  -15.608 1.00 32.96 ? 76  GLN A C   1 
ATOM   589  O  O   . GLN A 1 75  ? -0.728  -7.925  -14.981 1.00 33.76 ? 76  GLN A O   1 
ATOM   590  C  CB  . GLN A 1 75  ? 0.320   -8.661  -17.990 1.00 34.56 ? 76  GLN A CB  1 
ATOM   591  C  CG  . GLN A 1 75  ? 1.371   -8.385  -19.038 1.00 36.72 ? 76  GLN A CG  1 
ATOM   592  C  CD  . GLN A 1 75  ? 1.982   -9.653  -19.608 1.00 38.52 ? 76  GLN A CD  1 
ATOM   593  O  OE1 . GLN A 1 75  ? 1.995   -10.705 -18.966 1.00 36.86 ? 76  GLN A OE1 1 
ATOM   594  N  NE2 . GLN A 1 75  ? 2.504   -9.555  -20.822 1.00 40.24 ? 76  GLN A NE2 1 
ATOM   595  N  N   . SER A 1 76  ? -0.915  -10.095 -15.517 1.00 32.76 ? 77  SER A N   1 
ATOM   596  C  CA  . SER A 1 76  ? -2.065  -10.326 -14.651 1.00 33.44 ? 77  SER A CA  1 
ATOM   597  C  C   . SER A 1 76  ? -1.673  -10.219 -13.184 1.00 35.22 ? 77  SER A C   1 
ATOM   598  O  O   . SER A 1 76  ? -2.477  -9.812  -12.345 1.00 32.31 ? 77  SER A O   1 
ATOM   599  C  CB  . SER A 1 76  ? -2.673  -11.703 -14.921 1.00 33.37 ? 77  SER A CB  1 
ATOM   600  O  OG  . SER A 1 76  ? -3.864  -11.904 -14.171 1.00 34.09 ? 77  SER A OG  1 
ATOM   601  N  N   . PHE A 1 77  ? -0.456  -10.654 -12.866 1.00 37.46 ? 78  PHE A N   1 
ATOM   602  C  CA  . PHE A 1 77  ? 0.036   -10.574 -11.499 1.00 36.78 ? 78  PHE A CA  1 
ATOM   603  C  C   . PHE A 1 77  ? 0.169   -9.101  -11.126 1.00 36.71 ? 78  PHE A C   1 
ATOM   604  O  O   . PHE A 1 77  ? -0.455  -8.657  -10.174 1.00 38.06 ? 78  PHE A O   1 
ATOM   605  C  CB  . PHE A 1 77  ? 1.389   -11.272 -11.343 1.00 36.55 ? 78  PHE A CB  1 
ATOM   606  C  CG  . PHE A 1 77  ? 2.047   -11.023 -10.003 1.00 36.26 ? 78  PHE A CG  1 
ATOM   607  C  CD1 . PHE A 1 77  ? 1.457   -11.481 -8.829  1.00 35.41 ? 78  PHE A CD1 1 
ATOM   608  C  CD2 . PHE A 1 77  ? 3.244   -10.315 -9.921  1.00 35.38 ? 78  PHE A CD2 1 
ATOM   609  C  CE1 . PHE A 1 77  ? 2.051   -11.234 -7.601  1.00 34.22 ? 78  PHE A CE1 1 
ATOM   610  C  CE2 . PHE A 1 77  ? 3.844   -10.064 -8.692  1.00 33.47 ? 78  PHE A CE2 1 
ATOM   611  C  CZ  . PHE A 1 77  ? 3.249   -10.524 -7.534  1.00 34.29 ? 78  PHE A CZ  1 
ATOM   612  N  N   . LEU A 1 78  ? 0.934   -8.340  -11.907 1.00 35.01 ? 79  LEU A N   1 
ATOM   613  C  CA  . LEU A 1 78  ? 1.121   -6.921  -11.629 1.00 34.46 ? 79  LEU A CA  1 
ATOM   614  C  C   . LEU A 1 78  ? -0.212  -6.204  -11.431 1.00 35.93 ? 79  LEU A C   1 
ATOM   615  O  O   . LEU A 1 78  ? -0.343  -5.384  -10.525 1.00 37.78 ? 79  LEU A O   1 
ATOM   616  C  CB  . LEU A 1 78  ? 1.956   -6.254  -12.723 1.00 31.53 ? 79  LEU A CB  1 
ATOM   617  C  CG  . LEU A 1 78  ? 3.360   -5.802  -12.301 1.00 31.31 ? 79  LEU A CG  1 
ATOM   618  C  CD1 . LEU A 1 78  ? 4.044   -6.852  -11.439 1.00 30.23 ? 79  LEU A CD1 1 
ATOM   619  C  CD2 . LEU A 1 78  ? 4.193   -5.475  -13.524 1.00 29.45 ? 79  LEU A CD2 1 
ATOM   620  N  N   . ARG A 1 79  ? -1.212  -6.567  -12.231 1.00 35.02 ? 80  ARG A N   1 
ATOM   621  C  CA  . ARG A 1 79  ? -2.543  -5.972  -12.131 1.00 33.86 ? 80  ARG A CA  1 
ATOM   622  C  C   . ARG A 1 79  ? -3.258  -6.387  -10.846 1.00 34.01 ? 80  ARG A C   1 
ATOM   623  O  O   . ARG A 1 79  ? -3.777  -5.535  -10.124 1.00 34.18 ? 80  ARG A O   1 
ATOM   624  C  CB  . ARG A 1 79  ? -3.396  -6.379  -13.331 1.00 34.28 ? 80  ARG A CB  1 
ATOM   625  C  CG  . ARG A 1 79  ? -4.770  -5.726  -13.384 1.00 35.24 ? 80  ARG A CG  1 
ATOM   626  C  CD  . ARG A 1 79  ? -5.607  -6.307  -14.521 1.00 37.03 ? 80  ARG A CD  1 
ATOM   627  N  NE  . ARG A 1 79  ? -4.958  -6.150  -15.824 1.00 35.68 ? 80  ARG A NE  1 
ATOM   628  C  CZ  . ARG A 1 79  ? -4.471  -7.145  -16.560 1.00 35.78 ? 80  ARG A CZ  1 
ATOM   629  N  NH1 . ARG A 1 79  ? -4.546  -8.403  -16.137 1.00 33.60 ? 80  ARG A NH1 1 
ATOM   630  N  NH2 . ARG A 1 79  ? -3.897  -6.870  -17.721 1.00 36.31 ? 80  ARG A NH2 1 
ATOM   631  N  N   . ASN A 1 80  ? -3.318  -7.695  -10.587 1.00 33.96 ? 81  ASN A N   1 
ATOM   632  C  CA  . ASN A 1 80  ? -3.972  -8.245  -9.395  1.00 34.29 ? 81  ASN A CA  1 
ATOM   633  C  C   . ASN A 1 80  ? -3.285  -7.853  -8.093  1.00 34.56 ? 81  ASN A C   1 
ATOM   634  O  O   . ASN A 1 80  ? -3.950  -7.523  -7.111  1.00 37.16 ? 81  ASN A O   1 
ATOM   635  C  CB  . ASN A 1 80  ? -4.056  -9.768  -9.476  1.00 34.47 ? 81  ASN A CB  1 
ATOM   636  C  CG  . ASN A 1 80  ? -5.201  -10.243 -10.342 1.00 35.58 ? 81  ASN A CG  1 
ATOM   637  O  OD1 . ASN A 1 80  ? -6.259  -9.614  -10.400 1.00 34.48 ? 81  ASN A OD1 1 
ATOM   638  N  ND2 . ASN A 1 80  ? -5.005  -11.372 -11.010 1.00 36.30 ? 81  ASN A ND2 1 
ATOM   639  N  N   . ASN A 1 81  ? -1.959  -7.901  -8.085  1.00 32.14 ? 82  ASN A N   1 
ATOM   640  C  CA  . ASN A 1 81  ? -1.161  -7.534  -6.923  1.00 32.12 ? 82  ASN A CA  1 
ATOM   641  C  C   . ASN A 1 81  ? -1.318  -6.040  -6.603  1.00 33.40 ? 82  ASN A C   1 
ATOM   642  O  O   . ASN A 1 81  ? -1.370  -5.648  -5.429  1.00 34.80 ? 82  ASN A O   1 
ATOM   643  C  CB  . ASN A 1 81  ? 0.307   -7.877  -7.177  1.00 32.41 ? 82  ASN A CB  1 
ATOM   644  C  CG  . ASN A 1 81  ? 1.214   -7.446  -6.048  1.00 32.85 ? 82  ASN A CG  1 
ATOM   645  O  OD1 . ASN A 1 81  ? 1.903   -6.433  -6.155  1.00 33.48 ? 82  ASN A OD1 1 
ATOM   646  N  ND2 . ASN A 1 81  ? 1.232   -8.215  -4.964  1.00 33.42 ? 82  ASN A ND2 1 
ATOM   647  N  N   . ALA A 1 82  ? -1.404  -5.214  -7.644  1.00 31.02 ? 83  ALA A N   1 
ATOM   648  C  CA  . ALA A 1 82  ? -1.577  -3.779  -7.480  1.00 30.35 ? 83  ALA A CA  1 
ATOM   649  C  C   . ALA A 1 82  ? -2.963  -3.475  -6.931  1.00 31.37 ? 83  ALA A C   1 
ATOM   650  O  O   . ALA A 1 82  ? -3.116  -2.610  -6.069  1.00 34.35 ? 83  ALA A O   1 
ATOM   651  C  CB  . ALA A 1 82  ? -1.375  -3.060  -8.788  1.00 28.24 ? 83  ALA A CB  1 
ATOM   652  N  N   . MET A 1 83  ? -3.979  -4.166  -7.430  1.00 31.02 ? 84  MET A N   1 
ATOM   653  C  CA  . MET A 1 83  ? -5.342  -3.940  -6.959  1.00 31.97 ? 84  MET A CA  1 
ATOM   654  C  C   . MET A 1 83  ? -5.451  -4.288  -5.479  1.00 31.17 ? 84  MET A C   1 
ATOM   655  O  O   . MET A 1 83  ? -6.033  -3.539  -4.697  1.00 30.38 ? 84  MET A O   1 
ATOM   656  C  CB  . MET A 1 83  ? -6.352  -4.771  -7.765  1.00 35.16 ? 84  MET A CB  1 
ATOM   657  C  CG  . MET A 1 83  ? -6.494  -4.361  -9.229  1.00 39.72 ? 84  MET A CG  1 
ATOM   658  S  SD  . MET A 1 83  ? -8.021  -4.964  -10.006 1.00 43.59 ? 84  MET A SD  1 
ATOM   659  C  CE  . MET A 1 83  ? -7.580  -6.663  -10.366 1.00 42.52 ? 84  MET A CE  1 
ATOM   660  N  N   . SER A 1 84  ? -4.902  -5.441  -5.111  1.00 31.04 ? 85  SER A N   1 
ATOM   661  C  CA  . SER A 1 84  ? -4.914  -5.913  -3.730  1.00 33.58 ? 85  SER A CA  1 
ATOM   662  C  C   . SER A 1 84  ? -4.223  -4.897  -2.835  1.00 34.31 ? 85  SER A C   1 
ATOM   663  O  O   . SER A 1 84  ? -4.703  -4.574  -1.747  1.00 34.56 ? 85  SER A O   1 
ATOM   664  C  CB  . SER A 1 84  ? -4.179  -7.247  -3.628  1.00 33.39 ? 85  SER A CB  1 
ATOM   665  O  OG  . SER A 1 84  ? -4.148  -7.714  -2.295  1.00 36.89 ? 85  SER A OG  1 
ATOM   666  N  N   . PHE A 1 85  ? -3.069  -4.434  -3.291  1.00 34.07 ? 86  PHE A N   1 
ATOM   667  C  CA  . PHE A 1 85  ? -2.281  -3.447  -2.579  1.00 32.92 ? 86  PHE A CA  1 
ATOM   668  C  C   . PHE A 1 85  ? -3.133  -2.207  -2.301  1.00 34.05 ? 86  PHE A C   1 
ATOM   669  O  O   . PHE A 1 85  ? -3.270  -1.789  -1.155  1.00 37.54 ? 86  PHE A O   1 
ATOM   670  C  CB  . PHE A 1 85  ? -1.060  -3.083  -3.421  1.00 27.08 ? 86  PHE A CB  1 
ATOM   671  C  CG  . PHE A 1 85  ? -0.079  -2.207  -2.721  1.00 23.93 ? 86  PHE A CG  1 
ATOM   672  C  CD1 . PHE A 1 85  ? 0.234   -2.423  -1.384  1.00 23.82 ? 86  PHE A CD1 1 
ATOM   673  C  CD2 . PHE A 1 85  ? 0.551   -1.180  -3.404  1.00 20.55 ? 86  PHE A CD2 1 
ATOM   674  C  CE1 . PHE A 1 85  ? 1.166   -1.627  -0.738  1.00 24.53 ? 86  PHE A CE1 1 
ATOM   675  C  CE2 . PHE A 1 85  ? 1.479   -0.379  -2.777  1.00 22.15 ? 86  PHE A CE2 1 
ATOM   676  C  CZ  . PHE A 1 85  ? 1.793   -0.598  -1.438  1.00 25.12 ? 86  PHE A CZ  1 
ATOM   677  N  N   . ARG A 1 86  ? -3.727  -1.640  -3.344  1.00 36.25 ? 87  ARG A N   1 
ATOM   678  C  CA  . ARG A 1 86  ? -4.569  -0.458  -3.198  1.00 35.89 ? 87  ARG A CA  1 
ATOM   679  C  C   . ARG A 1 86  ? -5.718  -0.729  -2.226  1.00 36.77 ? 87  ARG A C   1 
ATOM   680  O  O   . ARG A 1 86  ? -6.026  0.096   -1.362  1.00 35.35 ? 87  ARG A O   1 
ATOM   681  C  CB  . ARG A 1 86  ? -5.139  -0.059  -4.551  1.00 33.65 ? 87  ARG A CB  1 
ATOM   682  C  CG  . ARG A 1 86  ? -6.025  1.155   -4.495  1.00 34.50 ? 87  ARG A CG  1 
ATOM   683  C  CD  . ARG A 1 86  ? -6.675  1.418   -5.830  1.00 34.63 ? 87  ARG A CD  1 
ATOM   684  N  NE  . ARG A 1 86  ? -7.488  2.628   -5.796  1.00 36.10 ? 87  ARG A NE  1 
ATOM   685  C  CZ  . ARG A 1 86  ? -8.817  2.636   -5.828  1.00 37.84 ? 87  ARG A CZ  1 
ATOM   686  N  NH1 . ARG A 1 86  ? -9.501  1.496   -5.904  1.00 36.05 ? 87  ARG A NH1 1 
ATOM   687  N  NH2 . ARG A 1 86  ? -9.466  3.789   -5.734  1.00 38.90 ? 87  ARG A NH2 1 
ATOM   688  N  N   . ARG A 1 87  ? -6.342  -1.893  -2.372  1.00 38.19 ? 88  ARG A N   1 
ATOM   689  C  CA  . ARG A 1 87  ? -7.461  -2.290  -1.526  1.00 41.35 ? 88  ARG A CA  1 
ATOM   690  C  C   . ARG A 1 87  ? -7.061  -2.253  -0.046  1.00 41.91 ? 88  ARG A C   1 
ATOM   691  O  O   . ARG A 1 87  ? -7.715  -1.593  0.763   1.00 43.30 ? 88  ARG A O   1 
ATOM   692  C  CB  . ARG A 1 87  ? -7.932  -3.687  -1.923  1.00 43.98 ? 88  ARG A CB  1 
ATOM   693  C  CG  . ARG A 1 87  ? -9.284  -4.065  -1.363  1.00 50.73 ? 88  ARG A CG  1 
ATOM   694  C  CD  . ARG A 1 87  ? -9.860  -5.290  -2.081  1.00 56.10 ? 88  ARG A CD  1 
ATOM   695  N  NE  . ARG A 1 87  ? -9.949  -5.105  -3.534  1.00 60.75 ? 88  ARG A NE  1 
ATOM   696  C  CZ  . ARG A 1 87  ? -10.709 -4.193  -4.141  1.00 62.17 ? 88  ARG A CZ  1 
ATOM   697  N  NH1 . ARG A 1 87  ? -11.469 -3.364  -3.431  1.00 62.32 ? 88  ARG A NH1 1 
ATOM   698  N  NH2 . ARG A 1 87  ? -10.683 -4.084  -5.466  1.00 63.15 ? 88  ARG A NH2 1 
ATOM   699  N  N   . ALA A 1 88  ? -5.963  -2.925  0.291   1.00 39.28 ? 89  ALA A N   1 
ATOM   700  C  CA  . ALA A 1 88  ? -5.459  -2.964  1.659   1.00 37.02 ? 89  ALA A CA  1 
ATOM   701  C  C   . ALA A 1 88  ? -5.122  -1.558  2.160   1.00 37.29 ? 89  ALA A C   1 
ATOM   702  O  O   . ALA A 1 88  ? -5.442  -1.192  3.295   1.00 37.87 ? 89  ALA A O   1 
ATOM   703  C  CB  . ALA A 1 88  ? -4.236  -3.850  1.732   1.00 35.98 ? 89  ALA A CB  1 
ATOM   704  N  N   . LEU A 1 89  ? -4.473  -0.772  1.314   1.00 35.93 ? 90  LEU A N   1 
ATOM   705  C  CA  . LEU A 1 89  ? -4.105  0.594   1.664   1.00 36.67 ? 90  LEU A CA  1 
ATOM   706  C  C   . LEU A 1 89  ? -5.321  1.471   2.013   1.00 38.54 ? 90  LEU A C   1 
ATOM   707  O  O   . LEU A 1 89  ? -5.191  2.458   2.748   1.00 39.97 ? 90  LEU A O   1 
ATOM   708  C  CB  . LEU A 1 89  ? -3.326  1.220   0.506   1.00 32.47 ? 90  LEU A CB  1 
ATOM   709  C  CG  . LEU A 1 89  ? -1.836  1.492   0.685   1.00 31.50 ? 90  LEU A CG  1 
ATOM   710  C  CD1 . LEU A 1 89  ? -1.141  0.390   1.454   1.00 29.91 ? 90  LEU A CD1 1 
ATOM   711  C  CD2 . LEU A 1 89  ? -1.224  1.673   -0.674  1.00 30.52 ? 90  LEU A CD2 1 
ATOM   712  N  N   . LEU A 1 90  ? -6.490  1.120   1.479   1.00 39.58 ? 91  LEU A N   1 
ATOM   713  C  CA  . LEU A 1 90  ? -7.721  1.881   1.718   1.00 40.50 ? 91  LEU A CA  1 
ATOM   714  C  C   . LEU A 1 90  ? -8.521  1.435   2.948   1.00 42.67 ? 91  LEU A C   1 
ATOM   715  O  O   . LEU A 1 90  ? -9.302  2.221   3.495   1.00 43.92 ? 91  LEU A O   1 
ATOM   716  C  CB  . LEU A 1 90  ? -8.637  1.817   0.484   1.00 37.36 ? 91  LEU A CB  1 
ATOM   717  C  CG  . LEU A 1 90  ? -8.185  2.469   -0.821  1.00 35.42 ? 91  LEU A CG  1 
ATOM   718  C  CD1 . LEU A 1 90  ? -9.239  2.220   -1.881  1.00 34.70 ? 91  LEU A CD1 1 
ATOM   719  C  CD2 . LEU A 1 90  ? -7.966  3.957   -0.631  1.00 33.58 ? 91  LEU A CD2 1 
ATOM   720  N  N   . ARG A 1 91  ? -8.333  0.182   3.360   1.00 43.18 ? 92  ARG A N   1 
ATOM   721  C  CA  . ARG A 1 91  ? -9.029  -0.404  4.503   1.00 45.01 ? 92  ARG A CA  1 
ATOM   722  C  C   . ARG A 1 91  ? -8.959  0.451   5.778   1.00 46.19 ? 92  ARG A C   1 
ATOM   723  O  O   . ARG A 1 91  ? -9.901  0.459   6.582   1.00 47.40 ? 92  ARG A O   1 
ATOM   724  C  CB  . ARG A 1 91  ? -8.474  -1.814  4.759   1.00 46.56 ? 92  ARG A CB  1 
ATOM   725  C  CG  . ARG A 1 91  ? -9.163  -2.640  5.852   1.00 52.17 ? 92  ARG A CG  1 
ATOM   726  C  CD  . ARG A 1 91  ? -10.645 -2.879  5.572   1.00 57.65 ? 92  ARG A CD  1 
ATOM   727  N  NE  . ARG A 1 91  ? -10.880 -3.322  4.197   1.00 61.94 ? 92  ARG A NE  1 
ATOM   728  C  CZ  . ARG A 1 91  ? -11.919 -2.949  3.450   1.00 62.68 ? 92  ARG A CZ  1 
ATOM   729  N  NH1 . ARG A 1 91  ? -12.846 -2.126  3.936   1.00 61.34 ? 92  ARG A NH1 1 
ATOM   730  N  NH2 . ARG A 1 91  ? -12.012 -3.371  2.196   1.00 62.25 ? 92  ARG A NH2 1 
ATOM   731  N  N   . TYR A 1 92  ? -7.860  1.184   5.954   1.00 45.33 ? 93  TYR A N   1 
ATOM   732  C  CA  . TYR A 1 92  ? -7.683  2.012   7.144   1.00 44.65 ? 93  TYR A CA  1 
ATOM   733  C  C   . TYR A 1 92  ? -7.372  3.480   6.857   1.00 45.69 ? 93  TYR A C   1 
ATOM   734  O  O   . TYR A 1 92  ? -6.680  3.805   5.886   1.00 45.15 ? 93  TYR A O   1 
ATOM   735  C  CB  . TYR A 1 92  ? -6.611  1.406   8.065   1.00 42.63 ? 93  TYR A CB  1 
ATOM   736  C  CG  . TYR A 1 92  ? -7.004  0.055   8.620   1.00 42.56 ? 93  TYR A CG  1 
ATOM   737  C  CD1 . TYR A 1 92  ? -7.916  -0.047  9.672   1.00 42.46 ? 93  TYR A CD1 1 
ATOM   738  C  CD2 . TYR A 1 92  ? -6.527  -1.125  8.044   1.00 41.33 ? 93  TYR A CD2 1 
ATOM   739  C  CE1 . TYR A 1 92  ? -8.356  -1.286  10.132  1.00 44.11 ? 93  TYR A CE1 1 
ATOM   740  C  CE2 . TYR A 1 92  ? -6.957  -2.368  8.495   1.00 43.69 ? 93  TYR A CE2 1 
ATOM   741  C  CZ  . TYR A 1 92  ? -7.878  -2.447  9.538   1.00 45.19 ? 93  TYR A CZ  1 
ATOM   742  O  OH  . TYR A 1 92  ? -8.342  -3.688  9.959   1.00 44.62 ? 93  TYR A OH  1 
ATOM   743  N  N   . ARG A 1 93  ? -7.884  4.356   7.724   1.00 46.26 ? 94  ARG A N   1 
ATOM   744  C  CA  . ARG A 1 93  ? -7.673  5.799   7.604   1.00 46.12 ? 94  ARG A CA  1 
ATOM   745  C  C   . ARG A 1 93  ? -6.168  6.050   7.586   1.00 45.04 ? 94  ARG A C   1 
ATOM   746  O  O   . ARG A 1 93  ? -5.435  5.524   8.428   1.00 44.39 ? 94  ARG A O   1 
ATOM   747  C  CB  . ARG A 1 93  ? -8.327  6.553   8.781   1.00 47.25 ? 94  ARG A CB  1 
ATOM   748  C  CG  . ARG A 1 93  ? -8.737  7.996   8.448   1.00 48.91 ? 94  ARG A CG  1 
ATOM   749  C  CD  . ARG A 1 93  ? -8.195  9.033   9.430   1.00 49.34 ? 94  ARG A CD  1 
ATOM   750  N  NE  . ARG A 1 93  ? -9.200  9.485   10.392  1.00 51.97 ? 94  ARG A NE  1 
ATOM   751  C  CZ  . ARG A 1 93  ? -9.312  10.736  10.840  1.00 50.81 ? 94  ARG A CZ  1 
ATOM   752  N  NH1 . ARG A 1 93  ? -8.481  11.686  10.425  1.00 50.09 ? 94  ARG A NH1 1 
ATOM   753  N  NH2 . ARG A 1 93  ? -10.280 11.045  11.691  1.00 49.81 ? 94  ARG A NH2 1 
ATOM   754  N  N   . ASP A 1 94  ? -5.706  6.811   6.600   1.00 43.23 ? 95  ASP A N   1 
ATOM   755  C  CA  . ASP A 1 94  ? -4.284  7.112   6.468   1.00 44.19 ? 95  ASP A CA  1 
ATOM   756  C  C   . ASP A 1 94  ? -3.437  5.854   6.230   1.00 42.10 ? 95  ASP A C   1 
ATOM   757  O  O   . ASP A 1 94  ? -2.215  5.877   6.408   1.00 41.95 ? 95  ASP A O   1 
ATOM   758  C  CB  . ASP A 1 94  ? -3.775  7.877   7.702   1.00 47.05 ? 95  ASP A CB  1 
ATOM   759  C  CG  . ASP A 1 94  ? -4.305  9.306   7.772   1.00 48.76 ? 95  ASP A CG  1 
ATOM   760  O  OD1 . ASP A 1 94  ? -5.343  9.605   7.142   1.00 51.34 ? 95  ASP A OD1 1 
ATOM   761  O  OD2 . ASP A 1 94  ? -3.678  10.139  8.454   1.00 50.22 ? 95  ASP A OD2 1 
ATOM   762  N  N   . GLY A 1 95  ? -4.090  4.777   5.792   1.00 40.35 ? 96  GLY A N   1 
ATOM   763  C  CA  . GLY A 1 95  ? -3.401  3.527   5.525   1.00 41.50 ? 96  GLY A CA  1 
ATOM   764  C  C   . GLY A 1 95  ? -2.155  3.707   4.676   1.00 41.44 ? 96  GLY A C   1 
ATOM   765  O  O   . GLY A 1 95  ? -1.075  3.243   5.046   1.00 42.71 ? 96  GLY A O   1 
ATOM   766  N  N   . ALA A 1 96  ? -2.282  4.437   3.573   1.00 40.58 ? 97  ALA A N   1 
ATOM   767  C  CA  . ALA A 1 96  ? -1.154  4.683   2.679   1.00 41.94 ? 97  ALA A CA  1 
ATOM   768  C  C   . ALA A 1 96  ? -0.029  5.488   3.356   1.00 42.18 ? 97  ALA A C   1 
ATOM   769  O  O   . ALA A 1 96  ? 1.157   5.318   3.034   1.00 41.27 ? 97  ALA A O   1 
ATOM   770  C  CB  . ALA A 1 96  ? -1.639  5.384   1.399   1.00 42.36 ? 97  ALA A CB  1 
ATOM   771  N  N   . LYS A 1 97  ? -0.406  6.362   4.289   1.00 42.39 ? 98  LYS A N   1 
ATOM   772  C  CA  . LYS A 1 97  ? 0.568   7.166   5.024   1.00 41.28 ? 98  LYS A CA  1 
ATOM   773  C  C   . LYS A 1 97  ? 1.363   6.295   5.996   1.00 38.82 ? 98  LYS A C   1 
ATOM   774  O  O   . LYS A 1 97  ? 2.552   6.531   6.214   1.00 38.03 ? 98  LYS A O   1 
ATOM   775  C  CB  . LYS A 1 97  ? -0.120  8.312   5.782   1.00 43.76 ? 98  LYS A CB  1 
ATOM   776  C  CG  . LYS A 1 97  ? -0.253  9.587   4.969   1.00 44.37 ? 98  LYS A CG  1 
ATOM   777  C  CD  . LYS A 1 97  ? -0.567  10.781  5.846   1.00 47.43 ? 98  LYS A CD  1 
ATOM   778  C  CE  . LYS A 1 97  ? -0.249  12.091  5.126   1.00 48.82 ? 98  LYS A CE  1 
ATOM   779  N  NZ  . LYS A 1 97  ? -0.403  13.290  6.008   1.00 51.40 ? 98  LYS A NZ  1 
ATOM   780  N  N   . VAL A 1 98  ? 0.703   5.294   6.576   1.00 36.64 ? 99  VAL A N   1 
ATOM   781  C  CA  . VAL A 1 98  ? 1.358   4.373   7.514   1.00 35.78 ? 99  VAL A CA  1 
ATOM   782  C  C   . VAL A 1 98  ? 2.459   3.592   6.789   1.00 35.65 ? 99  VAL A C   1 
ATOM   783  O  O   . VAL A 1 98  ? 3.588   3.454   7.285   1.00 33.81 ? 99  VAL A O   1 
ATOM   784  C  CB  . VAL A 1 98  ? 0.332   3.377   8.123   1.00 34.11 ? 99  VAL A CB  1 
ATOM   785  C  CG1 . VAL A 1 98  ? 1.031   2.352   8.985   1.00 32.13 ? 99  VAL A CG1 1 
ATOM   786  C  CG2 . VAL A 1 98  ? -0.706  4.123   8.933   1.00 31.58 ? 99  VAL A CG2 1 
ATOM   787  N  N   . HIS A 1 99  ? 2.109   3.090   5.607   1.00 35.23 ? 100 HIS A N   1 
ATOM   788  C  CA  . HIS A 1 99  ? 3.020   2.315   4.769   1.00 34.23 ? 100 HIS A CA  1 
ATOM   789  C  C   . HIS A 1 99  ? 4.213   3.127   4.288   1.00 35.16 ? 100 HIS A C   1 
ATOM   790  O  O   . HIS A 1 99  ? 5.305   2.588   4.115   1.00 35.24 ? 100 HIS A O   1 
ATOM   791  C  CB  . HIS A 1 99  ? 2.274   1.766   3.552   1.00 31.83 ? 100 HIS A CB  1 
ATOM   792  C  CG  . HIS A 1 99  ? 3.114   0.889   2.682   1.00 29.10 ? 100 HIS A CG  1 
ATOM   793  N  ND1 . HIS A 1 99  ? 3.100   -0.484  2.736   1.00 26.68 ? 100 HIS A ND1 1 
ATOM   794  C  CD2 . HIS A 1 99  ? 4.065   1.211   1.771   1.00 26.99 ? 100 HIS A CD2 1 
ATOM   795  C  CE1 . HIS A 1 99  ? 4.020   -0.938  1.893   1.00 27.49 ? 100 HIS A CE1 1 
ATOM   796  N  NE2 . HIS A 1 99  ? 4.635   0.056   1.282   1.00 27.44 ? 100 HIS A NE2 1 
ATOM   797  N  N   . LEU A 1 100 ? 3.987   4.402   3.993   1.00 37.71 ? 101 LEU A N   1 
ATOM   798  C  CA  . LEU A 1 100 ? 5.056   5.266   3.518   1.00 40.40 ? 101 LEU A CA  1 
ATOM   799  C  C   . LEU A 1 100 ? 6.360   5.180   4.300   1.00 42.40 ? 101 LEU A C   1 
ATOM   800  O  O   . LEU A 1 100 ? 6.380   5.281   5.530   1.00 42.02 ? 101 LEU A O   1 
ATOM   801  C  CB  . LEU A 1 100 ? 4.607   6.717   3.487   1.00 43.03 ? 101 LEU A CB  1 
ATOM   802  C  CG  . LEU A 1 100 ? 3.807   7.184   2.287   1.00 46.54 ? 101 LEU A CG  1 
ATOM   803  C  CD1 . LEU A 1 100 ? 3.686   8.702   2.359   1.00 48.60 ? 101 LEU A CD1 1 
ATOM   804  C  CD2 . LEU A 1 100 ? 4.513   6.784   1.002   1.00 47.88 ? 101 LEU A CD2 1 
ATOM   805  N  N   . GLY A 1 101 ? 7.457   5.030   3.564   1.00 43.38 ? 102 GLY A N   1 
ATOM   806  C  CA  . GLY A 1 101 ? 8.768   4.964   4.183   1.00 44.89 ? 102 GLY A CA  1 
ATOM   807  C  C   . GLY A 1 101 ? 9.233   3.591   4.626   1.00 46.45 ? 102 GLY A C   1 
ATOM   808  O  O   . GLY A 1 101 ? 10.431  3.399   4.833   1.00 48.79 ? 102 GLY A O   1 
ATOM   809  N  N   . THR A 1 102 ? 8.321   2.631   4.746   1.00 46.44 ? 103 THR A N   1 
ATOM   810  C  CA  . THR A 1 102 ? 8.696   1.292   5.174   1.00 47.18 ? 103 THR A CA  1 
ATOM   811  C  C   . THR A 1 102 ? 9.377   0.478   4.074   1.00 49.27 ? 103 THR A C   1 
ATOM   812  O  O   . THR A 1 102 ? 9.226   0.770   2.887   1.00 49.00 ? 103 THR A O   1 
ATOM   813  C  CB  . THR A 1 102 ? 7.466   0.507   5.697   1.00 46.06 ? 103 THR A CB  1 
ATOM   814  O  OG1 . THR A 1 102 ? 6.472   0.431   4.669   1.00 44.41 ? 103 THR A OG1 1 
ATOM   815  C  CG2 . THR A 1 102 ? 6.871   1.190   6.923   1.00 43.00 ? 103 THR A CG2 1 
ATOM   816  N  N   . ARG A 1 103 ? 10.152  -0.523  4.483   1.00 53.65 ? 104 ARG A N   1 
ATOM   817  C  CA  . ARG A 1 103 ? 10.836  -1.430  3.562   1.00 56.67 ? 104 ARG A CA  1 
ATOM   818  C  C   . ARG A 1 103 ? 10.376  -2.825  3.940   1.00 54.33 ? 104 ARG A C   1 
ATOM   819  O  O   . ARG A 1 103 ? 9.777   -3.012  4.998   1.00 53.41 ? 104 ARG A O   1 
ATOM   820  C  CB  . ARG A 1 103 ? 12.360  -1.340  3.698   1.00 62.02 ? 104 ARG A CB  1 
ATOM   821  C  CG  . ARG A 1 103 ? 13.044  -0.578  2.555   1.00 71.05 ? 104 ARG A CG  1 
ATOM   822  C  CD  . ARG A 1 103 ? 14.529  -0.946  2.418   1.00 76.30 ? 104 ARG A CD  1 
ATOM   823  N  NE  . ARG A 1 103 ? 15.313  0.113   1.778   1.00 80.44 ? 104 ARG A NE  1 
ATOM   824  C  CZ  . ARG A 1 103 ? 16.643  0.182   1.792   1.00 81.99 ? 104 ARG A CZ  1 
ATOM   825  N  NH1 . ARG A 1 103 ? 17.360  -0.763  2.393   1.00 82.35 ? 104 ARG A NH1 1 
ATOM   826  N  NH2 . ARG A 1 103 ? 17.261  1.192   1.189   1.00 82.56 ? 104 ARG A NH2 1 
ATOM   827  N  N   . PRO A 1 104 ? 10.619  -3.817  3.074   1.00 52.89 ? 105 PRO A N   1 
ATOM   828  C  CA  . PRO A 1 104 ? 10.189  -5.170  3.405   1.00 52.19 ? 105 PRO A CA  1 
ATOM   829  C  C   . PRO A 1 104 ? 10.649  -5.596  4.781   1.00 53.07 ? 105 PRO A C   1 
ATOM   830  O  O   . PRO A 1 104 ? 11.805  -5.401  5.161   1.00 52.47 ? 105 PRO A O   1 
ATOM   831  C  CB  . PRO A 1 104 ? 10.844  -6.004  2.314   1.00 51.76 ? 105 PRO A CB  1 
ATOM   832  C  CG  . PRO A 1 104 ? 10.763  -5.094  1.145   1.00 51.74 ? 105 PRO A CG  1 
ATOM   833  C  CD  . PRO A 1 104 ? 11.220  -3.780  1.731   1.00 52.02 ? 105 PRO A CD  1 
ATOM   834  N  N   . ASP A 1 105 ? 9.690   -6.070  5.557   1.00 54.43 ? 106 ASP A N   1 
ATOM   835  C  CA  . ASP A 1 105 ? 9.941   -6.563  6.894   1.00 55.44 ? 106 ASP A CA  1 
ATOM   836  C  C   . ASP A 1 105 ? 10.359  -8.026  6.733   1.00 56.50 ? 106 ASP A C   1 
ATOM   837  O  O   . ASP A 1 105 ? 10.000  -8.668  5.745   1.00 56.61 ? 106 ASP A O   1 
ATOM   838  C  CB  . ASP A 1 105 ? 8.649   -6.474  7.705   1.00 56.19 ? 106 ASP A CB  1 
ATOM   839  C  CG  . ASP A 1 105 ? 8.786   -7.061  9.096   1.00 57.30 ? 106 ASP A CG  1 
ATOM   840  O  OD1 . ASP A 1 105 ? 9.340   -6.370  9.976   1.00 58.66 ? 106 ASP A OD1 1 
ATOM   841  O  OD2 . ASP A 1 105 ? 8.352   -8.213  9.307   1.00 55.51 ? 106 ASP A OD2 1 
ATOM   842  N  N   . GLU A 1 106 ? 11.086  -8.563  7.706   1.00 58.53 ? 107 GLU A N   1 
ATOM   843  C  CA  . GLU A 1 106 ? 11.532  -9.953  7.659   1.00 60.69 ? 107 GLU A CA  1 
ATOM   844  C  C   . GLU A 1 106 ? 10.437  -10.936 7.239   1.00 60.24 ? 107 GLU A C   1 
ATOM   845  O  O   . GLU A 1 106 ? 10.665  -11.782 6.379   1.00 61.16 ? 107 GLU A O   1 
ATOM   846  C  CB  . GLU A 1 106 ? 12.118  -10.374 9.007   1.00 64.14 ? 107 GLU A CB  1 
ATOM   847  C  CG  . GLU A 1 106 ? 13.620  -10.587 8.983   1.00 68.42 ? 107 GLU A CG  1 
ATOM   848  C  CD  . GLU A 1 106 ? 14.330  -9.803  10.059  1.00 71.12 ? 107 GLU A CD  1 
ATOM   849  O  OE1 . GLU A 1 106 ? 14.235  -8.554  10.058  1.00 71.65 ? 107 GLU A OE1 1 
ATOM   850  O  OE2 . GLU A 1 106 ? 14.985  -10.439 10.909  1.00 72.64 ? 107 GLU A OE2 1 
ATOM   851  N  N   . LYS A 1 107 ? 9.247   -10.800 7.822   1.00 59.78 ? 108 LYS A N   1 
ATOM   852  C  CA  . LYS A 1 107 ? 8.107   -11.672 7.504   1.00 59.10 ? 108 LYS A CA  1 
ATOM   853  C  C   . LYS A 1 107 ? 7.770   -11.624 6.014   1.00 57.37 ? 108 LYS A C   1 
ATOM   854  O  O   . LYS A 1 107 ? 7.294   -12.603 5.425   1.00 58.51 ? 108 LYS A O   1 
ATOM   855  C  CB  . LYS A 1 107 ? 6.871   -11.229 8.299   1.00 61.52 ? 108 LYS A CB  1 
ATOM   856  C  CG  . LYS A 1 107 ? 6.796   -11.725 9.740   1.00 63.81 ? 108 LYS A CG  1 
ATOM   857  C  CD  . LYS A 1 107 ? 6.099   -13.083 9.811   1.00 66.56 ? 108 LYS A CD  1 
ATOM   858  C  CE  . LYS A 1 107 ? 5.920   -13.548 11.248  1.00 66.82 ? 108 LYS A CE  1 
ATOM   859  N  NZ  . LYS A 1 107 ? 5.226   -14.866 11.322  1.00 68.60 ? 108 LYS A NZ  1 
ATOM   860  N  N   . GLN A 1 108 ? 8.030   -10.470 5.414   1.00 53.49 ? 109 GLN A N   1 
ATOM   861  C  CA  . GLN A 1 108 ? 7.744   -10.238 4.012   1.00 49.40 ? 109 GLN A CA  1 
ATOM   862  C  C   . GLN A 1 108 ? 8.869   -10.664 3.081   1.00 49.91 ? 109 GLN A C   1 
ATOM   863  O  O   . GLN A 1 108 ? 8.624   -10.898 1.896   1.00 50.64 ? 109 GLN A O   1 
ATOM   864  C  CB  . GLN A 1 108 ? 7.378   -8.767  3.806   1.00 45.67 ? 109 GLN A CB  1 
ATOM   865  C  CG  . GLN A 1 108 ? 6.118   -8.378  4.584   1.00 40.18 ? 109 GLN A CG  1 
ATOM   866  C  CD  . GLN A 1 108 ? 5.827   -6.897  4.570   1.00 35.80 ? 109 GLN A CD  1 
ATOM   867  O  OE1 . GLN A 1 108 ? 6.736   -6.078  4.453   1.00 33.29 ? 109 GLN A OE1 1 
ATOM   868  N  NE2 . GLN A 1 108 ? 4.559   -6.543  4.748   1.00 33.70 ? 109 GLN A NE2 1 
ATOM   869  N  N   . TYR A 1 109 ? 10.084  -10.796 3.618   1.00 49.60 ? 110 TYR A N   1 
ATOM   870  C  CA  . TYR A 1 109 ? 11.255  -11.210 2.833   1.00 50.13 ? 110 TYR A CA  1 
ATOM   871  C  C   . TYR A 1 109 ? 10.882  -12.300 1.830   1.00 50.83 ? 110 TYR A C   1 
ATOM   872  O  O   . TYR A 1 109 ? 11.108  -12.164 0.624   1.00 51.47 ? 110 TYR A O   1 
ATOM   873  C  CB  . TYR A 1 109 ? 12.370  -11.739 3.744   1.00 48.16 ? 110 TYR A CB  1 
ATOM   874  C  CG  . TYR A 1 109 ? 13.156  -10.690 4.506   1.00 48.78 ? 110 TYR A CG  1 
ATOM   875  C  CD1 . TYR A 1 109 ? 12.837  -9.336  4.414   1.00 49.40 ? 110 TYR A CD1 1 
ATOM   876  C  CD2 . TYR A 1 109 ? 14.221  -11.057 5.332   1.00 48.53 ? 110 TYR A CD2 1 
ATOM   877  C  CE1 . TYR A 1 109 ? 13.551  -8.378  5.127   1.00 49.35 ? 110 TYR A CE1 1 
ATOM   878  C  CE2 . TYR A 1 109 ? 14.940  -10.111 6.044   1.00 48.82 ? 110 TYR A CE2 1 
ATOM   879  C  CZ  . TYR A 1 109 ? 14.600  -8.775  5.938   1.00 50.05 ? 110 TYR A CZ  1 
ATOM   880  O  OH  . TYR A 1 109 ? 15.311  -7.832  6.649   1.00 52.06 ? 110 TYR A OH  1 
ATOM   881  N  N   . ASP A 1 110 ? 10.260  -13.355 2.335   1.00 51.39 ? 111 ASP A N   1 
ATOM   882  C  CA  . ASP A 1 110 ? 9.840   -14.466 1.502   1.00 52.42 ? 111 ASP A CA  1 
ATOM   883  C  C   . ASP A 1 110 ? 8.999   -13.996 0.325   1.00 51.30 ? 111 ASP A C   1 
ATOM   884  O  O   . ASP A 1 110 ? 9.335   -14.253 -0.832  1.00 51.10 ? 111 ASP A O   1 
ATOM   885  C  CB  . ASP A 1 110 ? 9.040   -15.463 2.334   1.00 54.52 ? 111 ASP A CB  1 
ATOM   886  C  CG  . ASP A 1 110 ? 9.666   -16.830 2.340   1.00 57.29 ? 111 ASP A CG  1 
ATOM   887  O  OD1 . ASP A 1 110 ? 10.869  -16.919 2.678   1.00 57.07 ? 111 ASP A OD1 1 
ATOM   888  O  OD2 . ASP A 1 110 ? 8.962   -17.804 1.989   1.00 59.77 ? 111 ASP A OD2 1 
ATOM   889  N  N   . THR A 1 111 ? 7.937   -13.260 0.634   1.00 49.99 ? 112 THR A N   1 
ATOM   890  C  CA  . THR A 1 111 ? 7.021   -12.753 -0.378  1.00 47.67 ? 112 THR A CA  1 
ATOM   891  C  C   . THR A 1 111 ? 7.696   -11.847 -1.414  1.00 45.40 ? 112 THR A C   1 
ATOM   892  O  O   . THR A 1 111 ? 7.551   -12.070 -2.611  1.00 47.18 ? 112 THR A O   1 
ATOM   893  C  CB  . THR A 1 111 ? 5.815   -12.040 0.277   1.00 47.49 ? 112 THR A CB  1 
ATOM   894  O  OG1 . THR A 1 111 ? 5.132   -12.964 1.134   1.00 46.72 ? 112 THR A OG1 1 
ATOM   895  C  CG2 . THR A 1 111 ? 4.837   -11.550 -0.776  1.00 47.56 ? 112 THR A CG2 1 
ATOM   896  N  N   . VAL A 1 112 ? 8.473   -10.870 -0.970  1.00 41.78 ? 113 VAL A N   1 
ATOM   897  C  CA  . VAL A 1 112 ? 9.134   -9.979  -1.913  1.00 40.02 ? 113 VAL A CA  1 
ATOM   898  C  C   . VAL A 1 112 ? 10.167  -10.713 -2.766  1.00 41.41 ? 113 VAL A C   1 
ATOM   899  O  O   . VAL A 1 112 ? 10.288  -10.452 -3.968  1.00 41.82 ? 113 VAL A O   1 
ATOM   900  C  CB  . VAL A 1 112 ? 9.777   -8.776  -1.215  1.00 37.83 ? 113 VAL A CB  1 
ATOM   901  C  CG1 . VAL A 1 112 ? 10.534  -7.922  -2.221  1.00 35.35 ? 113 VAL A CG1 1 
ATOM   902  C  CG2 . VAL A 1 112 ? 8.702   -7.946  -0.543  1.00 37.90 ? 113 VAL A CG2 1 
ATOM   903  N  N   . GLU A 1 113 ? 10.899  -11.638 -2.151  1.00 41.22 ? 114 GLU A N   1 
ATOM   904  C  CA  . GLU A 1 113 ? 11.906  -12.410 -2.872  1.00 39.58 ? 114 GLU A CA  1 
ATOM   905  C  C   . GLU A 1 113 ? 11.239  -13.114 -4.054  1.00 38.77 ? 114 GLU A C   1 
ATOM   906  O  O   . GLU A 1 113 ? 11.678  -13.000 -5.207  1.00 37.15 ? 114 GLU A O   1 
ATOM   907  C  CB  . GLU A 1 113 ? 12.542  -13.451 -1.947  1.00 38.28 ? 114 GLU A CB  1 
ATOM   908  C  CG  . GLU A 1 113 ? 13.584  -14.336 -2.622  1.00 38.35 ? 114 GLU A CG  1 
ATOM   909  C  CD  . GLU A 1 113 ? 14.851  -13.595 -3.024  1.00 39.48 ? 114 GLU A CD  1 
ATOM   910  O  OE1 . GLU A 1 113 ? 14.983  -12.385 -2.736  1.00 39.93 ? 114 GLU A OE1 1 
ATOM   911  O  OE2 . GLU A 1 113 ? 15.737  -14.237 -3.620  1.00 39.50 ? 114 GLU A OE2 1 
ATOM   912  N  N   . THR A 1 114 ? 10.145  -13.801 -3.751  1.00 37.08 ? 115 THR A N   1 
ATOM   913  C  CA  . THR A 1 114 ? 9.385   -14.533 -4.744  1.00 37.41 ? 115 THR A CA  1 
ATOM   914  C  C   . THR A 1 114 ? 8.914   -13.642 -5.894  1.00 38.30 ? 115 THR A C   1 
ATOM   915  O  O   . THR A 1 114 ? 9.003   -14.037 -7.058  1.00 40.63 ? 115 THR A O   1 
ATOM   916  C  CB  . THR A 1 114 ? 8.183   -15.217 -4.096  1.00 36.81 ? 115 THR A CB  1 
ATOM   917  O  OG1 . THR A 1 114 ? 8.635   -16.072 -3.038  1.00 35.60 ? 115 THR A OG1 1 
ATOM   918  C  CG2 . THR A 1 114 ? 7.440   -16.052 -5.117  1.00 40.95 ? 115 THR A CG2 1 
ATOM   919  N  N   . GLN A 1 115 ? 8.420   -12.446 -5.574  1.00 37.75 ? 116 GLN A N   1 
ATOM   920  C  CA  . GLN A 1 115 ? 7.956   -11.508 -6.600  1.00 35.76 ? 116 GLN A CA  1 
ATOM   921  C  C   . GLN A 1 115 ? 9.093   -11.179 -7.566  1.00 36.21 ? 116 GLN A C   1 
ATOM   922  O  O   . GLN A 1 115 ? 8.912   -11.218 -8.778  1.00 37.44 ? 116 GLN A O   1 
ATOM   923  C  CB  . GLN A 1 115 ? 7.419   -10.220 -5.966  1.00 33.33 ? 116 GLN A CB  1 
ATOM   924  C  CG  . GLN A 1 115 ? 6.184   -10.429 -5.090  1.00 31.50 ? 116 GLN A CG  1 
ATOM   925  C  CD  . GLN A 1 115 ? 5.605   -9.133  -4.540  1.00 30.09 ? 116 GLN A CD  1 
ATOM   926  O  OE1 . GLN A 1 115 ? 6.158   -8.050  -4.746  1.00 28.12 ? 116 GLN A OE1 1 
ATOM   927  N  NE2 . GLN A 1 115 ? 4.468   -9.237  -3.855  1.00 29.68 ? 116 GLN A NE2 1 
ATOM   928  N  N   . LEU A 1 116 ? 10.273  -10.893 -7.026  1.00 36.75 ? 117 LEU A N   1 
ATOM   929  C  CA  . LEU A 1 116 ? 11.441  -10.581 -7.843  1.00 37.31 ? 117 LEU A CA  1 
ATOM   930  C  C   . LEU A 1 116 ? 11.841  -11.750 -8.765  1.00 38.11 ? 117 LEU A C   1 
ATOM   931  O  O   . LEU A 1 116 ? 12.066  -11.551 -9.958  1.00 35.99 ? 117 LEU A O   1 
ATOM   932  C  CB  . LEU A 1 116 ? 12.613  -10.182 -6.939  1.00 38.04 ? 117 LEU A CB  1 
ATOM   933  C  CG  . LEU A 1 116 ? 12.375  -8.915  -6.104  1.00 39.08 ? 117 LEU A CG  1 
ATOM   934  C  CD1 . LEU A 1 116 ? 13.450  -8.762  -5.039  1.00 38.35 ? 117 LEU A CD1 1 
ATOM   935  C  CD2 . LEU A 1 116 ? 12.323  -7.686  -7.011  1.00 38.35 ? 117 LEU A CD2 1 
ATOM   936  N  N   . ARG A 1 117 ? 11.918  -12.963 -8.219  1.00 40.80 ? 118 ARG A N   1 
ATOM   937  C  CA  . ARG A 1 117 ? 12.286  -14.144 -9.013  1.00 43.32 ? 118 ARG A CA  1 
ATOM   938  C  C   . ARG A 1 117 ? 11.261  -14.424 -10.119 1.00 41.65 ? 118 ARG A C   1 
ATOM   939  O  O   . ARG A 1 117 ? 11.628  -14.710 -11.264 1.00 40.25 ? 118 ARG A O   1 
ATOM   940  C  CB  . ARG A 1 117 ? 12.479  -15.379 -8.110  1.00 46.82 ? 118 ARG A CB  1 
ATOM   941  C  CG  . ARG A 1 117 ? 12.873  -16.664 -8.855  1.00 52.20 ? 118 ARG A CG  1 
ATOM   942  C  CD  . ARG A 1 117 ? 13.573  -17.674 -7.952  1.00 57.92 ? 118 ARG A CD  1 
ATOM   943  N  NE  . ARG A 1 117 ? 12.815  -17.964 -6.736  1.00 65.24 ? 118 ARG A NE  1 
ATOM   944  C  CZ  . ARG A 1 117 ? 13.180  -17.588 -5.507  1.00 68.47 ? 118 ARG A CZ  1 
ATOM   945  N  NH1 . ARG A 1 117 ? 14.304  -16.902 -5.313  1.00 68.16 ? 118 ARG A NH1 1 
ATOM   946  N  NH2 . ARG A 1 117 ? 12.395  -17.859 -4.466  1.00 70.03 ? 118 ARG A NH2 1 
ATOM   947  N  N   . PHE A 1 118 ? 9.981   -14.334 -9.776  1.00 38.64 ? 119 PHE A N   1 
ATOM   948  C  CA  . PHE A 1 118 ? 8.911   -14.544 -10.742 1.00 36.80 ? 119 PHE A CA  1 
ATOM   949  C  C   . PHE A 1 118 ? 9.071   -13.616 -11.958 1.00 36.25 ? 119 PHE A C   1 
ATOM   950  O  O   . PHE A 1 118 ? 8.859   -14.038 -13.095 1.00 35.25 ? 119 PHE A O   1 
ATOM   951  C  CB  . PHE A 1 118 ? 7.558   -14.313 -10.059 1.00 36.59 ? 119 PHE A CB  1 
ATOM   952  C  CG  . PHE A 1 118 ? 6.378   -14.346 -10.996 1.00 36.94 ? 119 PHE A CG  1 
ATOM   953  C  CD1 . PHE A 1 118 ? 5.733   -15.545 -11.280 1.00 37.81 ? 119 PHE A CD1 1 
ATOM   954  C  CD2 . PHE A 1 118 ? 5.896   -13.170 -11.576 1.00 35.09 ? 119 PHE A CD2 1 
ATOM   955  C  CE1 . PHE A 1 118 ? 4.618   -15.578 -12.133 1.00 38.57 ? 119 PHE A CE1 1 
ATOM   956  C  CE2 . PHE A 1 118 ? 4.788   -13.187 -12.427 1.00 36.53 ? 119 PHE A CE2 1 
ATOM   957  C  CZ  . PHE A 1 118 ? 4.146   -14.393 -12.706 1.00 35.96 ? 119 PHE A CZ  1 
ATOM   958  N  N   . MET A 1 119 ? 9.444   -12.359 -11.719 1.00 36.13 ? 120 MET A N   1 
ATOM   959  C  CA  . MET A 1 119 ? 9.632   -11.384 -12.801 1.00 36.28 ? 120 MET A CA  1 
ATOM   960  C  C   . MET A 1 119 ? 10.834  -11.722 -13.694 1.00 38.17 ? 120 MET A C   1 
ATOM   961  O  O   . MET A 1 119 ? 10.788  -11.542 -14.911 1.00 36.94 ? 120 MET A O   1 
ATOM   962  C  CB  . MET A 1 119 ? 9.791   -9.969  -12.226 1.00 33.28 ? 120 MET A CB  1 
ATOM   963  C  CG  . MET A 1 119 ? 8.562   -9.422  -11.520 1.00 28.11 ? 120 MET A CG  1 
ATOM   964  S  SD  . MET A 1 119 ? 7.240   -9.009  -12.685 1.00 28.78 ? 120 MET A SD  1 
ATOM   965  C  CE  . MET A 1 119 ? 7.956   -7.597  -13.551 1.00 22.40 ? 120 MET A CE  1 
ATOM   966  N  N   . THR A 1 120 ? 11.911  -12.206 -13.080 1.00 40.84 ? 121 THR A N   1 
ATOM   967  C  CA  . THR A 1 120 ? 13.119  -12.566 -13.815 1.00 41.89 ? 121 THR A CA  1 
ATOM   968  C  C   . THR A 1 120 ? 12.870  -13.754 -14.728 1.00 44.11 ? 121 THR A C   1 
ATOM   969  O  O   . THR A 1 120 ? 13.205  -13.711 -15.914 1.00 47.05 ? 121 THR A O   1 
ATOM   970  C  CB  . THR A 1 120 ? 14.288  -12.881 -12.866 1.00 40.34 ? 121 THR A CB  1 
ATOM   971  O  OG1 . THR A 1 120 ? 13.870  -13.848 -11.896 1.00 38.57 ? 121 THR A OG1 1 
ATOM   972  C  CG2 . THR A 1 120 ? 14.735  -11.632 -12.149 1.00 38.69 ? 121 THR A CG2 1 
ATOM   973  N  N   . GLU A 1 121 ? 12.218  -14.788 -14.200 1.00 44.77 ? 122 GLU A N   1 
ATOM   974  C  CA  . GLU A 1 121 ? 11.915  -15.983 -14.991 1.00 45.18 ? 122 GLU A CA  1 
ATOM   975  C  C   . GLU A 1 121 ? 10.770  -15.794 -15.997 1.00 43.37 ? 122 GLU A C   1 
ATOM   976  O  O   . GLU A 1 121 ? 10.117  -16.753 -16.413 1.00 42.81 ? 122 GLU A O   1 
ATOM   977  C  CB  . GLU A 1 121 ? 11.652  -17.179 -14.082 1.00 46.93 ? 122 GLU A CB  1 
ATOM   978  C  CG  . GLU A 1 121 ? 10.487  -17.007 -13.143 1.00 49.91 ? 122 GLU A CG  1 
ATOM   979  C  CD  . GLU A 1 121 ? 10.292  -18.220 -12.262 1.00 52.63 ? 122 GLU A CD  1 
ATOM   980  O  OE1 . GLU A 1 121 ? 11.284  -18.639 -11.614 1.00 52.08 ? 122 GLU A OE1 1 
ATOM   981  O  OE2 . GLU A 1 121 ? 9.155   -18.756 -12.234 1.00 52.98 ? 122 GLU A OE2 1 
ATOM   982  N  N   . ASN A 1 122 ? 10.521  -14.541 -16.356 1.00 41.95 ? 123 ASN A N   1 
ATOM   983  C  CA  . ASN A 1 122 ? 9.501   -14.170 -17.326 1.00 39.35 ? 123 ASN A CA  1 
ATOM   984  C  C   . ASN A 1 122 ? 10.148  -13.204 -18.290 1.00 36.17 ? 123 ASN A C   1 
ATOM   985  O  O   . ASN A 1 122 ? 9.463   -12.509 -19.029 1.00 35.52 ? 123 ASN A O   1 
ATOM   986  C  CB  . ASN A 1 122 ? 8.306   -13.496 -16.652 1.00 39.97 ? 123 ASN A CB  1 
ATOM   987  C  CG  . ASN A 1 122 ? 7.239   -14.483 -16.253 1.00 41.62 ? 123 ASN A CG  1 
ATOM   988  O  OD1 . ASN A 1 122 ? 6.216   -14.613 -16.922 1.00 45.65 ? 123 ASN A OD1 1 
ATOM   989  N  ND2 . ASN A 1 122 ? 7.464   -15.184 -15.159 1.00 44.79 ? 123 ASN A ND2 1 
ATOM   990  N  N   . GLY A 1 123 ? 11.472  -13.114 -18.220 1.00 35.07 ? 124 GLY A N   1 
ATOM   991  C  CA  . GLY A 1 123 ? 12.195  -12.237 -19.116 1.00 38.06 ? 124 GLY A CA  1 
ATOM   992  C  C   . GLY A 1 123 ? 12.719  -10.930 -18.558 1.00 39.78 ? 124 GLY A C   1 
ATOM   993  O  O   . GLY A 1 123 ? 13.407  -10.180 -19.272 1.00 41.10 ? 124 GLY A O   1 
ATOM   994  N  N   . PHE A 1 124 ? 12.389  -10.619 -17.310 1.00 39.08 ? 125 PHE A N   1 
ATOM   995  C  CA  . PHE A 1 124 ? 12.880  -9.381  -16.724 1.00 37.90 ? 125 PHE A CA  1 
ATOM   996  C  C   . PHE A 1 124 ? 14.252  -9.567  -16.102 1.00 37.92 ? 125 PHE A C   1 
ATOM   997  O  O   . PHE A 1 124 ? 14.576  -10.639 -15.602 1.00 38.70 ? 125 PHE A O   1 
ATOM   998  C  CB  . PHE A 1 124 ? 11.910  -8.853  -15.659 1.00 33.57 ? 125 PHE A CB  1 
ATOM   999  C  CG  . PHE A 1 124 ? 10.654  -8.285  -16.223 1.00 29.71 ? 125 PHE A CG  1 
ATOM   1000 C  CD1 . PHE A 1 124 ? 10.628  -6.975  -16.700 1.00 27.07 ? 125 PHE A CD1 1 
ATOM   1001 C  CD2 . PHE A 1 124 ? 9.507   -9.067  -16.332 1.00 27.44 ? 125 PHE A CD2 1 
ATOM   1002 C  CE1 . PHE A 1 124 ? 9.476   -6.450  -17.285 1.00 27.12 ? 125 PHE A CE1 1 
ATOM   1003 C  CE2 . PHE A 1 124 ? 8.350   -8.553  -16.917 1.00 26.85 ? 125 PHE A CE2 1 
ATOM   1004 C  CZ  . PHE A 1 124 ? 8.334   -7.240  -17.396 1.00 26.74 ? 125 PHE A CZ  1 
ATOM   1005 N  N   . SER A 1 125 ? 15.084  -8.541  -16.198 1.00 39.92 ? 126 SER A N   1 
ATOM   1006 C  CA  . SER A 1 125 ? 16.385  -8.591  -15.555 1.00 41.39 ? 126 SER A CA  1 
ATOM   1007 C  C   . SER A 1 125 ? 16.019  -8.125  -14.139 1.00 43.07 ? 126 SER A C   1 
ATOM   1008 O  O   . SER A 1 125 ? 14.974  -7.490  -13.954 1.00 41.46 ? 126 SER A O   1 
ATOM   1009 C  CB  . SER A 1 125 ? 17.360  -7.612  -16.207 1.00 39.88 ? 126 SER A CB  1 
ATOM   1010 O  OG  . SER A 1 125 ? 16.937  -6.272  -16.054 1.00 41.58 ? 126 SER A OG  1 
ATOM   1011 N  N   . LEU A 1 126 ? 16.844  -8.448  -13.145 1.00 44.97 ? 127 LEU A N   1 
ATOM   1012 C  CA  . LEU A 1 126 ? 16.561  -8.049  -11.764 1.00 44.66 ? 127 LEU A CA  1 
ATOM   1013 C  C   . LEU A 1 126 ? 16.215  -6.557  -11.754 1.00 44.83 ? 127 LEU A C   1 
ATOM   1014 O  O   . LEU A 1 126 ? 15.200  -6.150  -11.188 1.00 46.37 ? 127 LEU A O   1 
ATOM   1015 C  CB  . LEU A 1 126 ? 17.771  -8.363  -10.862 1.00 45.46 ? 127 LEU A CB  1 
ATOM   1016 C  CG  . LEU A 1 126 ? 17.664  -8.360  -9.324  1.00 47.55 ? 127 LEU A CG  1 
ATOM   1017 C  CD1 . LEU A 1 126 ? 17.698  -6.941  -8.774  1.00 49.93 ? 127 LEU A CD1 1 
ATOM   1018 C  CD2 . LEU A 1 126 ? 16.411  -9.091  -8.854  1.00 46.48 ? 127 LEU A CD2 1 
ATOM   1019 N  N   . ARG A 1 127 ? 17.007  -5.784  -12.495 1.00 41.86 ? 128 ARG A N   1 
ATOM   1020 C  CA  . ARG A 1 127 ? 16.851  -4.341  -12.631 1.00 40.10 ? 128 ARG A CA  1 
ATOM   1021 C  C   . ARG A 1 127 ? 15.449  -3.980  -13.132 1.00 38.44 ? 128 ARG A C   1 
ATOM   1022 O  O   . ARG A 1 127 ? 14.664  -3.335  -12.433 1.00 35.43 ? 128 ARG A O   1 
ATOM   1023 C  CB  . ARG A 1 127 ? 17.918  -3.844  -13.614 1.00 44.95 ? 128 ARG A CB  1 
ATOM   1024 C  CG  . ARG A 1 127 ? 18.028  -2.341  -13.848 1.00 49.79 ? 128 ARG A CG  1 
ATOM   1025 C  CD  . ARG A 1 127 ? 18.953  -2.081  -15.054 1.00 55.85 ? 128 ARG A CD  1 
ATOM   1026 N  NE  . ARG A 1 127 ? 19.265  -0.667  -15.288 1.00 58.78 ? 128 ARG A NE  1 
ATOM   1027 C  CZ  . ARG A 1 127 ? 20.289  -0.238  -16.027 1.00 60.49 ? 128 ARG A CZ  1 
ATOM   1028 N  NH1 . ARG A 1 127 ? 21.104  -1.111  -16.612 1.00 60.58 ? 128 ARG A NH1 1 
ATOM   1029 N  NH2 . ARG A 1 127 ? 20.515  1.063   -16.175 1.00 59.65 ? 128 ARG A NH2 1 
ATOM   1030 N  N   . ASP A 1 128 ? 15.121  -4.450  -14.330 1.00 37.03 ? 129 ASP A N   1 
ATOM   1031 C  CA  . ASP A 1 128 ? 13.831  -4.167  -14.944 1.00 36.48 ? 129 ASP A CA  1 
ATOM   1032 C  C   . ASP A 1 128 ? 12.643  -4.703  -14.167 1.00 35.42 ? 129 ASP A C   1 
ATOM   1033 O  O   . ASP A 1 128 ? 11.624  -4.034  -14.064 1.00 35.91 ? 129 ASP A O   1 
ATOM   1034 C  CB  . ASP A 1 128 ? 13.798  -4.669  -16.387 1.00 37.18 ? 129 ASP A CB  1 
ATOM   1035 C  CG  . ASP A 1 128 ? 14.578  -3.769  -17.343 1.00 37.83 ? 129 ASP A CG  1 
ATOM   1036 O  OD1 . ASP A 1 128 ? 15.243  -2.810  -16.890 1.00 38.38 ? 129 ASP A OD1 1 
ATOM   1037 O  OD2 . ASP A 1 128 ? 14.513  -4.012  -18.564 1.00 41.43 ? 129 ASP A OD2 1 
ATOM   1038 N  N   . GLY A 1 129 ? 12.770  -5.912  -13.637 1.00 36.10 ? 130 GLY A N   1 
ATOM   1039 C  CA  . GLY A 1 129 ? 11.695  -6.494  -12.859 1.00 37.69 ? 130 GLY A CA  1 
ATOM   1040 C  C   . GLY A 1 129 ? 11.468  -5.658  -11.610 1.00 38.27 ? 130 GLY A C   1 
ATOM   1041 O  O   . GLY A 1 129 ? 10.329  -5.425  -11.202 1.00 36.87 ? 130 GLY A O   1 
ATOM   1042 N  N   . LEU A 1 130 ? 12.566  -5.206  -11.007 1.00 38.28 ? 131 LEU A N   1 
ATOM   1043 C  CA  . LEU A 1 130 ? 12.525  -4.369  -9.815  1.00 39.03 ? 131 LEU A CA  1 
ATOM   1044 C  C   . LEU A 1 130 ? 11.738  -3.109  -10.199 1.00 39.48 ? 131 LEU A C   1 
ATOM   1045 O  O   . LEU A 1 130 ? 10.715  -2.802  -9.591  1.00 40.45 ? 131 LEU A O   1 
ATOM   1046 C  CB  . LEU A 1 130 ? 13.949  -3.965  -9.408  1.00 39.56 ? 131 LEU A CB  1 
ATOM   1047 C  CG  . LEU A 1 130 ? 14.342  -3.592  -7.970  1.00 39.54 ? 131 LEU A CG  1 
ATOM   1048 C  CD1 . LEU A 1 130 ? 15.479  -2.581  -8.030  1.00 34.78 ? 131 LEU A CD1 1 
ATOM   1049 C  CD2 . LEU A 1 130 ? 13.167  -3.030  -7.170  1.00 39.08 ? 131 LEU A CD2 1 
ATOM   1050 N  N   . TYR A 1 131 ? 12.201  -2.415  -11.238 1.00 36.69 ? 132 TYR A N   1 
ATOM   1051 C  CA  . TYR A 1 131 ? 11.560  -1.193  -11.707 1.00 33.77 ? 132 TYR A CA  1 
ATOM   1052 C  C   . TYR A 1 131 ? 10.060  -1.336  -11.991 1.00 32.71 ? 132 TYR A C   1 
ATOM   1053 O  O   . TYR A 1 131 ? 9.296   -0.417  -11.713 1.00 33.62 ? 132 TYR A O   1 
ATOM   1054 C  CB  . TYR A 1 131 ? 12.293  -0.647  -12.933 1.00 34.82 ? 132 TYR A CB  1 
ATOM   1055 C  CG  . TYR A 1 131 ? 13.681  -0.078  -12.649 1.00 35.76 ? 132 TYR A CG  1 
ATOM   1056 C  CD1 . TYR A 1 131 ? 14.274  -0.193  -11.387 1.00 35.86 ? 132 TYR A CD1 1 
ATOM   1057 C  CD2 . TYR A 1 131 ? 14.404  0.575   -13.652 1.00 36.42 ? 132 TYR A CD2 1 
ATOM   1058 C  CE1 . TYR A 1 131 ? 15.549  0.325   -11.135 1.00 35.93 ? 132 TYR A CE1 1 
ATOM   1059 C  CE2 . TYR A 1 131 ? 15.677  1.099   -13.411 1.00 36.59 ? 132 TYR A CE2 1 
ATOM   1060 C  CZ  . TYR A 1 131 ? 16.241  0.969   -12.155 1.00 38.19 ? 132 TYR A CZ  1 
ATOM   1061 O  OH  . TYR A 1 131 ? 17.498  1.493   -11.931 1.00 38.99 ? 132 TYR A OH  1 
ATOM   1062 N  N   . ALA A 1 132 ? 9.642   -2.469  -12.553 1.00 30.14 ? 133 ALA A N   1 
ATOM   1063 C  CA  . ALA A 1 132 ? 8.226   -2.715  -12.834 1.00 27.90 ? 133 ALA A CA  1 
ATOM   1064 C  C   . ALA A 1 132 ? 7.489   -2.791  -11.507 1.00 27.79 ? 133 ALA A C   1 
ATOM   1065 O  O   . ALA A 1 132 ? 6.434   -2.198  -11.343 1.00 29.44 ? 133 ALA A O   1 
ATOM   1066 C  CB  . ALA A 1 132 ? 8.055   -4.023  -13.591 1.00 24.27 ? 133 ALA A CB  1 
ATOM   1067 N  N   . ILE A 1 133 ? 8.056   -3.544  -10.570 1.00 29.91 ? 134 ILE A N   1 
ATOM   1068 C  CA  . ILE A 1 133 ? 7.492   -3.715  -9.230  1.00 30.84 ? 134 ILE A CA  1 
ATOM   1069 C  C   . ILE A 1 133 ? 7.392   -2.370  -8.510  1.00 29.12 ? 134 ILE A C   1 
ATOM   1070 O  O   . ILE A 1 133 ? 6.360   -2.045  -7.920  1.00 30.88 ? 134 ILE A O   1 
ATOM   1071 C  CB  . ILE A 1 133 ? 8.347   -4.711  -8.416  1.00 31.74 ? 134 ILE A CB  1 
ATOM   1072 C  CG1 . ILE A 1 133 ? 8.005   -6.135  -8.846  1.00 31.09 ? 134 ILE A CG1 1 
ATOM   1073 C  CG2 . ILE A 1 133 ? 8.154   -4.521  -6.905  1.00 33.23 ? 134 ILE A CG2 1 
ATOM   1074 C  CD1 . ILE A 1 133 ? 8.840   -7.185  -8.155  1.00 35.98 ? 134 ILE A CD1 1 
ATOM   1075 N  N   . SER A 1 134 ? 8.461   -1.593  -8.592  1.00 27.66 ? 135 SER A N   1 
ATOM   1076 C  CA  . SER A 1 134 ? 8.528   -0.273  -7.995  1.00 29.82 ? 135 SER A CA  1 
ATOM   1077 C  C   . SER A 1 134 ? 7.485   0.678   -8.586  1.00 30.06 ? 135 SER A C   1 
ATOM   1078 O  O   . SER A 1 134 ? 6.696   1.272   -7.843  1.00 31.35 ? 135 SER A O   1 
ATOM   1079 C  CB  . SER A 1 134 ? 9.919   0.323   -8.197  1.00 30.94 ? 135 SER A CB  1 
ATOM   1080 O  OG  . SER A 1 134 ? 10.895  -0.458  -7.539  1.00 36.91 ? 135 SER A OG  1 
ATOM   1081 N  N   . ALA A 1 135 ? 7.490   0.854   -9.908  1.00 28.05 ? 136 ALA A N   1 
ATOM   1082 C  CA  . ALA A 1 135 ? 6.533   1.746   -10.565 1.00 26.48 ? 136 ALA A CA  1 
ATOM   1083 C  C   . ALA A 1 135 ? 5.099   1.435   -10.146 1.00 26.39 ? 136 ALA A C   1 
ATOM   1084 O  O   . ALA A 1 135 ? 4.314   2.334   -9.859  1.00 26.94 ? 136 ALA A O   1 
ATOM   1085 C  CB  . ALA A 1 135 ? 6.669   1.662   -12.073 1.00 27.02 ? 136 ALA A CB  1 
ATOM   1086 N  N   . VAL A 1 136 ? 4.762   0.158   -10.078 1.00 24.99 ? 137 VAL A N   1 
ATOM   1087 C  CA  . VAL A 1 136 ? 3.425   -0.215  -9.675  1.00 26.75 ? 137 VAL A CA  1 
ATOM   1088 C  C   . VAL A 1 136 ? 3.198   0.279   -8.245  1.00 27.15 ? 137 VAL A C   1 
ATOM   1089 O  O   . VAL A 1 136 ? 2.211   0.955   -7.963  1.00 27.88 ? 137 VAL A O   1 
ATOM   1090 C  CB  . VAL A 1 136 ? 3.225   -1.743  -9.811  1.00 24.96 ? 137 VAL A CB  1 
ATOM   1091 C  CG1 . VAL A 1 136 ? 1.955   -2.188  -9.107  1.00 26.82 ? 137 VAL A CG1 1 
ATOM   1092 C  CG2 . VAL A 1 136 ? 3.137   -2.101  -11.288 1.00 26.44 ? 137 VAL A CG2 1 
ATOM   1093 N  N   . SER A 1 137 ? 4.147   -0.007  -7.362  1.00 26.81 ? 138 SER A N   1 
ATOM   1094 C  CA  . SER A 1 137 ? 4.053   0.408   -5.974  1.00 26.84 ? 138 SER A CA  1 
ATOM   1095 C  C   . SER A 1 137 ? 3.897   1.925   -5.820  1.00 27.72 ? 138 SER A C   1 
ATOM   1096 O  O   . SER A 1 137 ? 2.972   2.402   -5.151  1.00 27.99 ? 138 SER A O   1 
ATOM   1097 C  CB  . SER A 1 137 ? 5.279   -0.090  -5.205  1.00 28.00 ? 138 SER A CB  1 
ATOM   1098 O  OG  . SER A 1 137 ? 5.227   -1.499  -5.046  1.00 29.72 ? 138 SER A OG  1 
ATOM   1099 N  N   . HIS A 1 138 ? 4.753   2.683   -6.502  1.00 26.25 ? 139 HIS A N   1 
ATOM   1100 C  CA  . HIS A 1 138 ? 4.727   4.141   -6.426  1.00 24.47 ? 139 HIS A CA  1 
ATOM   1101 C  C   . HIS A 1 138 ? 3.464   4.735   -6.993  1.00 25.81 ? 139 HIS A C   1 
ATOM   1102 O  O   . HIS A 1 138 ? 2.944   5.721   -6.469  1.00 24.98 ? 139 HIS A O   1 
ATOM   1103 C  CB  . HIS A 1 138 ? 5.945   4.734   -7.115  1.00 22.36 ? 139 HIS A CB  1 
ATOM   1104 C  CG  . HIS A 1 138 ? 7.236   4.354   -6.464  1.00 24.82 ? 139 HIS A CG  1 
ATOM   1105 N  ND1 . HIS A 1 138 ? 8.466   4.642   -7.019  1.00 25.33 ? 139 HIS A ND1 1 
ATOM   1106 C  CD2 . HIS A 1 138 ? 7.486   3.664   -5.324  1.00 23.76 ? 139 HIS A CD2 1 
ATOM   1107 C  CE1 . HIS A 1 138 ? 9.419   4.140   -6.251  1.00 24.24 ? 139 HIS A CE1 1 
ATOM   1108 N  NE2 . HIS A 1 138 ? 8.850   3.541   -5.221  1.00 24.94 ? 139 HIS A NE2 1 
ATOM   1109 N  N   . PHE A 1 139 ? 2.963   4.116   -8.056  1.00 27.29 ? 140 PHE A N   1 
ATOM   1110 C  CA  . PHE A 1 139 ? 1.740   4.572   -8.684  1.00 25.77 ? 140 PHE A CA  1 
ATOM   1111 C  C   . PHE A 1 139 ? 0.554   4.292   -7.771  1.00 25.58 ? 140 PHE A C   1 
ATOM   1112 O  O   . PHE A 1 139 ? -0.306  5.151   -7.597  1.00 25.58 ? 140 PHE A O   1 
ATOM   1113 C  CB  . PHE A 1 139 ? 1.520   3.892   -10.032 1.00 24.91 ? 140 PHE A CB  1 
ATOM   1114 C  CG  . PHE A 1 139 ? 0.215   4.258   -10.672 1.00 23.03 ? 140 PHE A CG  1 
ATOM   1115 C  CD1 . PHE A 1 139 ? -0.069  5.582   -10.988 1.00 19.99 ? 140 PHE A CD1 1 
ATOM   1116 C  CD2 . PHE A 1 139 ? -0.749  3.283   -10.922 1.00 23.16 ? 140 PHE A CD2 1 
ATOM   1117 C  CE1 . PHE A 1 139 ? -1.299  5.930   -11.538 1.00 22.04 ? 140 PHE A CE1 1 
ATOM   1118 C  CE2 . PHE A 1 139 ? -1.982  3.625   -11.478 1.00 22.99 ? 140 PHE A CE2 1 
ATOM   1119 C  CZ  . PHE A 1 139 ? -2.256  4.952   -11.783 1.00 20.17 ? 140 PHE A CZ  1 
ATOM   1120 N  N   . THR A 1 140 ? 0.480   3.090   -7.216  1.00 24.05 ? 141 THR A N   1 
ATOM   1121 C  CA  . THR A 1 140 ? -0.619  2.765   -6.317  1.00 26.86 ? 141 THR A CA  1 
ATOM   1122 C  C   . THR A 1 140 ? -0.624  3.661   -5.064  1.00 27.80 ? 141 THR A C   1 
ATOM   1123 O  O   . THR A 1 140 ? -1.673  4.187   -4.681  1.00 27.24 ? 141 THR A O   1 
ATOM   1124 C  CB  . THR A 1 140 ? -0.557  1.324   -5.897  1.00 26.69 ? 141 THR A CB  1 
ATOM   1125 O  OG1 . THR A 1 140 ? -0.368  0.514   -7.060  1.00 26.29 ? 141 THR A OG1 1 
ATOM   1126 C  CG2 . THR A 1 140 ? -1.846  0.931   -5.202  1.00 27.10 ? 141 THR A CG2 1 
ATOM   1127 N  N   . LEU A 1 141 ? 0.543   3.840   -4.442  1.00 28.60 ? 142 LEU A N   1 
ATOM   1128 C  CA  . LEU A 1 141 ? 0.675   4.692   -3.252  1.00 30.10 ? 142 LEU A CA  1 
ATOM   1129 C  C   . LEU A 1 141 ? 0.161   6.117   -3.505  1.00 29.89 ? 142 LEU A C   1 
ATOM   1130 O  O   . LEU A 1 141 ? -0.730  6.594   -2.804  1.00 29.79 ? 142 LEU A O   1 
ATOM   1131 C  CB  . LEU A 1 141 ? 2.141   4.786   -2.798  1.00 32.25 ? 142 LEU A CB  1 
ATOM   1132 C  CG  . LEU A 1 141 ? 2.732   3.903   -1.694  1.00 34.12 ? 142 LEU A CG  1 
ATOM   1133 C  CD1 . LEU A 1 141 ? 1.655   3.557   -0.674  1.00 34.09 ? 142 LEU A CD1 1 
ATOM   1134 C  CD2 . LEU A 1 141 ? 3.350   2.648   -2.271  1.00 36.21 ? 142 LEU A CD2 1 
ATOM   1135 N  N   . GLY A 1 142 ? 0.741   6.798   -4.490  1.00 31.11 ? 143 GLY A N   1 
ATOM   1136 C  CA  . GLY A 1 142 ? 0.328   8.154   -4.812  1.00 30.85 ? 143 GLY A CA  1 
ATOM   1137 C  C   . GLY A 1 142 ? -1.157  8.331   -5.104  1.00 31.50 ? 143 GLY A C   1 
ATOM   1138 O  O   . GLY A 1 142 ? -1.739  9.330   -4.705  1.00 34.02 ? 143 GLY A O   1 
ATOM   1139 N  N   . ALA A 1 143 ? -1.769  7.391   -5.821  1.00 30.65 ? 144 ALA A N   1 
ATOM   1140 C  CA  . ALA A 1 143 ? -3.189  7.474   -6.156  1.00 31.84 ? 144 ALA A CA  1 
ATOM   1141 C  C   . ALA A 1 143 ? -4.017  7.422   -4.889  1.00 33.79 ? 144 ALA A C   1 
ATOM   1142 O  O   . ALA A 1 143 ? -4.876  8.273   -4.668  1.00 35.08 ? 144 ALA A O   1 
ATOM   1143 C  CB  . ALA A 1 143 ? -3.592  6.335   -7.085  1.00 31.08 ? 144 ALA A CB  1 
ATOM   1144 N  N   . VAL A 1 144 ? -3.759  6.405   -4.072  1.00 35.82 ? 145 VAL A N   1 
ATOM   1145 C  CA  . VAL A 1 144 ? -4.453  6.225   -2.807  1.00 36.67 ? 145 VAL A CA  1 
ATOM   1146 C  C   . VAL A 1 144 ? -4.247  7.442   -1.909  1.00 38.16 ? 145 VAL A C   1 
ATOM   1147 O  O   . VAL A 1 144 ? -5.213  7.998   -1.391  1.00 37.62 ? 145 VAL A O   1 
ATOM   1148 C  CB  . VAL A 1 144 ? -3.957  4.969   -2.079  1.00 36.98 ? 145 VAL A CB  1 
ATOM   1149 C  CG1 . VAL A 1 144 ? -4.568  4.889   -0.683  1.00 35.92 ? 145 VAL A CG1 1 
ATOM   1150 C  CG2 . VAL A 1 144 ? -4.314  3.736   -2.885  1.00 37.40 ? 145 VAL A CG2 1 
ATOM   1151 N  N   . LEU A 1 145 ? -2.995  7.860   -1.735  1.00 38.11 ? 146 LEU A N   1 
ATOM   1152 C  CA  . LEU A 1 145 ? -2.695  9.024   -0.913  1.00 39.58 ? 146 LEU A CA  1 
ATOM   1153 C  C   . LEU A 1 145 ? -3.544  10.209  -1.352  1.00 42.36 ? 146 LEU A C   1 
ATOM   1154 O  O   . LEU A 1 145 ? -4.440  10.623  -0.619  1.00 45.84 ? 146 LEU A O   1 
ATOM   1155 C  CB  . LEU A 1 145 ? -1.211  9.379   -0.976  1.00 36.79 ? 146 LEU A CB  1 
ATOM   1156 C  CG  . LEU A 1 145 ? -0.290  8.466   -0.164  1.00 37.56 ? 146 LEU A CG  1 
ATOM   1157 C  CD1 . LEU A 1 145 ? 1.139   8.721   -0.537  1.00 35.96 ? 146 LEU A CD1 1 
ATOM   1158 C  CD2 . LEU A 1 145 ? -0.491  8.687   1.323   1.00 39.55 ? 146 LEU A CD2 1 
ATOM   1159 N  N   . GLU A 1 146 ? -3.316  10.699  -2.567  1.00 43.96 ? 147 GLU A N   1 
ATOM   1160 C  CA  . GLU A 1 146 ? -4.070  11.829  -3.102  1.00 44.01 ? 147 GLU A CA  1 
ATOM   1161 C  C   . GLU A 1 146 ? -5.568  11.676  -2.905  1.00 46.29 ? 147 GLU A C   1 
ATOM   1162 O  O   . GLU A 1 146 ? -6.283  12.669  -2.840  1.00 49.80 ? 147 GLU A O   1 
ATOM   1163 C  CB  . GLU A 1 146 ? -3.780  12.004  -4.583  1.00 41.91 ? 147 GLU A CB  1 
ATOM   1164 C  CG  . GLU A 1 146 ? -2.472  12.668  -4.868  1.00 42.26 ? 147 GLU A CG  1 
ATOM   1165 C  CD  . GLU A 1 146 ? -2.618  14.152  -5.074  1.00 42.58 ? 147 GLU A CD  1 
ATOM   1166 O  OE1 . GLU A 1 146 ? -3.697  14.591  -5.513  1.00 47.16 ? 147 GLU A OE1 1 
ATOM   1167 O  OE2 . GLU A 1 146 ? -1.646  14.884  -4.816  1.00 44.80 ? 147 GLU A OE2 1 
ATOM   1168 N  N   . GLN A 1 147 ? -6.050  10.440  -2.879  1.00 48.43 ? 148 GLN A N   1 
ATOM   1169 C  CA  . GLN A 1 147 ? -7.463  10.175  -2.670  1.00 51.53 ? 148 GLN A CA  1 
ATOM   1170 C  C   . GLN A 1 147 ? -7.791  10.411  -1.188  1.00 53.45 ? 148 GLN A C   1 
ATOM   1171 O  O   . GLN A 1 147 ? -8.500  11.362  -0.843  1.00 55.97 ? 148 GLN A O   1 
ATOM   1172 C  CB  . GLN A 1 147 ? -7.768  8.733   -3.068  1.00 52.34 ? 148 GLN A CB  1 
ATOM   1173 C  CG  . GLN A 1 147 ? -9.216  8.304   -2.942  1.00 56.65 ? 148 GLN A CG  1 
ATOM   1174 C  CD  . GLN A 1 147 ? -9.412  6.846   -3.355  1.00 58.49 ? 148 GLN A CD  1 
ATOM   1175 O  OE1 . GLN A 1 147 ? -8.655  6.312   -4.172  1.00 60.18 ? 148 GLN A OE1 1 
ATOM   1176 N  NE2 . GLN A 1 147 ? -10.414 6.193   -2.778  1.00 59.44 ? 148 GLN A NE2 1 
ATOM   1177 N  N   . GLN A 1 148 ? -7.207  9.591   -0.316  1.00 53.42 ? 149 GLN A N   1 
ATOM   1178 C  CA  . GLN A 1 148 ? -7.425  9.675   1.129   1.00 54.16 ? 149 GLN A CA  1 
ATOM   1179 C  C   . GLN A 1 148 ? -7.126  11.049  1.723   1.00 56.26 ? 149 GLN A C   1 
ATOM   1180 O  O   . GLN A 1 148 ? -7.994  11.670  2.338   1.00 57.88 ? 149 GLN A O   1 
ATOM   1181 C  CB  . GLN A 1 148 ? -6.600  8.609   1.868   1.00 51.16 ? 149 GLN A CB  1 
ATOM   1182 C  CG  . GLN A 1 148 ? -7.069  7.170   1.651   1.00 47.03 ? 149 GLN A CG  1 
ATOM   1183 C  CD  . GLN A 1 148 ? -6.240  6.144   2.420   1.00 45.07 ? 149 GLN A CD  1 
ATOM   1184 O  OE1 . GLN A 1 148 ? -5.069  6.373   2.735   1.00 42.02 ? 149 GLN A OE1 1 
ATOM   1185 N  NE2 . GLN A 1 148 ? -6.853  5.005   2.730   1.00 43.27 ? 149 GLN A NE2 1 
ATOM   1186 N  N   . GLU A 1 149 ? -5.910  11.537  1.512   1.00 58.13 ? 150 GLU A N   1 
ATOM   1187 C  CA  . GLU A 1 149 ? -5.503  12.830  2.050   1.00 60.66 ? 150 GLU A CA  1 
ATOM   1188 C  C   . GLU A 1 149 ? -6.351  13.963  1.494   1.00 62.41 ? 150 GLU A C   1 
ATOM   1189 O  O   . GLU A 1 149 ? -6.382  15.054  2.059   1.00 63.22 ? 150 GLU A O   1 
ATOM   1190 C  CB  . GLU A 1 149 ? -4.029  13.096  1.757   1.00 61.63 ? 150 GLU A CB  1 
ATOM   1191 C  CG  . GLU A 1 149 ? -3.425  14.241  2.568   1.00 64.39 ? 150 GLU A CG  1 
ATOM   1192 C  CD  . GLU A 1 149 ? -3.104  13.872  4.018   1.00 67.19 ? 150 GLU A CD  1 
ATOM   1193 O  OE1 . GLU A 1 149 ? -3.444  12.750  4.468   1.00 68.29 ? 150 GLU A OE1 1 
ATOM   1194 O  OE2 . GLU A 1 149 ? -2.489  14.712  4.711   1.00 67.56 ? 150 GLU A OE2 1 
ATOM   1195 N  N   . HIS A 1 150 ? -7.015  13.717  0.369   1.00 64.16 ? 151 HIS A N   1 
ATOM   1196 C  CA  . HIS A 1 150 ? -7.863  14.739  -0.216  1.00 65.78 ? 151 HIS A CA  1 
ATOM   1197 C  C   . HIS A 1 150 ? -9.110  14.854  0.624   1.00 66.56 ? 151 HIS A C   1 
ATOM   1198 O  O   . HIS A 1 150 ? -9.421  15.924  1.133   1.00 66.41 ? 151 HIS A O   1 
ATOM   1199 C  CB  . HIS A 1 150 ? -8.270  14.398  -1.646  1.00 66.28 ? 151 HIS A CB  1 
ATOM   1200 C  CG  . HIS A 1 150 ? -9.158  15.429  -2.265  1.00 67.47 ? 151 HIS A CG  1 
ATOM   1201 N  ND1 . HIS A 1 150 ? -8.696  16.661  -2.677  1.00 67.95 ? 151 HIS A ND1 1 
ATOM   1202 C  CD2 . HIS A 1 150 ? -10.496 15.438  -2.486  1.00 68.11 ? 151 HIS A CD2 1 
ATOM   1203 C  CE1 . HIS A 1 150 ? -9.703  17.385  -3.120  1.00 68.18 ? 151 HIS A CE1 1 
ATOM   1204 N  NE2 . HIS A 1 150 ? -10.811 16.669  -3.019  1.00 68.24 ? 151 HIS A NE2 1 
ATOM   1205 N  N   . THR A 1 151 ? -9.837  13.747  0.738   1.00 67.68 ? 152 THR A N   1 
ATOM   1206 C  CA  . THR A 1 151 ? -11.067 13.717  1.518   1.00 69.55 ? 152 THR A CA  1 
ATOM   1207 C  C   . THR A 1 151 ? -10.853 14.195  2.963   1.00 71.49 ? 152 THR A C   1 
ATOM   1208 O  O   . THR A 1 151 ? -11.741 14.810  3.560   1.00 72.36 ? 152 THR A O   1 
ATOM   1209 C  CB  . THR A 1 151 ? -11.700 12.310  1.509   1.00 68.08 ? 152 THR A CB  1 
ATOM   1210 O  OG1 . THR A 1 151 ? -10.682 11.327  1.723   1.00 67.00 ? 152 THR A OG1 1 
ATOM   1211 C  CG2 . THR A 1 151 ? -12.399 12.042  0.173   1.00 67.73 ? 152 THR A CG2 1 
ATOM   1212 N  N   . ALA A 1 152 ? -9.676  13.922  3.517   1.00 72.21 ? 153 ALA A N   1 
ATOM   1213 C  CA  . ALA A 1 152 ? -9.364  14.348  4.875   1.00 73.06 ? 153 ALA A CA  1 
ATOM   1214 C  C   . ALA A 1 152 ? -8.762  15.752  4.898   1.00 74.40 ? 153 ALA A C   1 
ATOM   1215 O  O   . ALA A 1 152 ? -7.726  15.981  5.529   1.00 74.79 ? 153 ALA A O   1 
ATOM   1216 C  CB  . ALA A 1 152 ? -8.421  13.347  5.527   1.00 73.86 ? 153 ALA A CB  1 
ATOM   1217 N  N   . ALA A 1 153 ? -9.421  16.696  4.231   1.00 75.85 ? 154 ALA A N   1 
ATOM   1218 C  CA  . ALA A 1 153 ? -8.951  18.077  4.171   1.00 77.33 ? 154 ALA A CA  1 
ATOM   1219 C  C   . ALA A 1 153 ? -10.098 19.028  3.830   1.00 77.98 ? 154 ALA A C   1 
ATOM   1220 O  O   . ALA A 1 153 ? -11.048 18.599  3.139   1.00 78.38 ? 154 ALA A O   1 
ATOM   1221 C  CB  . ALA A 1 153 ? -7.825  18.214  3.144   1.00 76.44 ? 154 ALA A CB  1 
ATOM   1222 N  N   . ASN A 1 164 ? -16.090 30.236  -10.836 1.00 67.41 ? 165 ASN A N   1 
ATOM   1223 C  CA  . ASN A 1 164 ? -14.872 30.954  -11.317 1.00 68.37 ? 165 ASN A CA  1 
ATOM   1224 C  C   . ASN A 1 164 ? -13.886 29.997  -12.023 1.00 67.31 ? 165 ASN A C   1 
ATOM   1225 O  O   . ASN A 1 164 ? -12.860 30.432  -12.558 1.00 67.57 ? 165 ASN A O   1 
ATOM   1226 C  CB  . ASN A 1 164 ? -14.184 31.651  -10.132 1.00 69.66 ? 165 ASN A CB  1 
ATOM   1227 C  CG  . ASN A 1 164 ? -13.496 32.953  -10.531 1.00 70.52 ? 165 ASN A CG  1 
ATOM   1228 O  OD1 . ASN A 1 164 ? -13.792 33.527  -11.580 1.00 70.44 ? 165 ASN A OD1 1 
ATOM   1229 N  ND2 . ASN A 1 164 ? -12.605 33.438  -9.676  1.00 70.31 ? 165 ASN A ND2 1 
ATOM   1230 N  N   . LEU A 1 165 ? -14.221 28.703  -12.036 1.00 65.05 ? 166 LEU A N   1 
ATOM   1231 C  CA  . LEU A 1 165 ? -13.394 27.660  -12.663 1.00 61.74 ? 166 LEU A CA  1 
ATOM   1232 C  C   . LEU A 1 165 ? -13.571 27.627  -14.177 1.00 58.91 ? 166 LEU A C   1 
ATOM   1233 O  O   . LEU A 1 165 ? -14.688 27.791  -14.672 1.00 59.98 ? 166 LEU A O   1 
ATOM   1234 C  CB  . LEU A 1 165 ? -13.792 26.281  -12.130 1.00 61.62 ? 166 LEU A CB  1 
ATOM   1235 C  CG  . LEU A 1 165 ? -13.684 25.950  -10.643 1.00 62.34 ? 166 LEU A CG  1 
ATOM   1236 C  CD1 . LEU A 1 165 ? -14.447 24.664  -10.365 1.00 62.88 ? 166 LEU A CD1 1 
ATOM   1237 C  CD2 . LEU A 1 165 ? -12.236 25.793  -10.241 1.00 62.45 ? 166 LEU A CD2 1 
ATOM   1238 N  N   . PRO A 1 166 ? -12.477 27.452  -14.931 1.00 56.08 ? 167 PRO A N   1 
ATOM   1239 C  CA  . PRO A 1 166 ? -12.565 27.397  -16.394 1.00 54.66 ? 167 PRO A CA  1 
ATOM   1240 C  C   . PRO A 1 166 ? -13.285 26.106  -16.842 1.00 52.40 ? 167 PRO A C   1 
ATOM   1241 O  O   . PRO A 1 166 ? -13.238 25.093  -16.135 1.00 49.95 ? 167 PRO A O   1 
ATOM   1242 C  CB  . PRO A 1 166 ? -11.092 27.428  -16.818 1.00 54.49 ? 167 PRO A CB  1 
ATOM   1243 C  CG  . PRO A 1 166 ? -10.454 28.248  -15.734 1.00 54.57 ? 167 PRO A CG  1 
ATOM   1244 C  CD  . PRO A 1 166 ? -11.076 27.627  -14.506 1.00 54.96 ? 167 PRO A CD  1 
ATOM   1245 N  N   . PRO A 1 167 ? -13.916 26.116  -18.045 1.00 51.80 ? 168 PRO A N   1 
ATOM   1246 C  CA  . PRO A 1 167 ? -14.667 24.996  -18.646 1.00 49.35 ? 168 PRO A CA  1 
ATOM   1247 C  C   . PRO A 1 167 ? -14.115 23.564  -18.585 1.00 48.10 ? 168 PRO A C   1 
ATOM   1248 O  O   . PRO A 1 167 ? -14.770 22.680  -18.034 1.00 48.31 ? 168 PRO A O   1 
ATOM   1249 C  CB  . PRO A 1 167 ? -14.911 25.467  -20.088 1.00 48.56 ? 168 PRO A CB  1 
ATOM   1250 C  CG  . PRO A 1 167 ? -13.903 26.566  -20.305 1.00 49.78 ? 168 PRO A CG  1 
ATOM   1251 C  CD  . PRO A 1 167 ? -13.888 27.259  -18.976 1.00 51.17 ? 168 PRO A CD  1 
ATOM   1252 N  N   . LEU A 1 168 ? -12.940 23.315  -19.150 1.00 46.93 ? 169 LEU A N   1 
ATOM   1253 C  CA  . LEU A 1 168 ? -12.381 21.963  -19.124 1.00 48.35 ? 169 LEU A CA  1 
ATOM   1254 C  C   . LEU A 1 168 ? -12.089 21.480  -17.698 1.00 49.86 ? 169 LEU A C   1 
ATOM   1255 O  O   . LEU A 1 168 ? -12.551 20.406  -17.278 1.00 46.40 ? 169 LEU A O   1 
ATOM   1256 C  CB  . LEU A 1 168 ? -11.114 21.892  -19.978 1.00 47.75 ? 169 LEU A CB  1 
ATOM   1257 C  CG  . LEU A 1 168 ? -11.347 22.121  -21.472 1.00 47.46 ? 169 LEU A CG  1 
ATOM   1258 C  CD1 . LEU A 1 168 ? -10.027 22.220  -22.206 1.00 47.61 ? 169 LEU A CD1 1 
ATOM   1259 C  CD2 . LEU A 1 168 ? -12.197 21.002  -22.036 1.00 46.15 ? 169 LEU A CD2 1 
ATOM   1260 N  N   . LEU A 1 169 ? -11.343 22.301  -16.957 1.00 50.83 ? 170 LEU A N   1 
ATOM   1261 C  CA  . LEU A 1 169 ? -10.976 22.004  -15.578 1.00 52.32 ? 170 LEU A CA  1 
ATOM   1262 C  C   . LEU A 1 169 ? -12.224 21.663  -14.774 1.00 54.36 ? 170 LEU A C   1 
ATOM   1263 O  O   . LEU A 1 169 ? -12.248 20.673  -14.040 1.00 54.22 ? 170 LEU A O   1 
ATOM   1264 C  CB  . LEU A 1 169 ? -10.234 23.201  -14.960 1.00 51.01 ? 170 LEU A CB  1 
ATOM   1265 C  CG  . LEU A 1 169 ? -9.863  23.205  -13.469 1.00 49.89 ? 170 LEU A CG  1 
ATOM   1266 C  CD1 . LEU A 1 169 ? -9.035  21.982  -13.093 1.00 49.51 ? 170 LEU A CD1 1 
ATOM   1267 C  CD2 . LEU A 1 169 ? -9.104  24.478  -13.146 1.00 48.80 ? 170 LEU A CD2 1 
ATOM   1268 N  N   . ARG A 1 170 ? -13.277 22.454  -14.956 1.00 57.57 ? 171 ARG A N   1 
ATOM   1269 C  CA  . ARG A 1 170 ? -14.534 22.227  -14.255 1.00 61.67 ? 171 ARG A CA  1 
ATOM   1270 C  C   . ARG A 1 170 ? -15.016 20.796  -14.486 1.00 61.10 ? 171 ARG A C   1 
ATOM   1271 O  O   . ARG A 1 170 ? -15.218 20.040  -13.534 1.00 60.94 ? 171 ARG A O   1 
ATOM   1272 C  CB  . ARG A 1 170 ? -15.608 23.204  -14.742 1.00 66.44 ? 171 ARG A CB  1 
ATOM   1273 C  CG  . ARG A 1 170 ? -16.827 23.300  -13.819 1.00 72.63 ? 171 ARG A CG  1 
ATOM   1274 C  CD  . ARG A 1 170 ? -18.105 23.637  -14.586 1.00 77.39 ? 171 ARG A CD  1 
ATOM   1275 N  NE  . ARG A 1 170 ? -18.598 22.478  -15.333 1.00 83.07 ? 171 ARG A NE  1 
ATOM   1276 C  CZ  . ARG A 1 170 ? -19.579 22.517  -16.232 1.00 85.97 ? 171 ARG A CZ  1 
ATOM   1277 N  NH1 . ARG A 1 170 ? -20.189 23.665  -16.517 1.00 86.67 ? 171 ARG A NH1 1 
ATOM   1278 N  NH2 . ARG A 1 170 ? -19.964 21.398  -16.841 1.00 86.72 ? 171 ARG A NH2 1 
ATOM   1279 N  N   . GLU A 1 171 ? -15.170 20.418  -15.751 1.00 61.12 ? 172 GLU A N   1 
ATOM   1280 C  CA  . GLU A 1 171 ? -15.633 19.081  -16.082 1.00 60.23 ? 172 GLU A CA  1 
ATOM   1281 C  C   . GLU A 1 171 ? -14.669 18.040  -15.534 1.00 59.37 ? 172 GLU A C   1 
ATOM   1282 O  O   . GLU A 1 171 ? -15.093 16.997  -15.026 1.00 58.58 ? 172 GLU A O   1 
ATOM   1283 C  CB  . GLU A 1 171 ? -15.800 18.925  -17.591 1.00 62.71 ? 172 GLU A CB  1 
ATOM   1284 C  CG  . GLU A 1 171 ? -16.583 17.684  -17.975 1.00 66.27 ? 172 GLU A CG  1 
ATOM   1285 C  CD  . GLU A 1 171 ? -17.030 17.687  -19.425 1.00 68.56 ? 172 GLU A CD  1 
ATOM   1286 O  OE1 . GLU A 1 171 ? -17.722 18.649  -19.842 1.00 68.81 ? 172 GLU A OE1 1 
ATOM   1287 O  OE2 . GLU A 1 171 ? -16.707 16.712  -20.140 1.00 69.78 ? 172 GLU A OE2 1 
ATOM   1288 N  N   . ALA A 1 172 ? -13.375 18.343  -15.600 1.00 58.36 ? 173 ALA A N   1 
ATOM   1289 C  CA  . ALA A 1 172 ? -12.348 17.437  -15.097 1.00 58.87 ? 173 ALA A CA  1 
ATOM   1290 C  C   . ALA A 1 172 ? -12.631 17.112  -13.627 1.00 59.65 ? 173 ALA A C   1 
ATOM   1291 O  O   . ALA A 1 172 ? -12.716 15.941  -13.239 1.00 59.86 ? 173 ALA A O   1 
ATOM   1292 C  CB  . ALA A 1 172 ? -10.971 18.072  -15.249 1.00 55.85 ? 173 ALA A CB  1 
ATOM   1293 N  N   . LEU A 1 173 ? -12.842 18.157  -12.830 1.00 60.51 ? 174 LEU A N   1 
ATOM   1294 C  CA  . LEU A 1 173 ? -13.123 18.014  -11.404 1.00 61.35 ? 174 LEU A CA  1 
ATOM   1295 C  C   . LEU A 1 173 ? -14.352 17.153  -11.083 1.00 61.79 ? 174 LEU A C   1 
ATOM   1296 O  O   . LEU A 1 173 ? -14.366 16.448  -10.071 1.00 61.38 ? 174 LEU A O   1 
ATOM   1297 C  CB  . LEU A 1 173 ? -13.226 19.399  -10.743 1.00 60.82 ? 174 LEU A CB  1 
ATOM   1298 C  CG  . LEU A 1 173 ? -12.054 19.870  -9.863  1.00 60.25 ? 174 LEU A CG  1 
ATOM   1299 C  CD1 . LEU A 1 173 ? -10.713 19.623  -10.523 1.00 59.43 ? 174 LEU A CD1 1 
ATOM   1300 C  CD2 . LEU A 1 173 ? -12.217 21.340  -9.531  1.00 60.40 ? 174 LEU A CD2 1 
ATOM   1301 N  N   . GLN A 1 174 ? -15.377 17.200  -11.934 1.00 63.34 ? 175 GLN A N   1 
ATOM   1302 C  CA  . GLN A 1 174 ? -16.589 16.393  -11.724 1.00 65.88 ? 175 GLN A CA  1 
ATOM   1303 C  C   . GLN A 1 174 ? -16.285 14.937  -12.005 1.00 65.51 ? 175 GLN A C   1 
ATOM   1304 O  O   . GLN A 1 174 ? -16.817 14.039  -11.351 1.00 65.14 ? 175 GLN A O   1 
ATOM   1305 C  CB  . GLN A 1 174 ? -17.708 16.809  -12.673 1.00 68.86 ? 175 GLN A CB  1 
ATOM   1306 C  CG  . GLN A 1 174 ? -18.210 18.219  -12.514 1.00 74.21 ? 175 GLN A CG  1 
ATOM   1307 C  CD  . GLN A 1 174 ? -19.250 18.580  -13.564 1.00 77.65 ? 175 GLN A CD  1 
ATOM   1308 O  OE1 . GLN A 1 174 ? -20.013 19.531  -13.387 1.00 80.02 ? 175 GLN A OE1 1 
ATOM   1309 N  NE2 . GLN A 1 174 ? -19.284 17.824  -14.667 1.00 79.47 ? 175 GLN A NE2 1 
ATOM   1310 N  N   . ILE A 1 175 ? -15.491 14.712  -13.042 1.00 65.32 ? 176 ILE A N   1 
ATOM   1311 C  CA  . ILE A 1 175 ? -15.110 13.370  -13.431 1.00 66.53 ? 176 ILE A CA  1 
ATOM   1312 C  C   . ILE A 1 175 ? -14.291 12.723  -12.312 1.00 69.08 ? 176 ILE A C   1 
ATOM   1313 O  O   . ILE A 1 175 ? -14.484 11.543  -12.002 1.00 69.53 ? 176 ILE A O   1 
ATOM   1314 C  CB  . ILE A 1 175 ? -14.327 13.392  -14.751 1.00 65.43 ? 176 ILE A CB  1 
ATOM   1315 C  CG1 . ILE A 1 175 ? -15.183 14.039  -15.841 1.00 64.40 ? 176 ILE A CG1 1 
ATOM   1316 C  CG2 . ILE A 1 175 ? -13.960 11.983  -15.173 1.00 65.01 ? 176 ILE A CG2 1 
ATOM   1317 C  CD1 . ILE A 1 175 ? -14.464 14.253  -17.140 1.00 64.09 ? 176 ILE A CD1 1 
ATOM   1318 N  N   . MET A 1 176 ? -13.426 13.510  -11.671 1.00 71.38 ? 177 MET A N   1 
ATOM   1319 C  CA  . MET A 1 176 ? -12.584 13.020  -10.568 1.00 73.60 ? 177 MET A CA  1 
ATOM   1320 C  C   . MET A 1 176 ? -13.344 12.715  -9.268  1.00 75.02 ? 177 MET A C   1 
ATOM   1321 O  O   . MET A 1 176 ? -12.751 12.242  -8.298  1.00 75.65 ? 177 MET A O   1 
ATOM   1322 C  CB  . MET A 1 176 ? -11.446 14.003  -10.269 1.00 73.77 ? 177 MET A CB  1 
ATOM   1323 C  CG  . MET A 1 176 ? -10.364 14.050  -11.327 1.00 76.12 ? 177 MET A CG  1 
ATOM   1324 S  SD  . MET A 1 176 ? -9.692  12.411  -11.715 1.00 80.16 ? 177 MET A SD  1 
ATOM   1325 C  CE  . MET A 1 176 ? -8.347  12.262  -10.535 1.00 80.10 ? 177 MET A CE  1 
ATOM   1326 N  N   . ASP A 1 177 ? -14.640 13.017  -9.241  1.00 76.96 ? 178 ASP A N   1 
ATOM   1327 C  CA  . ASP A 1 177 ? -15.476 12.761  -8.067  1.00 77.43 ? 178 ASP A CA  1 
ATOM   1328 C  C   . ASP A 1 177 ? -16.513 11.673  -8.350  1.00 77.37 ? 178 ASP A C   1 
ATOM   1329 O  O   . ASP A 1 177 ? -17.087 11.109  -7.417  1.00 77.55 ? 178 ASP A O   1 
ATOM   1330 C  CB  . ASP A 1 177 ? -16.184 14.046  -7.607  1.00 79.27 ? 178 ASP A CB  1 
ATOM   1331 C  CG  . ASP A 1 177 ? -15.247 15.018  -6.899  1.00 80.76 ? 178 ASP A CG  1 
ATOM   1332 O  OD1 . ASP A 1 177 ? -14.552 14.592  -5.949  1.00 81.24 ? 178 ASP A OD1 1 
ATOM   1333 O  OD2 . ASP A 1 177 ? -15.215 16.215  -7.276  1.00 80.47 ? 178 ASP A OD2 1 
ATOM   1334 N  N   . SER A 1 178 ? -16.743 11.386  -9.635  1.00 76.34 ? 179 SER A N   1 
ATOM   1335 C  CA  . SER A 1 178 ? -17.705 10.373  -10.075 1.00 74.92 ? 179 SER A CA  1 
ATOM   1336 C  C   . SER A 1 178 ? -17.642 9.123   -9.198  1.00 74.23 ? 179 SER A C   1 
ATOM   1337 O  O   . SER A 1 178 ? -18.670 8.573   -8.809  1.00 74.91 ? 179 SER A O   1 
ATOM   1338 C  CB  . SER A 1 178 ? -17.439 9.999   -11.535 1.00 75.43 ? 179 SER A CB  1 
ATOM   1339 O  OG  . SER A 1 178 ? -17.357 11.154  -12.353 1.00 76.36 ? 179 SER A OG  1 
ATOM   1340 N  N   . ASP A 1 179 ? -16.428 8.667   -8.918  1.00 72.55 ? 180 ASP A N   1 
ATOM   1341 C  CA  . ASP A 1 179 ? -16.221 7.511   -8.061  1.00 71.59 ? 180 ASP A CA  1 
ATOM   1342 C  C   . ASP A 1 179 ? -14.991 7.852   -7.234  1.00 71.18 ? 180 ASP A C   1 
ATOM   1343 O  O   . ASP A 1 179 ? -14.394 8.910   -7.436  1.00 70.91 ? 180 ASP A O   1 
ATOM   1344 C  CB  . ASP A 1 179 ? -16.050 6.212   -8.880  1.00 70.58 ? 180 ASP A CB  1 
ATOM   1345 C  CG  . ASP A 1 179 ? -14.690 6.094   -9.564  1.00 69.95 ? 180 ASP A CG  1 
ATOM   1346 O  OD1 . ASP A 1 179 ? -14.088 7.118   -9.947  1.00 69.72 ? 180 ASP A OD1 1 
ATOM   1347 O  OD2 . ASP A 1 179 ? -14.232 4.944   -9.737  1.00 68.55 ? 180 ASP A OD2 1 
ATOM   1348 N  N   . ASP A 1 180 ? -14.587 6.974   -6.327  1.00 70.87 ? 181 ASP A N   1 
ATOM   1349 C  CA  . ASP A 1 180 ? -13.427 7.271   -5.495  1.00 70.41 ? 181 ASP A CA  1 
ATOM   1350 C  C   . ASP A 1 180 ? -12.079 7.028   -6.165  1.00 68.44 ? 181 ASP A C   1 
ATOM   1351 O  O   . ASP A 1 180 ? -11.270 6.249   -5.674  1.00 69.04 ? 181 ASP A O   1 
ATOM   1352 C  CB  . ASP A 1 180 ? -13.532 6.520   -4.170  1.00 73.42 ? 181 ASP A CB  1 
ATOM   1353 C  CG  . ASP A 1 180 ? -14.697 7.003   -3.330  1.00 76.03 ? 181 ASP A CG  1 
ATOM   1354 O  OD1 . ASP A 1 180 ? -14.832 8.239   -3.159  1.00 76.01 ? 181 ASP A OD1 1 
ATOM   1355 O  OD2 . ASP A 1 180 ? -15.482 6.152   -2.863  1.00 78.44 ? 181 ASP A OD2 1 
ATOM   1356 N  N   . GLY A 1 181 ? -11.846 7.711   -7.285  1.00 65.21 ? 182 GLY A N   1 
ATOM   1357 C  CA  . GLY A 1 181 ? -10.598 7.569   -8.015  1.00 59.78 ? 182 GLY A CA  1 
ATOM   1358 C  C   . GLY A 1 181 ? -10.266 6.196   -8.591  1.00 56.35 ? 182 GLY A C   1 
ATOM   1359 O  O   . GLY A 1 181 ? -9.207  6.029   -9.191  1.00 55.44 ? 182 GLY A O   1 
ATOM   1360 N  N   . GLU A 1 182 ? -11.183 5.238   -8.489  1.00 52.59 ? 183 GLU A N   1 
ATOM   1361 C  CA  . GLU A 1 182 ? -10.954 3.875   -8.978  1.00 51.06 ? 183 GLU A CA  1 
ATOM   1362 C  C   . GLU A 1 182 ? -10.718 3.717   -10.491 1.00 49.54 ? 183 GLU A C   1 
ATOM   1363 O  O   . GLU A 1 182 ? -9.796  3.017   -10.920 1.00 46.89 ? 183 GLU A O   1 
ATOM   1364 C  CB  . GLU A 1 182 ? -12.092 2.966   -8.521  1.00 51.83 ? 183 GLU A CB  1 
ATOM   1365 C  CG  . GLU A 1 182 ? -11.868 1.502   -8.821  1.00 55.51 ? 183 GLU A CG  1 
ATOM   1366 C  CD  . GLU A 1 182 ? -12.891 0.606   -8.155  1.00 58.08 ? 183 GLU A CD  1 
ATOM   1367 O  OE1 . GLU A 1 182 ? -13.984 1.100   -7.794  1.00 60.10 ? 183 GLU A OE1 1 
ATOM   1368 O  OE2 . GLU A 1 182 ? -12.594 -0.600  -7.990  1.00 58.55 ? 183 GLU A OE2 1 
ATOM   1369 N  N   . GLN A 1 183 ? -11.566 4.345   -11.300 1.00 49.10 ? 184 GLN A N   1 
ATOM   1370 C  CA  . GLN A 1 183 ? -11.432 4.279   -12.757 1.00 46.31 ? 184 GLN A CA  1 
ATOM   1371 C  C   . GLN A 1 183 ? -10.077 4.820   -13.216 1.00 42.52 ? 184 GLN A C   1 
ATOM   1372 O  O   . GLN A 1 183 ? -9.305  4.124   -13.866 1.00 42.89 ? 184 GLN A O   1 
ATOM   1373 C  CB  . GLN A 1 183 ? -12.546 5.075   -13.436 1.00 49.63 ? 184 GLN A CB  1 
ATOM   1374 C  CG  . GLN A 1 183 ? -13.513 4.229   -14.250 1.00 53.36 ? 184 GLN A CG  1 
ATOM   1375 C  CD  . GLN A 1 183 ? -13.846 4.863   -15.585 1.00 55.91 ? 184 GLN A CD  1 
ATOM   1376 O  OE1 . GLN A 1 183 ? -14.453 5.941   -15.638 1.00 56.92 ? 184 GLN A OE1 1 
ATOM   1377 N  NE2 . GLN A 1 183 ? -13.447 4.216   -16.668 1.00 57.00 ? 184 GLN A NE2 1 
ATOM   1378 N  N   . ALA A 1 184 ? -9.789  6.066   -12.862 1.00 39.41 ? 185 ALA A N   1 
ATOM   1379 C  CA  . ALA A 1 184 ? -8.521  6.694   -13.223 1.00 36.43 ? 185 ALA A CA  1 
ATOM   1380 C  C   . ALA A 1 184 ? -7.335  5.792   -12.881 1.00 35.18 ? 185 ALA A C   1 
ATOM   1381 O  O   . ALA A 1 184 ? -6.371  5.706   -13.642 1.00 35.32 ? 185 ALA A O   1 
ATOM   1382 C  CB  . ALA A 1 184 ? -8.382  8.034   -12.519 1.00 34.87 ? 185 ALA A CB  1 
ATOM   1383 N  N   . PHE A 1 185 ? -7.415  5.120   -11.737 1.00 33.30 ? 186 PHE A N   1 
ATOM   1384 C  CA  . PHE A 1 185 ? -6.355  4.226   -11.296 1.00 31.11 ? 186 PHE A CA  1 
ATOM   1385 C  C   . PHE A 1 185 ? -6.215  3.022   -12.222 1.00 32.36 ? 186 PHE A C   1 
ATOM   1386 O  O   . PHE A 1 185 ? -5.144  2.793   -12.781 1.00 33.61 ? 186 PHE A O   1 
ATOM   1387 C  CB  . PHE A 1 185 ? -6.611  3.762   -9.856  1.00 28.50 ? 186 PHE A CB  1 
ATOM   1388 C  CG  . PHE A 1 185 ? -5.692  2.667   -9.400  1.00 23.88 ? 186 PHE A CG  1 
ATOM   1389 C  CD1 . PHE A 1 185 ? -4.371  2.945   -9.083  1.00 22.34 ? 186 PHE A CD1 1 
ATOM   1390 C  CD2 . PHE A 1 185 ? -6.132  1.351   -9.347  1.00 21.22 ? 186 PHE A CD2 1 
ATOM   1391 C  CE1 . PHE A 1 185 ? -3.498  1.927   -8.721  1.00 21.86 ? 186 PHE A CE1 1 
ATOM   1392 C  CE2 . PHE A 1 185 ? -5.267  0.329   -8.989  1.00 22.36 ? 186 PHE A CE2 1 
ATOM   1393 C  CZ  . PHE A 1 185 ? -3.944  0.617   -8.677  1.00 21.58 ? 186 PHE A CZ  1 
ATOM   1394 N  N   . LEU A 1 186 ? -7.286  2.250   -12.376 1.00 33.40 ? 187 LEU A N   1 
ATOM   1395 C  CA  . LEU A 1 186 ? -7.270  1.063   -13.237 1.00 34.81 ? 187 LEU A CA  1 
ATOM   1396 C  C   . LEU A 1 186 ? -6.816  1.414   -14.657 1.00 34.33 ? 187 LEU A C   1 
ATOM   1397 O  O   . LEU A 1 186 ? -6.094  0.657   -15.310 1.00 32.31 ? 187 LEU A O   1 
ATOM   1398 C  CB  . LEU A 1 186 ? -8.662  0.421   -13.263 1.00 35.86 ? 187 LEU A CB  1 
ATOM   1399 C  CG  . LEU A 1 186 ? -9.092  -0.192  -11.928 1.00 35.58 ? 187 LEU A CG  1 
ATOM   1400 C  CD1 . LEU A 1 186 ? -10.549 -0.649  -11.988 1.00 34.18 ? 187 LEU A CD1 1 
ATOM   1401 C  CD2 . LEU A 1 186 ? -8.160  -1.351  -11.597 1.00 33.28 ? 187 LEU A CD2 1 
ATOM   1402 N  N   . HIS A 1 187 ? -7.215  2.590   -15.111 1.00 34.14 ? 188 HIS A N   1 
ATOM   1403 C  CA  . HIS A 1 187 ? -6.829  3.052   -16.425 1.00 37.77 ? 188 HIS A CA  1 
ATOM   1404 C  C   . HIS A 1 187 ? -5.310  3.241   -16.447 1.00 37.56 ? 188 HIS A C   1 
ATOM   1405 O  O   . HIS A 1 187 ? -4.625  2.720   -17.330 1.00 38.58 ? 188 HIS A O   1 
ATOM   1406 C  CB  . HIS A 1 187 ? -7.533  4.370   -16.737 1.00 41.99 ? 188 HIS A CB  1 
ATOM   1407 C  CG  . HIS A 1 187 ? -7.537  4.719   -18.192 1.00 45.87 ? 188 HIS A CG  1 
ATOM   1408 N  ND1 . HIS A 1 187 ? -8.487  4.236   -19.067 1.00 47.08 ? 188 HIS A ND1 1 
ATOM   1409 C  CD2 . HIS A 1 187 ? -6.711  5.504   -18.925 1.00 46.11 ? 188 HIS A CD2 1 
ATOM   1410 C  CE1 . HIS A 1 187 ? -8.249  4.709   -20.279 1.00 47.80 ? 188 HIS A CE1 1 
ATOM   1411 N  NE2 . HIS A 1 187 ? -7.177  5.480   -20.218 1.00 47.94 ? 188 HIS A NE2 1 
ATOM   1412 N  N   . GLY A 1 188 ? -4.788  3.988   -15.475 1.00 36.05 ? 189 GLY A N   1 
ATOM   1413 C  CA  . GLY A 1 188 ? -3.354  4.220   -15.395 1.00 31.51 ? 189 GLY A CA  1 
ATOM   1414 C  C   . GLY A 1 188 ? -2.582  2.924   -15.195 1.00 30.11 ? 189 GLY A C   1 
ATOM   1415 O  O   . GLY A 1 188 ? -1.471  2.772   -15.708 1.00 27.49 ? 189 GLY A O   1 
ATOM   1416 N  N   . LEU A 1 189 ? -3.172  1.990   -14.452 1.00 27.98 ? 190 LEU A N   1 
ATOM   1417 C  CA  . LEU A 1 189 ? -2.554  0.696   -14.191 1.00 27.68 ? 190 LEU A CA  1 
ATOM   1418 C  C   . LEU A 1 189 ? -2.326  -0.057  -15.505 1.00 28.45 ? 190 LEU A C   1 
ATOM   1419 O  O   . LEU A 1 189 ? -1.248  -0.629  -15.731 1.00 27.90 ? 190 LEU A O   1 
ATOM   1420 C  CB  . LEU A 1 189 ? -3.432  -0.134  -13.255 1.00 23.93 ? 190 LEU A CB  1 
ATOM   1421 C  CG  . LEU A 1 189 ? -2.770  -1.394  -12.708 1.00 24.89 ? 190 LEU A CG  1 
ATOM   1422 C  CD1 . LEU A 1 189 ? -1.478  -1.028  -11.992 1.00 22.94 ? 190 LEU A CD1 1 
ATOM   1423 C  CD2 . LEU A 1 189 ? -3.720  -2.108  -11.771 1.00 23.54 ? 190 LEU A CD2 1 
ATOM   1424 N  N   . GLU A 1 190 ? -3.338  -0.056  -16.371 1.00 29.57 ? 191 GLU A N   1 
ATOM   1425 C  CA  . GLU A 1 190 ? -3.225  -0.731  -17.663 1.00 30.12 ? 191 GLU A CA  1 
ATOM   1426 C  C   . GLU A 1 190 ? -2.134  -0.098  -18.505 1.00 29.20 ? 191 GLU A C   1 
ATOM   1427 O  O   . GLU A 1 190 ? -1.299  -0.805  -19.067 1.00 29.00 ? 191 GLU A O   1 
ATOM   1428 C  CB  . GLU A 1 190 ? -4.549  -0.707  -18.434 1.00 31.17 ? 191 GLU A CB  1 
ATOM   1429 C  CG  . GLU A 1 190 ? -5.576  -1.693  -17.933 1.00 31.91 ? 191 GLU A CG  1 
ATOM   1430 C  CD  . GLU A 1 190 ? -4.990  -3.069  -17.694 1.00 33.02 ? 191 GLU A CD  1 
ATOM   1431 O  OE1 . GLU A 1 190 ? -4.483  -3.697  -18.643 1.00 35.21 ? 191 GLU A OE1 1 
ATOM   1432 O  OE2 . GLU A 1 190 ? -5.036  -3.522  -16.538 1.00 34.29 ? 191 GLU A OE2 1 
ATOM   1433 N  N   . SER A 1 191 ? -2.134  1.229   -18.593 1.00 26.55 ? 192 SER A N   1 
ATOM   1434 C  CA  . SER A 1 191 ? -1.114  1.922   -19.358 1.00 27.55 ? 192 SER A CA  1 
ATOM   1435 C  C   . SER A 1 191 ? 0.291   1.592   -18.856 1.00 29.06 ? 192 SER A C   1 
ATOM   1436 O  O   . SER A 1 191 ? 1.221   1.428   -19.646 1.00 31.47 ? 192 SER A O   1 
ATOM   1437 C  CB  . SER A 1 191 ? -1.365  3.417   -19.320 1.00 26.37 ? 192 SER A CB  1 
ATOM   1438 O  OG  . SER A 1 191 ? -2.606  3.698   -19.941 1.00 28.96 ? 192 SER A OG  1 
ATOM   1439 N  N   . LEU A 1 192 ? 0.431   1.439   -17.546 1.00 30.23 ? 193 LEU A N   1 
ATOM   1440 C  CA  . LEU A 1 192 ? 1.712   1.115   -16.932 1.00 28.52 ? 193 LEU A CA  1 
ATOM   1441 C  C   . LEU A 1 192 ? 2.154   -0.295  -17.325 1.00 28.77 ? 193 LEU A C   1 
ATOM   1442 O  O   . LEU A 1 192 ? 3.284   -0.495  -17.767 1.00 25.67 ? 193 LEU A O   1 
ATOM   1443 C  CB  . LEU A 1 192 ? 1.586   1.230   -15.414 1.00 27.95 ? 193 LEU A CB  1 
ATOM   1444 C  CG  . LEU A 1 192 ? 2.854   1.303   -14.578 1.00 29.09 ? 193 LEU A CG  1 
ATOM   1445 C  CD1 . LEU A 1 192 ? 3.716   2.491   -15.004 1.00 27.07 ? 193 LEU A CD1 1 
ATOM   1446 C  CD2 . LEU A 1 192 ? 2.432   1.451   -13.132 1.00 30.49 ? 193 LEU A CD2 1 
ATOM   1447 N  N   . ILE A 1 193 ? 1.264   -1.268  -17.155 1.00 29.25 ? 194 ILE A N   1 
ATOM   1448 C  CA  . ILE A 1 193 ? 1.563   -2.656  -17.502 1.00 31.75 ? 194 ILE A CA  1 
ATOM   1449 C  C   . ILE A 1 193 ? 1.920   -2.794  -18.997 1.00 32.70 ? 194 ILE A C   1 
ATOM   1450 O  O   . ILE A 1 193 ? 2.939   -3.387  -19.365 1.00 33.45 ? 194 ILE A O   1 
ATOM   1451 C  CB  . ILE A 1 193 ? 0.367   -3.574  -17.148 1.00 32.24 ? 194 ILE A CB  1 
ATOM   1452 C  CG1 . ILE A 1 193 ? 0.122   -3.555  -15.643 1.00 33.34 ? 194 ILE A CG1 1 
ATOM   1453 C  CG2 . ILE A 1 193 ? 0.624   -5.009  -17.609 1.00 33.13 ? 194 ILE A CG2 1 
ATOM   1454 C  CD1 . ILE A 1 193 ? -0.956  -4.520  -15.194 1.00 35.37 ? 194 ILE A CD1 1 
ATOM   1455 N  N   . ARG A 1 194 ? 1.094   -2.213  -19.851 1.00 32.98 ? 195 ARG A N   1 
ATOM   1456 C  CA  . ARG A 1 194 ? 1.320   -2.261  -21.280 1.00 35.34 ? 195 ARG A CA  1 
ATOM   1457 C  C   . ARG A 1 194 ? 2.698   -1.688  -21.604 1.00 34.96 ? 195 ARG A C   1 
ATOM   1458 O  O   . ARG A 1 194 ? 3.494   -2.324  -22.300 1.00 36.37 ? 195 ARG A O   1 
ATOM   1459 C  CB  . ARG A 1 194 ? 0.219   -1.481  -22.004 1.00 38.78 ? 195 ARG A CB  1 
ATOM   1460 C  CG  . ARG A 1 194 ? 0.301   -1.528  -23.521 1.00 46.70 ? 195 ARG A CG  1 
ATOM   1461 C  CD  . ARG A 1 194 ? 0.404   -2.962  -24.046 1.00 50.47 ? 195 ARG A CD  1 
ATOM   1462 N  NE  . ARG A 1 194 ? -0.764  -3.770  -23.713 1.00 55.30 ? 195 ARG A NE  1 
ATOM   1463 C  CZ  . ARG A 1 194 ? -1.235  -4.743  -24.487 1.00 58.54 ? 195 ARG A CZ  1 
ATOM   1464 N  NH1 . ARG A 1 194 ? -0.635  -5.023  -25.643 1.00 60.18 ? 195 ARG A NH1 1 
ATOM   1465 N  NH2 . ARG A 1 194 ? -2.306  -5.436  -24.111 1.00 57.79 ? 195 ARG A NH2 1 
ATOM   1466 N  N   . GLY A 1 195 ? 2.982   -0.503  -21.072 1.00 35.18 ? 196 GLY A N   1 
ATOM   1467 C  CA  . GLY A 1 195 ? 4.268   0.136   -21.294 1.00 33.51 ? 196 GLY A CA  1 
ATOM   1468 C  C   . GLY A 1 195 ? 5.423   -0.769  -20.910 1.00 34.68 ? 196 GLY A C   1 
ATOM   1469 O  O   . GLY A 1 195 ? 6.495   -0.670  -21.488 1.00 34.12 ? 196 GLY A O   1 
ATOM   1470 N  N   . PHE A 1 196 ? 5.217   -1.639  -19.925 1.00 37.18 ? 197 PHE A N   1 
ATOM   1471 C  CA  . PHE A 1 196 ? 6.252   -2.572  -19.497 1.00 40.40 ? 197 PHE A CA  1 
ATOM   1472 C  C   . PHE A 1 196 ? 6.413   -3.663  -20.552 1.00 42.21 ? 197 PHE A C   1 
ATOM   1473 O  O   . PHE A 1 196 ? 7.533   -4.121  -20.816 1.00 39.97 ? 197 PHE A O   1 
ATOM   1474 C  CB  . PHE A 1 196 ? 5.909   -3.183  -18.135 1.00 42.64 ? 197 PHE A CB  1 
ATOM   1475 C  CG  . PHE A 1 196 ? 6.010   -2.209  -16.991 1.00 45.71 ? 197 PHE A CG  1 
ATOM   1476 C  CD1 . PHE A 1 196 ? 7.041   -1.270  -16.946 1.00 46.17 ? 197 PHE A CD1 1 
ATOM   1477 C  CD2 . PHE A 1 196 ? 5.075   -2.228  -15.957 1.00 46.33 ? 197 PHE A CD2 1 
ATOM   1478 C  CE1 . PHE A 1 196 ? 7.139   -0.365  -15.895 1.00 45.44 ? 197 PHE A CE1 1 
ATOM   1479 C  CE2 . PHE A 1 196 ? 5.170   -1.326  -14.902 1.00 46.25 ? 197 PHE A CE2 1 
ATOM   1480 C  CZ  . PHE A 1 196 ? 6.202   -0.394  -14.874 1.00 45.44 ? 197 PHE A CZ  1 
ATOM   1481 N  N   . GLU A 1 197 ? 5.298   -4.072  -21.159 1.00 44.12 ? 198 GLU A N   1 
ATOM   1482 C  CA  . GLU A 1 197 ? 5.317   -5.086  -22.217 1.00 46.11 ? 198 GLU A CA  1 
ATOM   1483 C  C   . GLU A 1 197 ? 6.198   -4.633  -23.365 1.00 45.17 ? 198 GLU A C   1 
ATOM   1484 O  O   . GLU A 1 197 ? 7.145   -5.323  -23.745 1.00 43.34 ? 198 GLU A O   1 
ATOM   1485 C  CB  . GLU A 1 197 ? 3.931   -5.306  -22.784 1.00 47.79 ? 198 GLU A CB  1 
ATOM   1486 C  CG  . GLU A 1 197 ? 3.066   -6.221  -21.991 1.00 53.21 ? 198 GLU A CG  1 
ATOM   1487 C  CD  . GLU A 1 197 ? 1.775   -6.509  -22.712 1.00 55.03 ? 198 GLU A CD  1 
ATOM   1488 O  OE1 . GLU A 1 197 ? 1.833   -6.816  -23.921 1.00 53.41 ? 198 GLU A OE1 1 
ATOM   1489 O  OE2 . GLU A 1 197 ? 0.707   -6.410  -22.071 1.00 57.55 ? 198 GLU A OE2 1 
ATOM   1490 N  N   . VAL A 1 198 ? 5.877   -3.456  -23.894 1.00 45.15 ? 199 VAL A N   1 
ATOM   1491 C  CA  . VAL A 1 198 ? 6.606   -2.885  -25.020 1.00 46.42 ? 199 VAL A CA  1 
ATOM   1492 C  C   . VAL A 1 198 ? 8.114   -2.887  -24.779 1.00 47.93 ? 199 VAL A C   1 
ATOM   1493 O  O   . VAL A 1 198 ? 8.893   -2.896  -25.726 1.00 49.33 ? 199 VAL A O   1 
ATOM   1494 C  CB  . VAL A 1 198 ? 6.117   -1.452  -25.356 1.00 46.18 ? 199 VAL A CB  1 
ATOM   1495 C  CG1 . VAL A 1 198 ? 6.782   -0.950  -26.625 1.00 46.84 ? 199 VAL A CG1 1 
ATOM   1496 C  CG2 . VAL A 1 198 ? 4.607   -1.434  -25.536 1.00 44.00 ? 199 VAL A CG2 1 
ATOM   1497 N  N   . GLN A 1 199 ? 8.516   -2.905  -23.513 1.00 48.91 ? 200 GLN A N   1 
ATOM   1498 C  CA  . GLN A 1 199 ? 9.926   -2.930  -23.146 1.00 51.23 ? 200 GLN A CA  1 
ATOM   1499 C  C   . GLN A 1 199 ? 10.478  -4.363  -23.123 1.00 52.49 ? 200 GLN A C   1 
ATOM   1500 O  O   . GLN A 1 199 ? 11.571  -4.622  -23.627 1.00 53.26 ? 200 GLN A O   1 
ATOM   1501 C  CB  . GLN A 1 199 ? 10.116  -2.262  -21.774 1.00 52.28 ? 200 GLN A CB  1 
ATOM   1502 C  CG  . GLN A 1 199 ? 11.510  -2.410  -21.147 1.00 50.62 ? 200 GLN A CG  1 
ATOM   1503 C  CD  . GLN A 1 199 ? 12.565  -1.487  -21.742 1.00 50.87 ? 200 GLN A CD  1 
ATOM   1504 O  OE1 . GLN A 1 199 ? 13.712  -1.514  -21.313 1.00 51.39 ? 200 GLN A OE1 1 
ATOM   1505 N  NE2 . GLN A 1 199 ? 12.175  -0.639  -22.692 1.00 50.74 ? 200 GLN A NE2 1 
ATOM   1506 N  N   . LEU A 1 200 ? 9.730   -5.287  -22.528 1.00 54.16 ? 201 LEU A N   1 
ATOM   1507 C  CA  . LEU A 1 200 ? 10.160  -6.680  -22.448 1.00 55.49 ? 201 LEU A CA  1 
ATOM   1508 C  C   . LEU A 1 200 ? 10.349  -7.257  -23.858 1.00 58.31 ? 201 LEU A C   1 
ATOM   1509 O  O   . LEU A 1 200 ? 11.437  -7.710  -24.210 1.00 59.66 ? 201 LEU A O   1 
ATOM   1510 C  CB  . LEU A 1 200 ? 9.128   -7.516  -21.682 1.00 52.74 ? 201 LEU A CB  1 
ATOM   1511 C  CG  . LEU A 1 200 ? 9.594   -8.668  -20.788 1.00 50.56 ? 201 LEU A CG  1 
ATOM   1512 C  CD1 . LEU A 1 200 ? 8.459   -9.654  -20.600 1.00 48.18 ? 201 LEU A CD1 1 
ATOM   1513 C  CD2 . LEU A 1 200 ? 10.775  -9.379  -21.387 1.00 52.00 ? 201 LEU A CD2 1 
ATOM   1514 N  N   . THR A 1 201 ? 9.305   -7.192  -24.680 1.00 60.87 ? 202 THR A N   1 
ATOM   1515 C  CA  . THR A 1 201 ? 9.378   -7.734  -26.032 1.00 63.93 ? 202 THR A CA  1 
ATOM   1516 C  C   . THR A 1 201 ? 10.310  -6.964  -26.968 1.00 65.82 ? 202 THR A C   1 
ATOM   1517 O  O   . THR A 1 201 ? 10.811  -7.530  -27.940 1.00 66.70 ? 202 THR A O   1 
ATOM   1518 C  CB  . THR A 1 201 ? 7.978   -7.872  -26.686 1.00 63.91 ? 202 THR A CB  1 
ATOM   1519 O  OG1 . THR A 1 201 ? 7.231   -6.664  -26.502 1.00 62.39 ? 202 THR A OG1 1 
ATOM   1520 C  CG2 . THR A 1 201 ? 7.209   -9.047  -26.078 1.00 64.47 ? 202 THR A CG2 1 
ATOM   1521 N  N   . ALA A 1 202 ? 10.563  -5.692  -26.666 1.00 66.89 ? 203 ALA A N   1 
ATOM   1522 C  CA  . ALA A 1 202 ? 11.440  -4.880  -27.503 1.00 69.51 ? 203 ALA A CA  1 
ATOM   1523 C  C   . ALA A 1 202 ? 12.891  -5.372  -27.511 1.00 71.86 ? 203 ALA A C   1 
ATOM   1524 O  O   . ALA A 1 202 ? 13.661  -5.023  -28.412 1.00 72.85 ? 203 ALA A O   1 
ATOM   1525 C  CB  . ALA A 1 202 ? 11.383  -3.432  -27.088 1.00 68.79 ? 203 ALA A CB  1 
ATOM   1526 N  N   . LEU A 1 203 ? 13.268  -6.166  -26.509 1.00 73.74 ? 204 LEU A N   1 
ATOM   1527 C  CA  . LEU A 1 203 ? 14.627  -6.715  -26.419 1.00 74.58 ? 204 LEU A CA  1 
ATOM   1528 C  C   . LEU A 1 203 ? 15.746  -5.668  -26.553 1.00 75.10 ? 204 LEU A C   1 
ATOM   1529 O  O   . LEU A 1 203 ? 15.820  -4.720  -25.765 1.00 75.01 ? 204 LEU A O   1 
ATOM   1530 C  CB  . LEU A 1 203 ? 14.818  -7.832  -27.457 1.00 73.64 ? 204 LEU A CB  1 
ATOM   1531 C  CG  . LEU A 1 203 ? 14.313  -9.241  -27.143 1.00 73.62 ? 204 LEU A CG  1 
ATOM   1532 C  CD1 . LEU A 1 203 ? 14.226  -10.044 -28.430 1.00 72.86 ? 204 LEU A CD1 1 
ATOM   1533 C  CD2 . LEU A 1 203 ? 15.233  -9.914  -26.128 1.00 73.07 ? 204 LEU A CD2 1 
ATOM   1534 N  N   . LEU A 1 204 ? 16.613  -5.852  -27.548 1.00 75.39 ? 205 LEU A N   1 
ATOM   1535 C  CA  . LEU A 1 204 ? 17.734  -4.955  -27.795 1.00 76.08 ? 205 LEU A CA  1 
ATOM   1536 C  C   . LEU A 1 204 ? 17.478  -4.059  -29.007 1.00 76.10 ? 205 LEU A C   1 
ATOM   1537 O  O   . LEU A 1 204 ? 18.348  -3.283  -29.419 1.00 76.18 ? 205 LEU A O   1 
ATOM   1538 C  CB  . LEU A 1 204 ? 19.007  -5.775  -28.016 1.00 76.81 ? 205 LEU A CB  1 
ATOM   1539 C  CG  . LEU A 1 204 ? 20.207  -5.472  -27.116 1.00 78.00 ? 205 LEU A CG  1 
ATOM   1540 C  CD1 . LEU A 1 204 ? 20.739  -4.077  -27.404 1.00 77.54 ? 205 LEU A CD1 1 
ATOM   1541 C  CD2 . LEU A 1 204 ? 19.812  -5.616  -25.650 1.00 77.66 ? 205 LEU A CD2 1 
ATOM   1542 N  N   . GLN A 1 205 ? 16.274  -4.158  -29.566 1.00 75.95 ? 206 GLN A N   1 
ATOM   1543 C  CA  . GLN A 1 205 ? 15.903  -3.377  -30.739 1.00 75.42 ? 206 GLN A CA  1 
ATOM   1544 C  C   . GLN A 1 205 ? 15.552  -1.967  -30.297 1.00 73.47 ? 206 GLN A C   1 
ATOM   1545 O  O   . GLN A 1 205 ? 15.193  -1.746  -29.142 1.00 72.64 ? 206 GLN A O   1 
ATOM   1546 C  CB  . GLN A 1 205 ? 14.691  -4.000  -31.449 1.00 77.55 ? 206 GLN A CB  1 
ATOM   1547 C  CG  . GLN A 1 205 ? 14.635  -5.538  -31.460 1.00 80.38 ? 206 GLN A CG  1 
ATOM   1548 C  CD  . GLN A 1 205 ? 15.885  -6.192  -32.039 1.00 82.20 ? 206 GLN A CD  1 
ATOM   1549 O  OE1 . GLN A 1 205 ? 16.657  -6.829  -31.315 1.00 82.82 ? 206 GLN A OE1 1 
ATOM   1550 N  NE2 . GLN A 1 205 ? 16.084  -6.044  -33.345 1.00 82.20 ? 206 GLN A NE2 1 
ATOM   1551 N  N   . ILE A 1 206 ? 15.673  -1.013  -31.210 1.00 71.90 ? 207 ILE A N   1 
ATOM   1552 C  CA  . ILE A 1 206 ? 15.337  0.363   -30.890 1.00 70.17 ? 207 ILE A CA  1 
ATOM   1553 C  C   . ILE A 1 206 ? 13.825  0.527   -30.965 1.00 69.64 ? 207 ILE A C   1 
ATOM   1554 O  O   . ILE A 1 206 ? 13.221  0.401   -32.035 1.00 68.70 ? 207 ILE A O   1 
ATOM   1555 C  CB  . ILE A 1 206 ? 16.049  1.359   -31.824 1.00 69.34 ? 207 ILE A CB  1 
ATOM   1556 C  CG1 . ILE A 1 206 ? 17.561  1.238   -31.628 1.00 68.61 ? 207 ILE A CG1 1 
ATOM   1557 C  CG2 . ILE A 1 206 ? 15.576  2.788   -31.540 1.00 68.91 ? 207 ILE A CG2 1 
ATOM   1558 C  CD1 . ILE A 1 206 ? 18.364  2.276   -32.354 1.00 69.44 ? 207 ILE A CD1 1 
ATOM   1559 N  N   . VAL A 1 207 ? 13.227  0.730   -29.800 1.00 69.44 ? 208 VAL A N   1 
ATOM   1560 C  CA  . VAL A 1 207 ? 11.790  0.905   -29.664 1.00 68.85 ? 208 VAL A CA  1 
ATOM   1561 C  C   . VAL A 1 207 ? 11.493  2.366   -29.305 1.00 68.80 ? 208 VAL A C   1 
ATOM   1562 O  O   . VAL A 1 207 ? 10.582  2.962   -29.919 1.00 69.27 ? 208 VAL A O   1 
ATOM   1563 C  CB  . VAL A 1 207 ? 11.218  -0.075  -28.591 1.00 68.05 ? 208 VAL A CB  1 
ATOM   1564 C  CG1 . VAL A 1 207 ? 11.899  0.133   -27.238 1.00 66.76 ? 208 VAL A CG1 1 
ATOM   1565 C  CG2 . VAL A 1 207 ? 9.718   0.074   -28.477 1.00 67.86 ? 208 VAL A CG2 1 
ATOM   1566 O  OXT . VAL A 1 207 ? 12.223  2.925   -28.460 1.00 67.46 ? 208 VAL A OXT 1 
HETATM 1567 MG MG  . MG  B 2 .   ? 6.408   -0.279  0.559   1.00 35.36 ? 223 MG  A MG  1 
HETATM 1568 C  C1  . ATC C 3 .   ? 5.226   -5.311  -0.940  1.00 38.44 ? 222 ATC A C1  1 
HETATM 1569 O  O1  . ATC C 3 .   ? 5.758   -5.336  0.203   1.00 39.65 ? 222 ATC A O1  1 
HETATM 1570 C  C2  . ATC C 3 .   ? 4.311   -6.260  -1.392  1.00 37.69 ? 222 ATC A C2  1 
HETATM 1571 C  C21 . ATC C 3 .   ? 3.887   -7.329  -0.592  1.00 38.20 ? 222 ATC A C21 1 
HETATM 1572 O  O21 . ATC C 3 .   ? 3.005   -8.126  -0.999  1.00 39.66 ? 222 ATC A O21 1 
HETATM 1573 N  N21 . ATC C 3 .   ? 4.364   -7.562  0.673   1.00 38.94 ? 222 ATC A N21 1 
HETATM 1574 C  C3  . ATC C 3 .   ? 3.873   -6.084  -2.698  1.00 35.40 ? 222 ATC A C3  1 
HETATM 1575 O  O3  . ATC C 3 .   ? 2.663   -6.627  -3.143  1.00 34.17 ? 222 ATC A O3  1 
HETATM 1576 C  C4  . ATC C 3 .   ? 4.737   -5.414  -3.761  1.00 35.42 ? 222 ATC A C4  1 
HETATM 1577 N  N4  . ATC C 3 .   ? 3.755   -4.888  -4.833  1.00 33.47 ? 222 ATC A N4  1 
HETATM 1578 C  C42 . ATC C 3 .   ? 4.536   -4.329  -6.073  1.00 33.49 ? 222 ATC A C42 1 
HETATM 1579 C  C43 . ATC C 3 .   ? 2.680   -3.905  -4.303  1.00 32.16 ? 222 ATC A C43 1 
HETATM 1580 C  C41 . ATC C 3 .   ? 5.678   -4.318  -3.178  1.00 37.32 ? 222 ATC A C41 1 
HETATM 1581 C  C5  . ATC C 3 .   ? 7.121   -4.758  -3.206  1.00 37.27 ? 222 ATC A C5  1 
HETATM 1582 C  C51 . ATC C 3 .   ? 8.133   -3.695  -2.856  1.00 40.94 ? 222 ATC A C51 1 
HETATM 1583 C  C6  . ATC C 3 .   ? 9.574   -4.192  -2.615  1.00 42.97 ? 222 ATC A C6  1 
HETATM 1584 C  C61 . ATC C 3 .   ? 10.496  -3.022  -2.189  1.00 44.64 ? 222 ATC A C61 1 
HETATM 1585 C  C7  . ATC C 3 .   ? 11.836  -3.086  -2.566  1.00 44.48 ? 222 ATC A C7  1 
HETATM 1586 C  C8  . ATC C 3 .   ? 12.717  -2.087  -2.147  1.00 47.77 ? 222 ATC A C8  1 
HETATM 1587 C  C9  . ATC C 3 .   ? 12.277  -1.020  -1.346  1.00 48.83 ? 222 ATC A C9  1 
HETATM 1588 C  C10 . ATC C 3 .   ? 10.917  -0.954  -0.978  1.00 45.96 ? 222 ATC A C10 1 
HETATM 1589 O  O10 . ATC C 3 .   ? 10.466  0.146   -0.202  1.00 46.27 ? 222 ATC A O10 1 
HETATM 1590 C  C1A . ATC C 3 .   ? 10.008  -1.956  -1.400  1.00 44.34 ? 222 ATC A C1A 1 
HETATM 1591 C  C11 . ATC C 3 .   ? 8.666   -1.984  -0.994  1.00 42.76 ? 222 ATC A C11 1 
HETATM 1592 O  O11 . ATC C 3 .   ? 8.292   -1.128  -0.199  1.00 42.91 ? 222 ATC A O11 1 
HETATM 1593 C  C1B . ATC C 3 .   ? 7.710   -2.874  -1.574  1.00 41.46 ? 222 ATC A C1B 1 
HETATM 1594 C  C12 . ATC C 3 .   ? 6.382   -3.006  -1.128  1.00 39.80 ? 222 ATC A C12 1 
HETATM 1595 O  O12 . ATC C 3 .   ? 5.830   -2.150  -0.091  1.00 38.22 ? 222 ATC A O12 1 
HETATM 1596 C  C1C . ATC C 3 .   ? 5.348   -3.982  -1.718  1.00 38.12 ? 222 ATC A C1C 1 
HETATM 1597 O  O1C . ATC C 3 .   ? 4.093   -3.294  -1.709  1.00 34.66 ? 222 ATC A O1C 1 
HETATM 1598 N  N9  . ATC C 3 .   ? 13.206  -0.122  -0.881  1.00 52.13 ? 222 ATC A N9  1 
HETATM 1599 C  C91 . ATC C 3 .   ? 13.393  1.097   -1.387  1.00 55.35 ? 222 ATC A C91 1 
HETATM 1600 O  O91 . ATC C 3 .   ? 13.025  1.383   -2.534  1.00 57.87 ? 222 ATC A O91 1 
HETATM 1601 C  C92 . ATC C 3 .   ? 14.022  2.238   -0.597  1.00 56.68 ? 222 ATC A C92 1 
HETATM 1602 N  N92 . ATC C 3 .   ? 13.155  3.571   -0.774  1.00 60.01 ? 222 ATC A N92 1 
HETATM 1603 C  C93 . ATC C 3 .   ? 13.347  4.340   -2.166  1.00 58.69 ? 222 ATC A C93 1 
HETATM 1604 C  C94 . ATC C 3 .   ? 11.640  3.354   -0.319  1.00 57.78 ? 222 ATC A C94 1 
HETATM 1605 O  O   . HOH D 4 .   ? 6.954   -1.254  1.890   1.00 42.28 ? 301 HOH A O   1 
HETATM 1606 O  O   . HOH D 4 .   ? 7.002   1.245   1.241   1.00 35.82 ? 302 HOH A O   1 
HETATM 1607 O  O   . HOH D 4 .   ? 6.950   -3.760  2.566   1.00 24.14 ? 303 HOH A O   1 
HETATM 1608 O  O   . HOH D 4 .   ? 6.160   0.106   -1.133  1.00 44.14 ? 304 HOH A O   1 
HETATM 1609 O  O   . HOH D 4 .   ? 9.918   5.192   -9.201  1.00 21.36 ? 305 HOH A O   1 
HETATM 1610 O  O   . HOH D 4 .   ? -7.073  7.787   -8.847  1.00 31.49 ? 306 HOH A O   1 
HETATM 1611 O  O   . HOH D 4 .   ? -6.658  -1.885  -14.859 1.00 44.68 ? 307 HOH A O   1 
HETATM 1612 O  O   . HOH D 4 .   ? -0.971  0.411   5.108   1.00 50.68 ? 308 HOH A O   1 
HETATM 1613 O  O   . HOH D 4 .   ? -9.075  -7.599  29.026  1.00 43.06 ? 309 HOH A O   1 
HETATM 1614 O  O   . HOH D 4 .   ? -2.477  -8.216  -19.923 1.00 27.34 ? 310 HOH A O   1 
HETATM 1615 O  O   . HOH D 4 .   ? -1.851  0.100   33.459  1.00 40.38 ? 311 HOH A O   1 
HETATM 1616 O  O   . HOH D 4 .   ? 1.336   -1.133  4.645   1.00 63.20 ? 312 HOH A O   1 
HETATM 1617 O  O   . HOH D 4 .   ? 4.265   -3.374  4.995   1.00 37.48 ? 313 HOH A O   1 
HETATM 1618 O  O   . HOH D 4 .   ? 10.732  2.505   -3.481  1.00 50.10 ? 314 HOH A O   1 
HETATM 1619 O  O   . HOH D 4 .   ? -11.095 8.509   -10.789 1.00 44.62 ? 315 HOH A O   1 
HETATM 1620 O  O   . HOH D 4 .   ? 8.829   0.241   -3.627  1.00 53.04 ? 316 HOH A O   1 
HETATM 1621 O  O   . HOH D 4 .   ? -13.389 8.331   -12.638 1.00 56.71 ? 317 HOH A O   1 
HETATM 1622 O  O   . HOH D 4 .   ? -2.947  8.308   3.442   1.00 42.64 ? 318 HOH A O   1 
HETATM 1623 O  O   . HOH D 4 .   ? 14.501  -7.369  -18.480 1.00 51.17 ? 319 HOH A O   1 
HETATM 1624 O  O   . HOH D 4 .   ? 10.679  2.640   8.017   1.00 54.44 ? 320 HOH A O   1 
HETATM 1625 O  O   . HOH D 4 .   ? -6.763  -8.796  -12.961 1.00 74.18 ? 321 HOH A O   1 
HETATM 1626 O  O   . HOH D 4 .   ? -15.255 6.120   -13.016 1.00 69.64 ? 322 HOH A O   1 
HETATM 1627 O  O   . HOH D 4 .   ? -1.935  -6.204  -21.257 1.00 41.94 ? 323 HOH A O   1 
HETATM 1628 O  O   . HOH D 4 .   ? -11.633 24.037  3.507   1.00 53.07 ? 324 HOH A O   1 
HETATM 1629 O  O   . HOH D 4 .   ? 9.929   2.290   -10.728 1.00 70.08 ? 325 HOH A O   1 
HETATM 1630 O  O   . HOH D 4 .   ? 16.911  -16.349 -5.294  1.00 70.85 ? 326 HOH A O   1 
HETATM 1631 O  O   . HOH D 4 .   ? -18.646 25.819  -10.928 1.00 72.30 ? 327 HOH A O   1 
# 
